data_4N83
#
_entry.id   4N83
#
_cell.length_a   117.657
_cell.length_b   80.224
_cell.length_c   166.374
_cell.angle_alpha   90.000
_cell.angle_beta   105.910
_cell.angle_gamma   90.000
#
_symmetry.space_group_name_H-M   'P 1 21 1'
#
loop_
_entity.id
_entity.type
_entity.pdbx_description
1 polymer 'Ribonucleoside-diphosphate reductase subunit beta'
2 non-polymer 'MANGANESE (II) ION'
3 water water
#
_entity_poly.entity_id   1
_entity_poly.type   'polypeptide(L)'
_entity_poly.pdbx_seq_one_letter_code
;MQTYYKAINWNAIEDVIDKSTWEKLTEQFWLDTRIPLSNDLDDWRKLSHKEKDLVGKVFGGLTLLDTLQSESGVDALRKD
VRTAHEEAVFNNIQFMESVHAKSYSSIFSTLNTKSEIDEIFAWTNTNPYLQKKAEIINEIYLNGTALEKKIASVFLETFL
FYSGFFTPLYYLGNNKLANVAEIIKLIIRDESVHGTYIGYKFQLAFNELPEDEQEKLKEWMYDLLYTLYENEEGYTESLY
DTVGWTEEVKTFLRYNANKALMNLGQDPLFPDSADDVNPIVMNGISTGTSNHDFFSQVGNGYLLGEVEAMQDDDYNYGL
;
_entity_poly.pdbx_strand_id   A,B,C,D,E,F,G,H
#
loop_
_chem_comp.id
_chem_comp.type
_chem_comp.name
_chem_comp.formula
MN non-polymer 'MANGANESE (II) ION' 'Mn 2'
#
# COMPACT_ATOMS: atom_id res chain seq x y z
N THR A 3 -30.18 -44.30 -27.28
CA THR A 3 -29.73 -45.66 -27.73
C THR A 3 -28.49 -45.58 -28.62
N TYR A 4 -28.54 -44.71 -29.64
CA TYR A 4 -27.44 -44.57 -30.59
C TYR A 4 -26.30 -43.69 -30.08
N TYR A 5 -26.64 -42.48 -29.64
CA TYR A 5 -25.65 -41.52 -29.14
C TYR A 5 -26.05 -41.01 -27.76
N LYS A 6 -25.13 -40.28 -27.11
CA LYS A 6 -25.32 -39.81 -25.74
C LYS A 6 -25.10 -38.31 -25.63
N ALA A 7 -26.04 -37.60 -25.02
CA ALA A 7 -25.91 -36.17 -24.78
C ALA A 7 -25.04 -35.94 -23.56
N ILE A 8 -24.00 -35.12 -23.71
CA ILE A 8 -23.07 -34.82 -22.61
C ILE A 8 -23.77 -33.98 -21.53
N ASN A 9 -23.70 -34.47 -20.29
CA ASN A 9 -24.32 -33.81 -19.15
C ASN A 9 -23.24 -33.42 -18.13
N TRP A 10 -23.07 -32.12 -17.92
CA TRP A 10 -22.07 -31.61 -16.98
C TRP A 10 -22.57 -31.58 -15.52
N ASN A 11 -23.84 -31.93 -15.32
CA ASN A 11 -24.37 -32.21 -13.98
C ASN A 11 -24.26 -33.69 -13.62
N ALA A 12 -23.72 -34.48 -14.54
CA ALA A 12 -23.43 -35.89 -14.31
C ALA A 12 -21.95 -36.14 -14.57
N ILE A 13 -21.10 -35.57 -13.71
CA ILE A 13 -19.65 -35.67 -13.86
C ILE A 13 -19.15 -37.01 -13.31
N GLU A 14 -18.36 -37.71 -14.12
CA GLU A 14 -17.80 -39.00 -13.73
C GLU A 14 -16.50 -38.79 -12.95
N ASP A 15 -15.59 -37.99 -13.52
CA ASP A 15 -14.31 -37.68 -12.88
C ASP A 15 -14.25 -36.18 -12.57
N VAL A 16 -14.13 -35.86 -11.28
CA VAL A 16 -14.15 -34.47 -10.80
C VAL A 16 -13.03 -33.57 -11.33
N ILE A 17 -11.93 -34.16 -11.80
CA ILE A 17 -10.82 -33.38 -12.36
C ILE A 17 -11.14 -32.88 -13.78
N ASP A 18 -12.12 -33.47 -14.43
CA ASP A 18 -12.61 -32.96 -15.71
C ASP A 18 -13.18 -31.56 -15.53
N LYS A 19 -14.02 -31.40 -14.51
CA LYS A 19 -14.55 -30.09 -14.09
C LYS A 19 -13.44 -29.06 -13.98
N SER A 20 -12.48 -29.32 -13.10
CA SER A 20 -11.45 -28.36 -12.75
C SER A 20 -10.49 -28.05 -13.90
N THR A 21 -10.15 -29.07 -14.69
CA THR A 21 -9.22 -28.90 -15.81
C THR A 21 -9.85 -28.06 -16.93
N TRP A 22 -11.15 -28.27 -17.17
CA TRP A 22 -11.89 -27.44 -18.11
C TRP A 22 -11.94 -26.00 -17.60
N GLU A 23 -12.33 -25.82 -16.35
CA GLU A 23 -12.39 -24.49 -15.72
C GLU A 23 -11.08 -23.74 -15.88
N LYS A 24 -9.99 -24.36 -15.41
CA LYS A 24 -8.67 -23.73 -15.41
C LYS A 24 -8.21 -23.32 -16.80
N LEU A 25 -8.34 -24.23 -17.77
CA LEU A 25 -7.87 -23.98 -19.12
C LEU A 25 -8.71 -22.92 -19.85
N THR A 26 -10.03 -22.98 -19.68
CA THR A 26 -10.92 -21.97 -20.27
C THR A 26 -10.69 -20.60 -19.64
N GLU A 27 -10.45 -20.57 -18.33
CA GLU A 27 -10.06 -19.33 -17.64
C GLU A 27 -8.67 -18.87 -18.10
N GLN A 28 -7.83 -19.81 -18.52
CA GLN A 28 -6.51 -19.50 -19.06
C GLN A 28 -6.52 -19.31 -20.59
N PHE A 29 -7.62 -18.78 -21.13
CA PHE A 29 -7.74 -18.47 -22.56
C PHE A 29 -6.97 -17.18 -22.87
N TRP A 30 -6.31 -17.14 -24.03
CA TRP A 30 -5.58 -15.95 -24.46
C TRP A 30 -5.32 -15.90 -25.97
N LEU A 31 -4.95 -14.71 -26.44
CA LEU A 31 -4.63 -14.50 -27.85
C LEU A 31 -3.38 -13.63 -28.02
N ASP A 32 -2.62 -13.91 -29.08
CA ASP A 32 -1.41 -13.15 -29.40
C ASP A 32 -1.68 -11.71 -29.84
N THR A 33 -2.89 -11.45 -30.32
CA THR A 33 -3.28 -10.12 -30.80
C THR A 33 -3.43 -9.08 -29.69
N ARG A 34 -3.56 -9.52 -28.44
CA ARG A 34 -3.66 -8.61 -27.29
C ARG A 34 -2.30 -8.01 -26.92
N ILE A 35 -1.27 -8.85 -26.93
CA ILE A 35 0.07 -8.46 -26.48
C ILE A 35 0.73 -7.47 -27.47
N PRO A 36 1.23 -6.33 -26.97
CA PRO A 36 1.91 -5.35 -27.82
C PRO A 36 3.39 -5.71 -28.05
N LEU A 37 3.68 -6.31 -29.19
CA LEU A 37 5.05 -6.77 -29.50
C LEU A 37 5.95 -5.66 -30.03
N SER A 38 5.35 -4.57 -30.51
CA SER A 38 6.10 -3.45 -31.09
C SER A 38 6.94 -2.69 -30.06
N ASN A 39 6.58 -2.80 -28.78
CA ASN A 39 7.33 -2.16 -27.70
C ASN A 39 8.66 -2.85 -27.38
N ASP A 40 8.86 -4.06 -27.90
CA ASP A 40 10.10 -4.82 -27.72
C ASP A 40 11.09 -4.65 -28.88
N LEU A 41 10.75 -3.81 -29.85
CA LEU A 41 11.66 -3.50 -30.95
C LEU A 41 12.84 -2.64 -30.50
N ASP A 42 12.69 -1.98 -29.34
CA ASP A 42 13.77 -1.17 -28.77
C ASP A 42 14.90 -2.06 -28.21
N ASP A 43 14.52 -3.15 -27.55
CA ASP A 43 15.49 -4.09 -26.96
C ASP A 43 15.89 -5.22 -27.91
N TRP A 44 15.02 -5.52 -28.88
CA TRP A 44 15.31 -6.54 -29.90
C TRP A 44 16.46 -6.11 -30.81
N ARG A 45 16.44 -4.85 -31.24
CA ARG A 45 17.47 -4.31 -32.13
C ARG A 45 18.82 -4.09 -31.41
N LYS A 46 18.81 -4.13 -30.08
CA LYS A 46 20.05 -4.10 -29.30
C LYS A 46 20.59 -5.53 -29.07
N LEU A 47 20.81 -6.26 -30.15
CA LEU A 47 21.34 -7.61 -30.11
C LEU A 47 22.23 -7.86 -31.33
N SER A 48 23.24 -8.72 -31.16
CA SER A 48 24.16 -9.06 -32.24
C SER A 48 23.55 -10.11 -33.17
N HIS A 49 24.27 -10.42 -34.26
CA HIS A 49 23.85 -11.48 -35.19
C HIS A 49 23.91 -12.86 -34.53
N LYS A 50 24.80 -13.02 -33.55
CA LYS A 50 24.93 -14.28 -32.82
C LYS A 50 23.67 -14.56 -31.98
N GLU A 51 23.18 -13.52 -31.32
CA GLU A 51 22.00 -13.63 -30.45
C GLU A 51 20.69 -13.57 -31.21
N LYS A 52 20.61 -12.71 -32.23
CA LYS A 52 19.40 -12.58 -33.06
C LYS A 52 19.07 -13.87 -33.83
N ASP A 53 20.10 -14.53 -34.35
CA ASP A 53 19.91 -15.74 -35.15
C ASP A 53 19.46 -16.92 -34.29
N LEU A 54 19.84 -16.93 -33.02
CA LEU A 54 19.43 -17.99 -32.09
C LEU A 54 17.94 -17.93 -31.75
N VAL A 55 17.39 -16.72 -31.69
CA VAL A 55 15.99 -16.51 -31.30
C VAL A 55 15.01 -17.10 -32.33
N GLY A 56 15.26 -16.84 -33.60
CA GLY A 56 14.40 -17.35 -34.68
C GLY A 56 14.44 -18.86 -34.82
N LYS A 57 15.63 -19.44 -34.65
CA LYS A 57 15.82 -20.89 -34.70
C LYS A 57 15.13 -21.61 -33.54
N VAL A 58 15.03 -20.92 -32.40
CA VAL A 58 14.39 -21.47 -31.21
C VAL A 58 12.88 -21.52 -31.37
N PHE A 59 12.26 -20.37 -31.64
CA PHE A 59 10.81 -20.29 -31.79
C PHE A 59 10.34 -21.12 -32.98
N GLY A 60 11.04 -20.99 -34.10
CA GLY A 60 10.73 -21.76 -35.30
C GLY A 60 10.78 -23.26 -35.09
N GLY A 61 11.73 -23.71 -34.28
CA GLY A 61 11.85 -25.13 -33.95
C GLY A 61 10.69 -25.62 -33.09
N LEU A 62 10.26 -24.78 -32.16
CA LEU A 62 9.11 -25.08 -31.31
C LEU A 62 7.80 -24.97 -32.11
N THR A 63 7.75 -24.05 -33.06
CA THR A 63 6.60 -23.90 -33.95
C THR A 63 6.26 -25.20 -34.67
N LEU A 64 7.29 -25.96 -35.03
CA LEU A 64 7.13 -27.27 -35.65
C LEU A 64 6.40 -28.24 -34.73
N LEU A 65 6.70 -28.17 -33.43
CA LEU A 65 6.14 -29.09 -32.45
C LEU A 65 4.78 -28.67 -31.89
N ASP A 66 4.47 -27.37 -31.93
CA ASP A 66 3.13 -26.89 -31.61
C ASP A 66 2.18 -27.13 -32.79
N THR A 67 2.73 -27.19 -34.00
CA THR A 67 1.97 -27.60 -35.19
C THR A 67 1.69 -29.10 -35.14
N LEU A 68 2.71 -29.87 -34.74
CA LEU A 68 2.58 -31.31 -34.57
C LEU A 68 1.47 -31.68 -33.59
N GLN A 69 1.38 -30.93 -32.50
CA GLN A 69 0.39 -31.20 -31.45
C GLN A 69 -1.04 -30.83 -31.88
N SER A 70 -1.20 -29.66 -32.49
CA SER A 70 -2.53 -29.16 -32.86
C SER A 70 -3.22 -30.03 -33.92
N GLU A 71 -2.46 -30.51 -34.90
CA GLU A 71 -3.02 -31.22 -36.04
C GLU A 71 -3.25 -32.71 -35.75
N SER A 72 -2.20 -33.41 -35.32
CA SER A 72 -2.26 -34.87 -35.11
C SER A 72 -2.07 -35.32 -33.66
N GLY A 73 -1.38 -34.52 -32.85
CA GLY A 73 -1.03 -34.91 -31.48
C GLY A 73 -2.22 -35.12 -30.56
N VAL A 74 -3.07 -34.11 -30.45
CA VAL A 74 -4.26 -34.19 -29.59
C VAL A 74 -5.33 -35.05 -30.26
N ASP A 75 -5.32 -35.09 -31.59
CA ASP A 75 -6.20 -35.97 -32.37
C ASP A 75 -6.02 -37.43 -31.95
N ALA A 76 -4.77 -37.85 -31.79
CA ALA A 76 -4.44 -39.20 -31.33
C ALA A 76 -4.91 -39.44 -29.90
N LEU A 77 -4.66 -38.46 -29.03
CA LEU A 77 -5.04 -38.55 -27.61
C LEU A 77 -6.55 -38.60 -27.40
N ARG A 78 -7.30 -37.99 -28.31
CA ARG A 78 -8.77 -37.93 -28.19
C ARG A 78 -9.44 -39.30 -28.32
N LYS A 79 -8.95 -40.13 -29.22
CA LYS A 79 -9.57 -41.44 -29.49
C LYS A 79 -9.47 -42.41 -28.32
N ASP A 80 -8.60 -42.13 -27.35
CA ASP A 80 -8.43 -42.96 -26.16
C ASP A 80 -9.01 -42.25 -24.94
N VAL A 81 -10.27 -41.86 -25.06
CA VAL A 81 -10.96 -41.07 -24.03
C VAL A 81 -11.67 -41.97 -23.02
N ARG A 82 -11.71 -41.53 -21.76
CA ARG A 82 -12.39 -42.25 -20.69
C ARG A 82 -13.80 -41.70 -20.49
N THR A 83 -13.87 -40.40 -20.22
CA THR A 83 -15.15 -39.72 -19.98
C THR A 83 -15.47 -38.79 -21.14
N ALA A 84 -16.75 -38.51 -21.34
CA ALA A 84 -17.18 -37.58 -22.40
C ALA A 84 -16.57 -36.20 -22.23
N HIS A 85 -16.41 -35.79 -20.97
CA HIS A 85 -15.90 -34.47 -20.64
C HIS A 85 -14.42 -34.33 -21.00
N GLU A 86 -13.69 -35.44 -20.89
CA GLU A 86 -12.28 -35.49 -21.28
C GLU A 86 -12.08 -35.14 -22.75
N GLU A 87 -12.99 -35.60 -23.61
CA GLU A 87 -12.93 -35.27 -25.04
C GLU A 87 -13.13 -33.78 -25.25
N ALA A 88 -14.06 -33.18 -24.49
CA ALA A 88 -14.28 -31.74 -24.53
C ALA A 88 -13.02 -30.98 -24.09
N VAL A 89 -12.40 -31.44 -22.99
CA VAL A 89 -11.15 -30.84 -22.52
C VAL A 89 -10.09 -30.90 -23.62
N PHE A 90 -10.02 -32.02 -24.33
CA PHE A 90 -9.05 -32.19 -25.42
C PHE A 90 -9.34 -31.31 -26.63
N ASN A 91 -10.62 -30.97 -26.85
CA ASN A 91 -10.98 -30.00 -27.89
C ASN A 91 -10.43 -28.63 -27.53
N ASN A 92 -10.59 -28.25 -26.26
CA ASN A 92 -9.98 -27.03 -25.72
C ASN A 92 -8.45 -27.08 -25.79
N ILE A 93 -7.87 -28.23 -25.43
CA ILE A 93 -6.42 -28.41 -25.49
C ILE A 93 -5.92 -28.22 -26.92
N GLN A 94 -6.58 -28.90 -27.87
CA GLN A 94 -6.15 -28.86 -29.27
C GLN A 94 -6.23 -27.47 -29.88
N PHE A 95 -7.27 -26.71 -29.52
CA PHE A 95 -7.40 -25.32 -29.97
C PHE A 95 -6.26 -24.46 -29.44
N MET A 96 -5.95 -24.58 -28.16
CA MET A 96 -4.86 -23.81 -27.55
C MET A 96 -3.50 -24.17 -28.13
N GLU A 97 -3.34 -25.42 -28.57
CA GLU A 97 -2.11 -25.85 -29.25
C GLU A 97 -1.93 -25.12 -30.58
N SER A 98 -3.04 -24.81 -31.25
CA SER A 98 -3.01 -24.00 -32.48
C SER A 98 -2.69 -22.53 -32.19
N VAL A 99 -3.17 -22.03 -31.06
CA VAL A 99 -2.85 -20.66 -30.62
C VAL A 99 -1.36 -20.54 -30.33
N HIS A 100 -0.80 -21.58 -29.71
CA HIS A 100 0.65 -21.63 -29.45
C HIS A 100 1.43 -21.61 -30.76
N ALA A 101 0.95 -22.38 -31.75
CA ALA A 101 1.60 -22.43 -33.05
C ALA A 101 1.54 -21.09 -33.78
N LYS A 102 0.39 -20.41 -33.68
CA LYS A 102 0.21 -19.10 -34.31
C LYS A 102 1.04 -18.01 -33.63
N SER A 103 1.05 -18.01 -32.31
CA SER A 103 1.73 -16.97 -31.52
C SER A 103 3.16 -16.68 -31.98
N TYR A 104 3.87 -17.71 -32.43
CA TYR A 104 5.23 -17.56 -32.94
C TYR A 104 5.27 -16.68 -34.19
N SER A 105 4.28 -16.84 -35.07
CA SER A 105 4.19 -16.04 -36.30
C SER A 105 4.03 -14.55 -36.02
N SER A 106 3.33 -14.22 -34.93
CA SER A 106 3.17 -12.82 -34.50
C SER A 106 4.48 -12.23 -33.98
N ILE A 107 5.30 -13.06 -33.36
CA ILE A 107 6.63 -12.65 -32.89
C ILE A 107 7.52 -12.33 -34.09
N PHE A 108 7.49 -13.22 -35.09
CA PHE A 108 8.31 -13.04 -36.29
C PHE A 108 7.90 -11.81 -37.10
N SER A 109 6.59 -11.56 -37.16
CA SER A 109 6.06 -10.44 -37.95
C SER A 109 6.56 -9.09 -37.47
N THR A 110 6.56 -8.88 -36.15
CA THR A 110 6.99 -7.62 -35.56
C THR A 110 8.51 -7.47 -35.62
N LEU A 111 9.22 -8.46 -35.10
CA LEU A 111 10.69 -8.42 -35.01
C LEU A 111 11.35 -8.50 -36.38
N ASN A 112 11.01 -9.54 -37.14
CA ASN A 112 11.71 -9.85 -38.40
C ASN A 112 10.99 -9.34 -39.65
N THR A 113 11.70 -9.39 -40.77
CA THR A 113 11.17 -8.95 -42.06
C THR A 113 10.64 -10.12 -42.89
N LYS A 114 9.95 -9.81 -43.98
CA LYS A 114 9.30 -10.81 -44.85
C LYS A 114 10.23 -11.96 -45.23
N SER A 115 11.39 -11.64 -45.78
CA SER A 115 12.35 -12.64 -46.25
C SER A 115 13.09 -13.33 -45.11
N GLU A 116 13.28 -12.63 -44.00
CA GLU A 116 13.89 -13.23 -42.80
C GLU A 116 13.01 -14.35 -42.23
N ILE A 117 11.70 -14.21 -42.37
CA ILE A 117 10.75 -15.22 -41.90
C ILE A 117 10.81 -16.45 -42.79
N ASP A 118 10.90 -16.23 -44.11
CA ASP A 118 11.08 -17.32 -45.07
C ASP A 118 12.35 -18.13 -44.77
N GLU A 119 13.41 -17.43 -44.37
CA GLU A 119 14.68 -18.06 -44.03
C GLU A 119 14.58 -18.96 -42.79
N ILE A 120 13.83 -18.51 -41.78
CA ILE A 120 13.68 -19.29 -40.54
C ILE A 120 12.85 -20.55 -40.78
N PHE A 121 11.69 -20.40 -41.41
CA PHE A 121 10.80 -21.53 -41.70
C PHE A 121 11.46 -22.57 -42.61
N ALA A 122 12.28 -22.10 -43.55
CA ALA A 122 13.00 -22.99 -44.47
C ALA A 122 13.95 -23.92 -43.72
N TRP A 123 14.65 -23.39 -42.73
CA TRP A 123 15.64 -24.16 -41.96
C TRP A 123 14.98 -25.17 -41.01
N THR A 124 13.88 -24.76 -40.38
CA THR A 124 13.19 -25.62 -39.41
C THR A 124 12.54 -26.84 -40.09
N ASN A 125 12.12 -26.65 -41.33
CA ASN A 125 11.53 -27.75 -42.12
C ASN A 125 12.57 -28.69 -42.74
N THR A 126 13.84 -28.29 -42.70
CA THR A 126 14.94 -29.11 -43.24
C THR A 126 16.01 -29.40 -42.18
N ASN A 127 15.62 -29.37 -40.91
CA ASN A 127 16.54 -29.64 -39.81
C ASN A 127 16.74 -31.14 -39.63
N PRO A 128 18.00 -31.60 -39.46
CA PRO A 128 18.24 -33.02 -39.16
C PRO A 128 17.68 -33.49 -37.81
N TYR A 129 17.74 -32.63 -36.80
CA TYR A 129 17.32 -32.99 -35.44
C TYR A 129 15.81 -32.92 -35.28
N LEU A 130 15.23 -31.78 -35.63
CA LEU A 130 13.79 -31.53 -35.42
C LEU A 130 12.90 -32.49 -36.20
N GLN A 131 13.26 -32.74 -37.46
CA GLN A 131 12.50 -33.66 -38.31
C GLN A 131 12.54 -35.09 -37.79
N LYS A 132 13.70 -35.51 -37.29
CA LYS A 132 13.85 -36.83 -36.68
C LYS A 132 13.16 -36.86 -35.32
N LYS A 133 13.26 -35.76 -34.58
CA LYS A 133 12.61 -35.62 -33.28
C LYS A 133 11.09 -35.72 -33.41
N ALA A 134 10.53 -35.03 -34.40
CA ALA A 134 9.10 -35.08 -34.68
C ALA A 134 8.67 -36.45 -35.23
N GLU A 135 9.56 -37.11 -35.96
CA GLU A 135 9.28 -38.42 -36.55
C GLU A 135 9.10 -39.50 -35.47
N ILE A 136 9.93 -39.44 -34.43
CA ILE A 136 9.83 -40.38 -33.31
C ILE A 136 8.50 -40.20 -32.56
N ILE A 137 8.09 -38.94 -32.40
CA ILE A 137 6.88 -38.62 -31.64
C ILE A 137 5.60 -38.92 -32.42
N ASN A 138 5.55 -38.51 -33.69
CA ASN A 138 4.35 -38.72 -34.52
C ASN A 138 4.10 -40.20 -34.83
N GLU A 139 5.19 -40.96 -34.99
CA GLU A 139 5.11 -42.41 -35.19
C GLU A 139 4.43 -43.08 -33.99
N ILE A 140 4.67 -42.56 -32.79
CA ILE A 140 4.01 -43.04 -31.58
C ILE A 140 2.52 -42.67 -31.61
N TYR A 141 2.19 -41.46 -32.04
CA TYR A 141 0.80 -41.04 -32.14
C TYR A 141 0.02 -41.86 -33.17
N LEU A 142 0.67 -42.16 -34.30
CA LEU A 142 0.02 -42.91 -35.37
C LEU A 142 -0.10 -44.41 -35.07
N ASN A 143 0.89 -44.99 -34.40
CA ASN A 143 0.95 -46.45 -34.18
C ASN A 143 0.95 -46.91 -32.72
N GLY A 144 1.53 -46.12 -31.82
CA GLY A 144 1.63 -46.47 -30.40
C GLY A 144 0.28 -46.64 -29.71
N THR A 145 0.27 -47.38 -28.60
CA THR A 145 -0.97 -47.70 -27.88
C THR A 145 -1.36 -46.62 -26.87
N ALA A 146 -2.60 -46.73 -26.36
CA ALA A 146 -3.17 -45.75 -25.45
C ALA A 146 -2.50 -45.75 -24.07
N LEU A 147 -1.40 -45.01 -23.97
CA LEU A 147 -0.55 -44.93 -22.77
C LEU A 147 0.82 -44.43 -23.19
N GLU A 148 1.31 -45.00 -24.30
CA GLU A 148 2.56 -44.57 -24.93
C GLU A 148 2.42 -43.19 -25.57
N LYS A 149 1.23 -42.89 -26.09
CA LYS A 149 0.94 -41.59 -26.68
C LYS A 149 0.84 -40.48 -25.61
N LYS A 150 0.38 -40.85 -24.42
CA LYS A 150 0.32 -39.92 -23.29
C LYS A 150 1.71 -39.58 -22.75
N ILE A 151 2.61 -40.57 -22.76
CA ILE A 151 3.99 -40.37 -22.31
C ILE A 151 4.76 -39.45 -23.27
N ALA A 152 4.52 -39.61 -24.56
CA ALA A 152 5.22 -38.83 -25.60
C ALA A 152 4.83 -37.35 -25.57
N SER A 153 3.54 -37.08 -25.37
CA SER A 153 3.04 -35.71 -25.31
C SER A 153 3.52 -34.98 -24.04
N VAL A 154 3.65 -35.73 -22.95
CA VAL A 154 4.18 -35.18 -21.70
C VAL A 154 5.69 -34.90 -21.83
N PHE A 155 6.44 -35.87 -22.36
CA PHE A 155 7.86 -35.66 -22.64
C PHE A 155 8.06 -34.49 -23.60
N LEU A 156 7.21 -34.40 -24.61
CA LEU A 156 7.31 -33.36 -25.63
C LEU A 156 7.27 -31.97 -25.01
N GLU A 157 6.14 -31.63 -24.40
CA GLU A 157 5.85 -30.27 -23.99
C GLU A 157 6.27 -29.90 -22.56
N THR A 158 6.48 -30.90 -21.71
CA THR A 158 6.89 -30.67 -20.31
C THR A 158 8.41 -30.71 -20.12
N PHE A 159 9.13 -31.30 -21.08
CA PHE A 159 10.57 -31.57 -20.93
C PHE A 159 11.41 -30.99 -22.07
N LEU A 160 11.23 -31.51 -23.29
CA LEU A 160 12.10 -31.13 -24.42
C LEU A 160 11.64 -29.86 -25.17
N PHE A 161 10.50 -29.30 -24.76
CA PHE A 161 10.10 -27.96 -25.21
C PHE A 161 10.97 -26.89 -24.54
N TYR A 162 11.48 -27.21 -23.34
CA TYR A 162 12.20 -26.24 -22.53
C TYR A 162 13.64 -25.95 -22.99
N SER A 163 14.14 -26.74 -23.93
CA SER A 163 15.38 -26.41 -24.62
C SER A 163 15.22 -25.08 -25.35
N GLY A 164 14.02 -24.85 -25.88
CA GLY A 164 13.67 -23.59 -26.53
C GLY A 164 13.28 -22.50 -25.54
N PHE A 165 12.52 -22.86 -24.51
CA PHE A 165 12.06 -21.88 -23.52
C PHE A 165 13.20 -21.22 -22.72
N PHE A 166 14.36 -21.88 -22.66
CA PHE A 166 15.53 -21.35 -21.93
C PHE A 166 15.94 -19.95 -22.38
N THR A 167 15.85 -19.68 -23.68
CA THR A 167 16.30 -18.40 -24.26
C THR A 167 15.41 -17.20 -23.86
N PRO A 168 14.09 -17.26 -24.15
CA PRO A 168 13.24 -16.12 -23.76
C PRO A 168 13.11 -15.92 -22.24
N LEU A 169 13.20 -17.01 -21.48
CA LEU A 169 13.20 -16.94 -20.02
C LEU A 169 14.50 -16.30 -19.50
N TYR A 170 15.61 -16.51 -20.21
CA TYR A 170 16.89 -15.89 -19.87
C TYR A 170 16.81 -14.36 -20.01
N TYR A 171 16.24 -13.90 -21.12
CA TYR A 171 16.11 -12.46 -21.38
C TYR A 171 15.10 -11.79 -20.43
N LEU A 172 14.02 -12.50 -20.10
CA LEU A 172 13.03 -12.00 -19.13
C LEU A 172 13.67 -11.75 -17.77
N GLY A 173 14.63 -12.59 -17.40
CA GLY A 173 15.38 -12.41 -16.15
C GLY A 173 16.26 -11.18 -16.16
N ASN A 174 16.72 -10.78 -17.35
CA ASN A 174 17.52 -9.57 -17.52
C ASN A 174 16.66 -8.32 -17.77
N ASN A 175 15.34 -8.47 -17.71
CA ASN A 175 14.38 -7.40 -18.02
C ASN A 175 14.41 -7.01 -19.50
N LYS A 176 14.66 -7.99 -20.36
CA LYS A 176 14.76 -7.79 -21.82
C LYS A 176 13.71 -8.63 -22.52
N LEU A 177 13.18 -8.13 -23.64
CA LEU A 177 12.17 -8.84 -24.43
C LEU A 177 10.97 -9.26 -23.54
N ALA A 178 10.31 -8.27 -22.96
CA ALA A 178 9.23 -8.51 -21.98
C ALA A 178 7.97 -9.10 -22.60
N ASN A 179 7.51 -8.50 -23.69
CA ASN A 179 6.30 -8.96 -24.39
C ASN A 179 6.52 -10.26 -25.16
N VAL A 180 7.74 -10.47 -25.64
CA VAL A 180 8.12 -11.72 -26.30
C VAL A 180 8.24 -12.84 -25.27
N ALA A 181 8.52 -12.48 -24.03
CA ALA A 181 8.59 -13.44 -22.92
C ALA A 181 7.19 -13.80 -22.42
N GLU A 182 6.32 -12.80 -22.27
CA GLU A 182 4.95 -13.02 -21.78
C GLU A 182 4.14 -13.96 -22.66
N ILE A 183 4.33 -13.85 -23.97
CA ILE A 183 3.62 -14.71 -24.93
C ILE A 183 4.12 -16.16 -24.85
N ILE A 184 5.37 -16.33 -24.41
CA ILE A 184 5.94 -17.64 -24.11
C ILE A 184 5.57 -18.07 -22.69
N LYS A 185 5.54 -17.09 -21.78
CA LYS A 185 5.13 -17.31 -20.39
C LYS A 185 3.73 -17.93 -20.32
N LEU A 186 2.82 -17.41 -21.14
CA LEU A 186 1.45 -17.91 -21.22
C LEU A 186 1.38 -19.34 -21.77
N ILE A 187 2.25 -19.64 -22.73
CA ILE A 187 2.31 -20.99 -23.32
C ILE A 187 2.71 -22.03 -22.28
N ILE A 188 3.69 -21.68 -21.44
CA ILE A 188 4.15 -22.56 -20.37
C ILE A 188 3.06 -22.77 -19.31
N ARG A 189 2.26 -21.73 -19.06
CA ARG A 189 1.13 -21.82 -18.12
C ARG A 189 0.11 -22.84 -18.60
N ASP A 190 -0.17 -22.85 -19.90
CA ASP A 190 -1.09 -23.83 -20.49
C ASP A 190 -0.50 -25.24 -20.50
N GLU A 191 0.76 -25.34 -20.91
CA GLU A 191 1.41 -26.65 -21.03
C GLU A 191 1.72 -27.28 -19.68
N SER A 192 1.89 -26.46 -18.65
CA SER A 192 2.04 -26.96 -17.28
C SER A 192 0.80 -27.72 -16.84
N VAL A 193 -0.37 -27.21 -17.23
CA VAL A 193 -1.65 -27.83 -16.90
C VAL A 193 -1.94 -29.04 -17.81
N HIS A 194 -1.52 -28.97 -19.07
CA HIS A 194 -1.70 -30.09 -20.00
C HIS A 194 -0.93 -31.33 -19.53
N GLY A 195 0.33 -31.13 -19.17
CA GLY A 195 1.16 -32.21 -18.65
C GLY A 195 0.56 -32.87 -17.43
N THR A 196 0.04 -32.06 -16.50
CA THR A 196 -0.59 -32.55 -15.29
C THR A 196 -1.84 -33.37 -15.59
N TYR A 197 -2.67 -32.88 -16.52
CA TYR A 197 -3.93 -33.54 -16.86
C TYR A 197 -3.70 -34.83 -17.65
N ILE A 198 -2.87 -34.73 -18.70
CA ILE A 198 -2.53 -35.90 -19.50
C ILE A 198 -1.78 -36.93 -18.64
N GLY A 199 -0.88 -36.43 -17.78
CA GLY A 199 -0.14 -37.28 -16.85
C GLY A 199 -1.00 -37.93 -15.77
N TYR A 200 -2.11 -37.28 -15.42
CA TYR A 200 -3.06 -37.83 -14.44
C TYR A 200 -3.84 -39.00 -15.03
N LYS A 201 -4.40 -38.78 -16.23
CA LYS A 201 -5.16 -39.83 -16.94
C LYS A 201 -4.27 -41.03 -17.30
N PHE A 202 -2.97 -40.78 -17.42
CA PHE A 202 -1.98 -41.84 -17.61
C PHE A 202 -1.91 -42.75 -16.38
N GLN A 203 -1.86 -42.13 -15.19
CA GLN A 203 -1.75 -42.88 -13.92
C GLN A 203 -3.00 -43.71 -13.60
N LEU A 204 -4.15 -43.33 -14.15
CA LEU A 204 -5.38 -44.11 -14.01
C LEU A 204 -5.27 -45.42 -14.78
N ALA A 205 -4.85 -45.33 -16.04
CA ALA A 205 -4.69 -46.50 -16.90
C ALA A 205 -3.38 -47.26 -16.63
N PHE A 206 -2.46 -46.65 -15.88
CA PHE A 206 -1.21 -47.30 -15.50
C PHE A 206 -1.40 -48.22 -14.30
N ASN A 207 -2.23 -47.80 -13.34
CA ASN A 207 -2.53 -48.60 -12.14
C ASN A 207 -3.61 -49.67 -12.35
N GLU A 208 -4.21 -49.70 -13.53
CA GLU A 208 -5.17 -50.75 -13.90
C GLU A 208 -4.48 -51.98 -14.49
N LEU A 209 -3.27 -51.79 -15.02
CA LEU A 209 -2.47 -52.89 -15.55
C LEU A 209 -1.76 -53.63 -14.41
N PRO A 210 -1.41 -54.92 -14.63
CA PRO A 210 -0.61 -55.65 -13.64
C PRO A 210 0.87 -55.27 -13.72
N GLU A 211 1.64 -55.65 -12.70
CA GLU A 211 3.10 -55.40 -12.69
C GLU A 211 3.79 -55.98 -13.94
N ASP A 212 3.20 -57.02 -14.52
CA ASP A 212 3.65 -57.58 -15.79
C ASP A 212 3.80 -56.50 -16.86
N GLU A 213 2.72 -55.78 -17.15
CA GLU A 213 2.70 -54.79 -18.21
C GLU A 213 3.27 -53.43 -17.77
N GLN A 214 3.42 -53.22 -16.47
CA GLN A 214 3.96 -51.97 -15.93
C GLN A 214 5.48 -51.89 -16.05
N GLU A 215 6.16 -53.01 -15.82
CA GLU A 215 7.62 -53.09 -15.96
C GLU A 215 8.05 -52.95 -17.42
N LYS A 216 7.20 -53.41 -18.34
CA LYS A 216 7.48 -53.28 -19.78
C LYS A 216 7.32 -51.85 -20.27
N LEU A 217 6.27 -51.16 -19.81
CA LEU A 217 6.01 -49.78 -20.20
C LEU A 217 7.06 -48.83 -19.64
N LYS A 218 7.42 -49.02 -18.38
CA LYS A 218 8.50 -48.25 -17.76
C LYS A 218 9.83 -48.46 -18.48
N GLU A 219 10.05 -49.67 -18.99
CA GLU A 219 11.23 -49.96 -19.81
C GLU A 219 11.17 -49.20 -21.13
N TRP A 220 10.00 -49.20 -21.77
CA TRP A 220 9.78 -48.45 -23.01
C TRP A 220 9.80 -46.93 -22.76
N MET A 221 9.47 -46.53 -21.54
CA MET A 221 9.43 -45.13 -21.16
C MET A 221 10.82 -44.50 -21.08
N TYR A 222 11.69 -45.10 -20.28
CA TYR A 222 13.06 -44.59 -20.10
C TYR A 222 13.91 -44.78 -21.35
N ASP A 223 13.65 -45.83 -22.13
CA ASP A 223 14.29 -46.01 -23.44
C ASP A 223 13.98 -44.85 -24.36
N LEU A 224 12.73 -44.39 -24.35
CA LEU A 224 12.31 -43.22 -25.12
C LEU A 224 12.87 -41.92 -24.50
N LEU A 225 13.02 -41.91 -23.18
CA LEU A 225 13.55 -40.75 -22.48
C LEU A 225 15.01 -40.47 -22.86
N TYR A 226 15.85 -41.50 -22.77
CA TYR A 226 17.28 -41.36 -23.08
C TYR A 226 17.55 -41.05 -24.55
N THR A 227 16.74 -41.62 -25.45
CA THR A 227 16.89 -41.39 -26.89
C THR A 227 16.55 -39.95 -27.26
N LEU A 228 15.48 -39.42 -26.68
CA LEU A 228 15.07 -38.03 -26.90
C LEU A 228 16.04 -37.05 -26.23
N TYR A 229 16.61 -37.46 -25.10
CA TYR A 229 17.60 -36.65 -24.40
C TYR A 229 18.92 -36.57 -25.18
N GLU A 230 19.34 -37.70 -25.74
CA GLU A 230 20.60 -37.76 -26.51
C GLU A 230 20.50 -36.93 -27.78
N ASN A 231 19.37 -37.02 -28.48
CA ASN A 231 19.10 -36.20 -29.66
C ASN A 231 18.95 -34.71 -29.33
N GLU A 232 18.45 -34.41 -28.13
CA GLU A 232 18.29 -33.02 -27.69
C GLU A 232 19.64 -32.39 -27.38
N GLU A 233 20.57 -33.20 -26.87
CA GLU A 233 21.95 -32.75 -26.64
C GLU A 233 22.66 -32.40 -27.97
N GLY A 234 22.23 -33.04 -29.05
CA GLY A 234 22.71 -32.70 -30.40
C GLY A 234 22.13 -31.38 -30.89
N TYR A 235 20.83 -31.17 -30.65
CA TYR A 235 20.14 -29.94 -31.03
C TYR A 235 20.58 -28.76 -30.16
N THR A 236 20.88 -29.02 -28.90
CA THR A 236 21.36 -28.00 -27.97
C THR A 236 22.74 -27.49 -28.42
N GLU A 237 23.65 -28.43 -28.68
CA GLU A 237 24.99 -28.09 -29.17
C GLU A 237 24.96 -27.48 -30.57
N SER A 238 23.93 -27.81 -31.35
CA SER A 238 23.73 -27.23 -32.68
C SER A 238 23.37 -25.74 -32.64
N LEU A 239 22.84 -25.27 -31.51
CA LEU A 239 22.41 -23.88 -31.35
C LEU A 239 23.29 -23.09 -30.39
N TYR A 240 23.47 -23.61 -29.17
CA TYR A 240 23.99 -22.82 -28.05
C TYR A 240 25.51 -22.79 -27.86
N ASP A 241 26.27 -23.41 -28.77
CA ASP A 241 27.73 -23.47 -28.63
C ASP A 241 28.43 -22.13 -28.90
N THR A 242 27.91 -21.36 -29.86
CA THR A 242 28.50 -20.07 -30.21
C THR A 242 28.26 -19.03 -29.10
N VAL A 243 27.00 -18.86 -28.70
CA VAL A 243 26.66 -17.96 -27.60
C VAL A 243 27.18 -18.47 -26.26
N GLY A 244 27.32 -19.79 -26.13
CA GLY A 244 27.99 -20.41 -24.99
C GLY A 244 27.10 -20.65 -23.78
N TRP A 245 25.88 -21.12 -24.00
CA TRP A 245 24.99 -21.54 -22.90
C TRP A 245 24.65 -23.04 -23.00
N THR A 246 25.50 -23.80 -23.69
CA THR A 246 25.23 -25.21 -23.97
C THR A 246 25.03 -26.05 -22.70
N GLU A 247 25.94 -25.89 -21.75
CA GLU A 247 25.89 -26.67 -20.50
C GLU A 247 24.77 -26.23 -19.55
N GLU A 248 24.30 -24.99 -19.71
CA GLU A 248 23.17 -24.49 -18.91
C GLU A 248 21.84 -25.05 -19.41
N VAL A 249 21.70 -25.19 -20.73
CA VAL A 249 20.50 -25.78 -21.33
C VAL A 249 20.40 -27.26 -21.00
N LYS A 250 21.55 -27.94 -20.95
CA LYS A 250 21.62 -29.33 -20.53
C LYS A 250 21.19 -29.49 -19.07
N THR A 251 21.56 -28.54 -18.22
CA THR A 251 21.13 -28.50 -16.83
C THR A 251 19.62 -28.27 -16.72
N PHE A 252 19.10 -27.44 -17.62
CA PHE A 252 17.67 -27.12 -17.66
C PHE A 252 16.85 -28.29 -18.20
N LEU A 253 17.41 -29.03 -19.15
CA LEU A 253 16.73 -30.20 -19.74
C LEU A 253 16.60 -31.36 -18.76
N ARG A 254 17.65 -31.61 -17.98
CA ARG A 254 17.63 -32.65 -16.95
C ARG A 254 16.64 -32.31 -15.84
N TYR A 255 16.51 -31.01 -15.55
CA TYR A 255 15.62 -30.52 -14.50
C TYR A 255 14.15 -30.75 -14.85
N ASN A 256 13.74 -30.29 -16.04
CA ASN A 256 12.35 -30.43 -16.50
C ASN A 256 11.96 -31.86 -16.90
N ALA A 257 12.95 -32.72 -17.13
CA ALA A 257 12.70 -34.14 -17.41
C ALA A 257 12.05 -34.80 -16.20
N ASN A 258 12.41 -34.33 -15.00
CA ASN A 258 11.85 -34.85 -13.75
C ASN A 258 10.39 -34.44 -13.56
N LYS A 259 10.03 -33.25 -14.04
CA LYS A 259 8.64 -32.79 -13.98
C LYS A 259 7.74 -33.59 -14.91
N ALA A 260 8.27 -33.94 -16.08
CA ALA A 260 7.56 -34.83 -17.02
C ALA A 260 7.36 -36.21 -16.39
N LEU A 261 8.37 -36.68 -15.67
CA LEU A 261 8.28 -37.91 -14.89
C LEU A 261 7.26 -37.78 -13.76
N MET A 262 7.31 -36.64 -13.06
CA MET A 262 6.44 -36.41 -11.90
C MET A 262 4.97 -36.30 -12.29
N ASN A 263 4.69 -35.73 -13.46
CA ASN A 263 3.32 -35.67 -13.99
C ASN A 263 2.78 -37.06 -14.33
N LEU A 264 3.64 -37.90 -14.92
CA LEU A 264 3.26 -39.26 -15.29
C LEU A 264 3.24 -40.24 -14.10
N GLY A 265 3.59 -39.75 -12.92
CA GLY A 265 3.52 -40.55 -11.69
C GLY A 265 4.79 -41.36 -11.44
N GLN A 266 5.90 -40.92 -12.00
CA GLN A 266 7.19 -41.58 -11.82
C GLN A 266 8.14 -40.70 -11.02
N ASP A 267 9.24 -41.30 -10.58
CA ASP A 267 10.19 -40.63 -9.69
C ASP A 267 11.17 -39.77 -10.50
N PRO A 268 11.70 -38.69 -9.89
CA PRO A 268 12.64 -37.80 -10.57
C PRO A 268 14.00 -38.46 -10.79
N LEU A 269 14.44 -38.52 -12.05
CA LEU A 269 15.63 -39.27 -12.43
C LEU A 269 16.93 -38.54 -12.09
N PHE A 270 17.07 -37.31 -12.59
CA PHE A 270 18.32 -36.56 -12.46
C PHE A 270 18.43 -35.82 -11.12
N PRO A 271 19.67 -35.52 -10.69
CA PRO A 271 19.89 -34.78 -9.44
C PRO A 271 19.82 -33.25 -9.59
N ASP A 272 19.64 -32.76 -10.81
CA ASP A 272 19.61 -31.32 -11.07
C ASP A 272 18.34 -30.67 -10.51
N SER A 273 18.50 -29.87 -9.46
CA SER A 273 17.39 -29.16 -8.83
C SER A 273 17.25 -27.75 -9.43
N ALA A 274 16.47 -26.90 -8.77
CA ALA A 274 16.29 -25.51 -9.20
C ALA A 274 17.55 -24.67 -8.97
N ASP A 275 18.30 -25.00 -7.93
CA ASP A 275 19.56 -24.31 -7.61
C ASP A 275 20.68 -24.59 -8.63
N ASP A 276 20.58 -25.73 -9.32
CA ASP A 276 21.57 -26.09 -10.35
C ASP A 276 21.35 -25.31 -11.64
N VAL A 277 20.08 -25.04 -11.96
CA VAL A 277 19.70 -24.28 -13.15
C VAL A 277 20.12 -22.82 -13.00
N ASN A 278 20.38 -22.17 -14.13
CA ASN A 278 20.70 -20.73 -14.16
C ASN A 278 19.72 -19.94 -13.30
N PRO A 279 20.23 -19.04 -12.45
CA PRO A 279 19.36 -18.31 -11.52
C PRO A 279 18.42 -17.31 -12.19
N ILE A 280 18.89 -16.66 -13.26
CA ILE A 280 18.09 -15.63 -13.95
C ILE A 280 17.01 -16.26 -14.83
N VAL A 281 17.21 -17.53 -15.22
CA VAL A 281 16.19 -18.30 -15.93
C VAL A 281 15.12 -18.78 -14.93
N MET A 282 15.56 -19.12 -13.72
CA MET A 282 14.64 -19.48 -12.64
C MET A 282 13.92 -18.24 -12.10
N ASN A 283 14.54 -17.07 -12.27
CA ASN A 283 13.88 -15.79 -12.04
C ASN A 283 12.78 -15.55 -13.09
N GLY A 284 13.01 -16.04 -14.31
CA GLY A 284 12.03 -15.96 -15.38
C GLY A 284 10.80 -16.83 -15.18
N ILE A 285 10.98 -18.02 -14.61
CA ILE A 285 9.86 -18.93 -14.33
C ILE A 285 9.04 -18.42 -13.14
N SER A 286 9.72 -17.86 -12.14
CA SER A 286 9.07 -17.33 -10.94
C SER A 286 9.12 -15.80 -10.93
N THR A 287 8.11 -15.17 -11.55
CA THR A 287 7.99 -13.72 -11.55
C THR A 287 6.54 -13.28 -11.76
N THR B 3 8.46 46.68 14.32
CA THR B 3 7.95 48.01 14.83
C THR B 3 6.59 47.93 15.53
N TYR B 4 5.61 47.23 14.95
CA TYR B 4 4.36 46.94 15.68
C TYR B 4 4.31 45.47 16.13
N TYR B 5 4.53 44.56 15.19
CA TYR B 5 4.54 43.13 15.48
C TYR B 5 5.73 42.52 14.77
N LYS B 6 6.31 41.48 15.36
CA LYS B 6 7.55 40.89 14.86
C LYS B 6 7.33 39.47 14.40
N ALA B 7 7.83 39.13 13.21
CA ALA B 7 7.77 37.77 12.69
C ALA B 7 8.71 36.87 13.47
N ILE B 8 8.25 35.66 13.82
CA ILE B 8 9.13 34.70 14.50
C ILE B 8 10.14 34.14 13.52
N ASN B 9 11.39 34.08 13.96
CA ASN B 9 12.52 33.66 13.16
C ASN B 9 13.22 32.47 13.82
N TRP B 10 13.09 31.29 13.21
CA TRP B 10 13.71 30.08 13.74
C TRP B 10 15.17 29.91 13.29
N ASN B 11 15.70 30.89 12.57
CA ASN B 11 17.12 31.00 12.30
C ASN B 11 17.76 32.06 13.21
N ALA B 12 16.99 32.54 14.19
CA ALA B 12 17.49 33.43 15.24
C ALA B 12 17.05 32.90 16.61
N ILE B 13 17.45 31.67 16.89
CA ILE B 13 17.22 31.01 18.19
C ILE B 13 17.92 31.76 19.32
N GLU B 14 17.20 32.00 20.41
CA GLU B 14 17.70 32.72 21.59
C GLU B 14 17.92 31.80 22.79
N ASP B 15 17.34 30.61 22.74
CA ASP B 15 17.59 29.57 23.73
C ASP B 15 17.53 28.27 22.96
N VAL B 16 18.60 27.50 23.03
CA VAL B 16 18.75 26.32 22.19
C VAL B 16 17.89 25.15 22.67
N ILE B 17 17.36 25.25 23.88
CA ILE B 17 16.50 24.20 24.45
C ILE B 17 15.07 24.32 23.94
N ASP B 18 14.63 25.55 23.64
CA ASP B 18 13.39 25.79 22.90
C ASP B 18 13.38 24.95 21.64
N LYS B 19 14.43 25.08 20.84
CA LYS B 19 14.59 24.32 19.60
C LYS B 19 14.39 22.83 19.81
N SER B 20 15.24 22.23 20.65
CA SER B 20 15.25 20.77 20.86
C SER B 20 13.98 20.24 21.51
N THR B 21 13.35 21.06 22.34
CA THR B 21 12.05 20.72 22.92
C THR B 21 10.93 20.70 21.85
N TRP B 22 10.94 21.67 20.95
CA TRP B 22 9.99 21.67 19.83
C TRP B 22 10.23 20.47 18.91
N GLU B 23 11.48 20.18 18.58
CA GLU B 23 11.83 18.97 17.84
C GLU B 23 11.26 17.72 18.52
N LYS B 24 11.56 17.54 19.80
CA LYS B 24 11.19 16.31 20.49
C LYS B 24 9.68 16.12 20.61
N LEU B 25 8.96 17.15 21.07
CA LEU B 25 7.53 17.04 21.30
C LEU B 25 6.72 16.80 20.02
N THR B 26 7.07 17.53 18.96
CA THR B 26 6.42 17.33 17.67
C THR B 26 6.69 15.93 17.14
N GLU B 27 7.90 15.44 17.34
CA GLU B 27 8.29 14.13 16.82
C GLU B 27 7.63 13.03 17.64
N GLN B 28 7.29 13.36 18.88
CA GLN B 28 6.52 12.47 19.74
C GLN B 28 5.02 12.44 19.39
N PHE B 29 4.60 13.18 18.37
CA PHE B 29 3.18 13.31 18.05
C PHE B 29 2.48 11.96 17.90
N TRP B 30 1.33 11.83 18.56
CA TRP B 30 0.49 10.63 18.49
C TRP B 30 -1.01 10.98 18.57
N LEU B 31 -1.85 10.02 18.16
CA LEU B 31 -3.28 10.12 18.36
C LEU B 31 -3.83 8.81 18.97
N ASP B 32 -4.84 8.93 19.82
CA ASP B 32 -5.53 7.78 20.44
C ASP B 32 -6.16 6.85 19.42
N THR B 33 -6.56 7.42 18.29
CA THR B 33 -7.29 6.67 17.26
C THR B 33 -6.47 5.58 16.56
N ARG B 34 -5.18 5.47 16.89
CA ARG B 34 -4.31 4.45 16.28
C ARG B 34 -4.19 3.17 17.14
N ILE B 35 -4.29 3.30 18.45
CA ILE B 35 -4.11 2.17 19.36
C ILE B 35 -5.35 1.28 19.36
N PRO B 36 -5.20 -0.04 19.12
CA PRO B 36 -6.34 -0.96 19.08
C PRO B 36 -6.80 -1.42 20.47
N LEU B 37 -7.64 -0.60 21.10
CA LEU B 37 -8.07 -0.82 22.49
C LEU B 37 -8.96 -2.04 22.69
N SER B 38 -9.64 -2.48 21.64
CA SER B 38 -10.51 -3.68 21.70
C SER B 38 -9.79 -4.93 22.19
N ASN B 39 -8.49 -5.03 21.90
CA ASN B 39 -7.71 -6.20 22.27
C ASN B 39 -7.60 -6.34 23.78
N ASP B 40 -7.78 -5.25 24.51
CA ASP B 40 -7.75 -5.27 25.97
C ASP B 40 -9.04 -5.77 26.63
N LEU B 41 -10.08 -6.01 25.85
CA LEU B 41 -11.37 -6.38 26.44
C LEU B 41 -11.39 -7.79 27.02
N ASP B 42 -10.45 -8.64 26.60
CA ASP B 42 -10.35 -10.00 27.12
C ASP B 42 -9.79 -9.98 28.55
N ASP B 43 -8.77 -9.17 28.77
CA ASP B 43 -8.24 -8.93 30.12
C ASP B 43 -9.21 -8.12 30.98
N TRP B 44 -9.98 -7.25 30.33
CA TRP B 44 -10.89 -6.35 31.04
C TRP B 44 -12.05 -7.11 31.67
N ARG B 45 -12.69 -7.98 30.90
CA ARG B 45 -13.86 -8.70 31.39
C ARG B 45 -13.53 -9.71 32.49
N LYS B 46 -12.25 -9.92 32.77
CA LYS B 46 -11.80 -10.81 33.84
C LYS B 46 -11.30 -10.05 35.09
N LEU B 47 -11.64 -8.78 35.21
CA LEU B 47 -11.32 -8.00 36.41
C LEU B 47 -12.55 -7.83 37.26
N SER B 48 -12.39 -7.87 38.59
CA SER B 48 -13.52 -7.72 39.50
C SER B 48 -14.15 -6.35 39.32
N HIS B 49 -15.39 -6.21 39.77
CA HIS B 49 -16.09 -4.92 39.73
C HIS B 49 -15.39 -3.87 40.59
N LYS B 50 -14.69 -4.33 41.63
CA LYS B 50 -13.85 -3.46 42.46
C LYS B 50 -12.85 -2.69 41.61
N GLU B 51 -12.06 -3.43 40.84
CA GLU B 51 -10.98 -2.88 40.01
C GLU B 51 -11.50 -2.02 38.85
N LYS B 52 -12.52 -2.51 38.13
CA LYS B 52 -13.12 -1.75 37.03
C LYS B 52 -13.60 -0.39 37.51
N ASP B 53 -14.33 -0.39 38.62
CA ASP B 53 -14.81 0.84 39.26
C ASP B 53 -13.65 1.79 39.62
N LEU B 54 -12.50 1.22 39.99
CA LEU B 54 -11.31 2.00 40.32
C LEU B 54 -10.67 2.59 39.07
N VAL B 55 -10.57 1.78 38.02
CA VAL B 55 -10.03 2.23 36.74
C VAL B 55 -10.85 3.41 36.22
N GLY B 56 -12.17 3.29 36.27
CA GLY B 56 -13.05 4.38 35.85
C GLY B 56 -12.79 5.67 36.60
N LYS B 57 -12.62 5.56 37.92
CA LYS B 57 -12.40 6.73 38.77
C LYS B 57 -11.03 7.36 38.52
N VAL B 58 -10.03 6.53 38.29
CA VAL B 58 -8.68 7.00 38.02
C VAL B 58 -8.67 7.85 36.76
N PHE B 59 -9.18 7.29 35.67
CA PHE B 59 -9.19 7.99 34.41
C PHE B 59 -10.10 9.22 34.41
N GLY B 60 -11.18 9.18 35.18
CA GLY B 60 -12.03 10.34 35.34
C GLY B 60 -11.25 11.48 36.00
N GLY B 61 -10.53 11.16 37.06
CA GLY B 61 -9.73 12.15 37.76
C GLY B 61 -8.69 12.78 36.86
N LEU B 62 -8.07 11.95 36.02
CA LEU B 62 -7.04 12.41 35.11
C LEU B 62 -7.63 13.26 33.98
N THR B 63 -8.83 12.92 33.52
CA THR B 63 -9.47 13.67 32.44
C THR B 63 -9.76 15.10 32.85
N LEU B 64 -10.19 15.27 34.10
CA LEU B 64 -10.48 16.59 34.64
C LEU B 64 -9.27 17.52 34.60
N LEU B 65 -8.11 16.99 34.98
CA LEU B 65 -6.92 17.80 35.19
C LEU B 65 -6.17 18.06 33.91
N ASP B 66 -6.15 17.09 33.01
CA ASP B 66 -5.67 17.32 31.65
C ASP B 66 -6.60 18.28 30.90
N THR B 67 -7.89 18.24 31.21
CA THR B 67 -8.83 19.25 30.73
C THR B 67 -8.39 20.62 31.24
N LEU B 68 -8.15 20.72 32.55
CA LEU B 68 -7.64 21.96 33.15
C LEU B 68 -6.39 22.49 32.44
N GLN B 69 -5.45 21.58 32.15
CA GLN B 69 -4.19 21.94 31.52
C GLN B 69 -4.34 22.46 30.08
N SER B 70 -5.34 21.96 29.38
CA SER B 70 -5.56 22.31 27.98
C SER B 70 -6.33 23.62 27.82
N GLU B 71 -7.03 24.03 28.87
CA GLU B 71 -7.96 25.14 28.79
C GLU B 71 -7.51 26.42 29.51
N SER B 72 -6.83 26.27 30.64
CA SER B 72 -6.32 27.42 31.40
C SER B 72 -4.86 27.26 31.83
N GLY B 73 -4.43 26.03 32.10
CA GLY B 73 -3.06 25.76 32.49
C GLY B 73 -2.03 26.39 31.58
N VAL B 74 -1.89 25.86 30.37
CA VAL B 74 -0.89 26.35 29.42
C VAL B 74 -1.16 27.80 29.04
N ASP B 75 -2.44 28.20 29.04
CA ASP B 75 -2.81 29.59 28.76
C ASP B 75 -2.11 30.50 29.76
N ALA B 76 -2.12 30.09 31.03
CA ALA B 76 -1.52 30.87 32.11
C ALA B 76 0.00 30.92 32.04
N LEU B 77 0.62 29.88 31.50
CA LEU B 77 2.08 29.83 31.35
C LEU B 77 2.56 30.66 30.16
N ARG B 78 1.80 30.62 29.07
CA ARG B 78 2.09 31.40 27.85
C ARG B 78 2.44 32.86 28.12
N LYS B 79 1.73 33.46 29.08
CA LYS B 79 1.92 34.86 29.41
C LYS B 79 3.33 35.22 29.89
N ASP B 80 4.05 34.27 30.48
CA ASP B 80 5.36 34.52 31.11
C ASP B 80 6.52 33.98 30.28
N VAL B 81 6.37 34.09 28.98
CA VAL B 81 7.30 33.52 28.02
C VAL B 81 8.56 34.39 27.88
N ARG B 82 9.72 33.75 27.72
CA ARG B 82 10.99 34.47 27.56
C ARG B 82 11.32 34.76 26.11
N THR B 83 10.85 33.90 25.20
CA THR B 83 11.14 34.01 23.77
C THR B 83 9.92 33.56 22.96
N ALA B 84 9.83 34.02 21.72
CA ALA B 84 8.71 33.64 20.85
C ALA B 84 8.68 32.14 20.56
N HIS B 85 9.85 31.51 20.59
CA HIS B 85 9.95 30.08 20.28
C HIS B 85 9.38 29.27 21.44
N GLU B 86 9.47 29.82 22.64
CA GLU B 86 8.87 29.21 23.82
C GLU B 86 7.36 29.13 23.68
N GLU B 87 6.75 30.20 23.15
CA GLU B 87 5.30 30.25 22.98
C GLU B 87 4.85 29.24 21.93
N ALA B 88 5.65 29.07 20.88
CA ALA B 88 5.38 28.02 19.90
C ALA B 88 5.38 26.65 20.58
N VAL B 89 6.37 26.40 21.45
CA VAL B 89 6.45 25.13 22.17
C VAL B 89 5.19 24.89 23.00
N PHE B 90 4.72 25.92 23.71
CA PHE B 90 3.55 25.80 24.54
C PHE B 90 2.26 25.61 23.72
N ASN B 91 2.25 26.12 22.48
CA ASN B 91 1.15 25.83 21.56
C ASN B 91 1.06 24.33 21.27
N ASN B 92 2.21 23.68 21.13
CA ASN B 92 2.24 22.23 20.99
C ASN B 92 1.83 21.54 22.29
N ILE B 93 2.37 22.01 23.41
CA ILE B 93 1.98 21.46 24.71
C ILE B 93 0.47 21.59 24.91
N GLN B 94 -0.07 22.78 24.66
CA GLN B 94 -1.50 23.03 24.84
C GLN B 94 -2.36 22.11 23.98
N PHE B 95 -1.94 21.89 22.73
CA PHE B 95 -2.63 20.95 21.86
C PHE B 95 -2.58 19.53 22.44
N MET B 96 -1.38 19.10 22.84
CA MET B 96 -1.20 17.73 23.30
C MET B 96 -1.93 17.45 24.61
N GLU B 97 -2.22 18.48 25.40
CA GLU B 97 -3.06 18.33 26.58
C GLU B 97 -4.51 17.99 26.19
N SER B 98 -4.98 18.55 25.07
CA SER B 98 -6.30 18.20 24.53
C SER B 98 -6.35 16.77 24.01
N VAL B 99 -5.24 16.30 23.43
CA VAL B 99 -5.11 14.90 23.01
C VAL B 99 -5.09 13.98 24.25
N HIS B 100 -4.48 14.47 25.33
CA HIS B 100 -4.45 13.71 26.57
C HIS B 100 -5.87 13.56 27.13
N ALA B 101 -6.54 14.68 27.32
CA ALA B 101 -7.91 14.70 27.82
C ALA B 101 -8.81 13.79 26.99
N LYS B 102 -8.72 13.92 25.66
CA LYS B 102 -9.53 13.12 24.75
C LYS B 102 -9.19 11.63 24.75
N SER B 103 -7.94 11.27 25.01
CA SER B 103 -7.53 9.86 24.96
C SER B 103 -8.27 9.03 26.00
N TYR B 104 -8.64 9.66 27.11
CA TYR B 104 -9.43 9.02 28.16
C TYR B 104 -10.82 8.69 27.67
N SER B 105 -11.40 9.57 26.86
CA SER B 105 -12.74 9.33 26.30
C SER B 105 -12.74 8.12 25.37
N SER B 106 -11.64 7.93 24.64
CA SER B 106 -11.51 6.77 23.74
C SER B 106 -11.43 5.50 24.55
N ILE B 107 -10.65 5.54 25.64
CA ILE B 107 -10.58 4.43 26.56
C ILE B 107 -11.98 4.09 27.09
N PHE B 108 -12.70 5.10 27.56
CA PHE B 108 -14.07 4.90 28.07
C PHE B 108 -14.98 4.30 27.02
N SER B 109 -14.90 4.80 25.78
CA SER B 109 -15.72 4.32 24.69
C SER B 109 -15.58 2.83 24.44
N THR B 110 -14.45 2.26 24.83
CA THR B 110 -14.20 0.83 24.67
C THR B 110 -14.52 0.04 25.93
N LEU B 111 -14.09 0.55 27.08
CA LEU B 111 -14.20 -0.19 28.35
C LEU B 111 -15.56 -0.08 29.03
N ASN B 112 -16.33 0.95 28.68
CA ASN B 112 -17.51 1.30 29.48
C ASN B 112 -18.77 1.55 28.68
N THR B 113 -19.90 1.43 29.36
CA THR B 113 -21.21 1.55 28.74
C THR B 113 -21.68 3.00 28.77
N LYS B 114 -22.74 3.28 28.01
CA LYS B 114 -23.37 4.60 27.99
C LYS B 114 -23.52 5.17 29.41
N SER B 115 -24.18 4.43 30.29
CA SER B 115 -24.52 4.95 31.62
C SER B 115 -23.34 4.91 32.60
N GLU B 116 -22.41 4.00 32.40
CA GLU B 116 -21.17 4.00 33.18
C GLU B 116 -20.37 5.28 32.93
N ILE B 117 -20.21 5.64 31.67
CA ILE B 117 -19.51 6.88 31.30
C ILE B 117 -20.16 8.08 31.98
N ASP B 118 -21.48 8.09 32.06
CA ASP B 118 -22.21 9.22 32.64
C ASP B 118 -21.98 9.37 34.14
N GLU B 119 -21.91 8.25 34.86
CA GLU B 119 -21.68 8.29 36.29
C GLU B 119 -20.23 8.63 36.63
N ILE B 120 -19.29 8.17 35.80
CA ILE B 120 -17.88 8.53 35.95
C ILE B 120 -17.68 10.05 35.90
N PHE B 121 -18.34 10.70 34.94
CA PHE B 121 -18.19 12.15 34.77
C PHE B 121 -18.97 12.94 35.82
N ALA B 122 -20.12 12.42 36.22
CA ALA B 122 -20.89 13.01 37.32
C ALA B 122 -20.06 12.98 38.61
N TRP B 123 -19.43 11.84 38.88
CA TRP B 123 -18.59 11.66 40.07
C TRP B 123 -17.38 12.60 40.02
N THR B 124 -16.73 12.63 38.87
CA THR B 124 -15.59 13.49 38.60
C THR B 124 -15.90 14.97 38.75
N ASN B 125 -17.00 15.41 38.15
CA ASN B 125 -17.41 16.83 38.22
C ASN B 125 -17.86 17.32 39.60
N THR B 126 -18.13 16.40 40.53
CA THR B 126 -18.55 16.77 41.88
C THR B 126 -17.64 16.22 42.99
N ASN B 127 -16.58 15.49 42.63
CA ASN B 127 -15.70 14.91 43.64
C ASN B 127 -15.00 15.98 44.48
N PRO B 128 -15.22 15.97 45.81
CA PRO B 128 -14.64 17.00 46.66
C PRO B 128 -13.12 17.16 46.55
N TYR B 129 -12.39 16.07 46.36
CA TYR B 129 -10.92 16.13 46.31
C TYR B 129 -10.42 16.78 45.01
N LEU B 130 -10.76 16.14 43.88
CA LEU B 130 -10.46 16.65 42.53
C LEU B 130 -10.92 18.10 42.28
N GLN B 131 -12.10 18.45 42.79
CA GLN B 131 -12.64 19.80 42.60
C GLN B 131 -11.90 20.86 43.40
N LYS B 132 -11.41 20.49 44.58
CA LYS B 132 -10.67 21.44 45.42
C LYS B 132 -9.19 21.47 45.02
N LYS B 133 -8.72 20.36 44.48
CA LYS B 133 -7.42 20.28 43.83
C LYS B 133 -7.40 21.13 42.56
N ALA B 134 -8.48 21.07 41.78
CA ALA B 134 -8.60 21.90 40.58
C ALA B 134 -8.57 23.38 40.93
N GLU B 135 -9.29 23.75 42.00
CA GLU B 135 -9.35 25.14 42.48
C GLU B 135 -8.03 25.67 43.03
N ILE B 136 -7.25 24.81 43.68
CA ILE B 136 -5.95 25.24 44.23
C ILE B 136 -5.01 25.63 43.09
N ILE B 137 -4.96 24.78 42.07
CA ILE B 137 -4.09 24.96 40.92
C ILE B 137 -4.57 26.14 40.07
N ASN B 138 -5.87 26.19 39.79
CA ASN B 138 -6.43 27.22 38.94
C ASN B 138 -6.39 28.61 39.57
N GLU B 139 -6.51 28.66 40.90
CA GLU B 139 -6.33 29.92 41.63
C GLU B 139 -4.92 30.46 41.40
N ILE B 140 -3.95 29.55 41.44
CA ILE B 140 -2.56 29.90 41.16
C ILE B 140 -2.41 30.35 39.71
N TYR B 141 -3.05 29.62 38.79
CA TYR B 141 -3.01 29.98 37.37
C TYR B 141 -3.58 31.38 37.10
N LEU B 142 -4.69 31.71 37.75
CA LEU B 142 -5.38 32.98 37.48
C LEU B 142 -4.74 34.18 38.19
N ASN B 143 -4.12 33.94 39.35
CA ASN B 143 -3.65 35.03 40.21
C ASN B 143 -2.19 34.99 40.65
N GLY B 144 -1.54 33.84 40.50
CA GLY B 144 -0.17 33.68 40.98
C GLY B 144 0.84 34.34 40.07
N THR B 145 2.10 34.35 40.51
CA THR B 145 3.18 34.94 39.74
C THR B 145 3.71 33.91 38.74
N ALA B 146 4.47 34.38 37.76
CA ALA B 146 5.02 33.51 36.73
C ALA B 146 5.66 32.23 37.29
N LEU B 147 6.48 32.38 38.32
CA LEU B 147 7.18 31.27 38.96
C LEU B 147 6.24 30.35 39.73
N GLU B 148 5.33 30.96 40.48
CA GLU B 148 4.33 30.21 41.23
C GLU B 148 3.51 29.32 40.30
N LYS B 149 3.15 29.86 39.14
CA LYS B 149 2.39 29.10 38.13
C LYS B 149 3.18 27.94 37.53
N LYS B 150 4.47 28.12 37.33
CA LYS B 150 5.33 27.05 36.81
C LYS B 150 5.43 25.92 37.83
N ILE B 151 5.63 26.26 39.10
CA ILE B 151 5.66 25.27 40.17
C ILE B 151 4.38 24.43 40.17
N ALA B 152 3.24 25.10 40.06
CA ALA B 152 1.94 24.43 40.11
C ALA B 152 1.77 23.44 38.97
N SER B 153 2.18 23.83 37.76
CA SER B 153 2.01 22.96 36.60
C SER B 153 2.94 21.74 36.67
N VAL B 154 4.11 21.92 37.27
CA VAL B 154 5.07 20.83 37.44
C VAL B 154 4.62 19.89 38.56
N PHE B 155 4.21 20.45 39.69
CA PHE B 155 3.64 19.66 40.79
C PHE B 155 2.41 18.86 40.38
N LEU B 156 1.67 19.34 39.37
CA LEU B 156 0.47 18.65 38.93
C LEU B 156 0.79 17.42 38.10
N GLU B 157 1.59 17.59 37.06
CA GLU B 157 1.76 16.54 36.05
C GLU B 157 3.04 15.71 36.17
N THR B 158 3.96 16.13 37.03
CA THR B 158 5.13 15.33 37.34
C THR B 158 4.97 14.61 38.68
N PHE B 159 3.97 15.02 39.47
CA PHE B 159 3.78 14.51 40.82
C PHE B 159 2.36 14.01 40.98
N LEU B 160 1.39 14.92 41.11
CA LEU B 160 0.02 14.54 41.48
C LEU B 160 -0.67 13.56 40.53
N PHE B 161 -0.33 13.60 39.25
CA PHE B 161 -0.95 12.69 38.27
C PHE B 161 -0.66 11.21 38.57
N TYR B 162 0.41 10.95 39.32
CA TYR B 162 0.84 9.57 39.56
C TYR B 162 0.01 8.83 40.61
N SER B 163 -0.85 9.53 41.34
CA SER B 163 -1.84 8.84 42.16
C SER B 163 -2.77 8.09 41.20
N GLY B 164 -2.95 8.64 39.99
CA GLY B 164 -3.68 7.99 38.93
C GLY B 164 -2.87 6.99 38.13
N PHE B 165 -1.70 7.41 37.64
CA PHE B 165 -0.93 6.56 36.72
C PHE B 165 -0.49 5.23 37.32
N PHE B 166 -0.40 5.18 38.66
CA PHE B 166 -0.13 3.94 39.38
C PHE B 166 -0.92 2.75 38.83
N THR B 167 -2.21 2.95 38.54
CA THR B 167 -3.09 1.83 38.21
C THR B 167 -2.80 1.23 36.81
N PRO B 168 -2.82 2.02 35.73
CA PRO B 168 -2.45 1.43 34.43
C PRO B 168 -1.03 0.83 34.40
N LEU B 169 -0.09 1.44 35.12
CA LEU B 169 1.28 0.94 35.19
C LEU B 169 1.35 -0.39 35.93
N TYR B 170 0.48 -0.56 36.93
CA TYR B 170 0.39 -1.82 37.66
C TYR B 170 0.01 -2.94 36.69
N TYR B 171 -1.06 -2.71 35.94
CA TYR B 171 -1.60 -3.72 35.03
C TYR B 171 -0.64 -4.03 33.88
N LEU B 172 0.07 -3.01 33.40
CA LEU B 172 1.06 -3.22 32.33
C LEU B 172 2.18 -4.16 32.80
N GLY B 173 2.66 -3.96 34.02
CA GLY B 173 3.66 -4.86 34.61
C GLY B 173 3.23 -6.33 34.63
N ASN B 174 1.94 -6.56 34.87
CA ASN B 174 1.37 -7.92 34.86
C ASN B 174 0.89 -8.35 33.47
N ASN B 175 1.20 -7.54 32.47
CA ASN B 175 0.85 -7.81 31.07
C ASN B 175 -0.67 -7.77 30.85
N LYS B 176 -1.32 -6.82 31.53
CA LYS B 176 -2.75 -6.63 31.46
C LYS B 176 -3.03 -5.23 30.88
N LEU B 177 -4.10 -5.13 30.09
CA LEU B 177 -4.56 -3.84 29.52
C LEU B 177 -3.41 -3.08 28.83
N ALA B 178 -2.69 -3.77 27.97
CA ALA B 178 -1.48 -3.22 27.35
C ALA B 178 -1.75 -2.08 26.35
N ASN B 179 -2.95 -2.05 25.78
CA ASN B 179 -3.32 -0.98 24.85
C ASN B 179 -3.86 0.25 25.57
N VAL B 180 -4.65 0.03 26.61
CA VAL B 180 -5.06 1.12 27.52
C VAL B 180 -3.81 1.71 28.19
N ALA B 181 -2.76 0.90 28.39
CA ALA B 181 -1.53 1.33 29.06
C ALA B 181 -0.58 2.10 28.13
N GLU B 182 -0.40 1.61 26.91
CA GLU B 182 0.44 2.30 25.89
C GLU B 182 0.00 3.76 25.71
N ILE B 183 -1.29 3.97 25.73
CA ILE B 183 -1.88 5.30 25.60
C ILE B 183 -1.51 6.14 26.84
N ILE B 184 -1.60 5.56 28.04
CA ILE B 184 -1.10 6.20 29.27
C ILE B 184 0.41 6.41 29.19
N LYS B 185 1.11 5.45 28.58
CA LYS B 185 2.57 5.51 28.40
C LYS B 185 2.97 6.70 27.52
N LEU B 186 2.20 6.95 26.46
CA LEU B 186 2.44 8.06 25.56
C LEU B 186 2.19 9.43 26.24
N ILE B 187 1.24 9.46 27.17
CA ILE B 187 0.95 10.66 27.94
C ILE B 187 2.13 10.98 28.85
N ILE B 188 2.68 9.96 29.49
CA ILE B 188 3.81 10.13 30.41
C ILE B 188 5.06 10.59 29.67
N ARG B 189 5.25 10.07 28.46
CA ARG B 189 6.37 10.49 27.61
C ARG B 189 6.31 11.98 27.28
N ASP B 190 5.10 12.50 27.10
CA ASP B 190 4.93 13.94 26.87
C ASP B 190 5.15 14.70 28.16
N GLU B 191 4.55 14.22 29.24
CA GLU B 191 4.59 14.93 30.52
C GLU B 191 5.98 15.00 31.16
N SER B 192 6.86 14.06 30.86
CA SER B 192 8.21 14.10 31.39
C SER B 192 9.00 15.25 30.76
N VAL B 193 8.83 15.43 29.45
CA VAL B 193 9.43 16.54 28.69
C VAL B 193 8.78 17.86 29.09
N HIS B 194 7.47 17.84 29.29
CA HIS B 194 6.73 19.04 29.75
C HIS B 194 7.31 19.58 31.06
N GLY B 195 7.54 18.70 32.03
CA GLY B 195 8.02 19.10 33.34
C GLY B 195 9.48 19.54 33.33
N THR B 196 10.30 18.82 32.59
CA THR B 196 11.69 19.19 32.39
C THR B 196 11.83 20.58 31.74
N TYR B 197 10.97 20.86 30.77
CA TYR B 197 11.01 22.12 30.04
C TYR B 197 10.48 23.27 30.91
N ILE B 198 9.33 23.07 31.55
CA ILE B 198 8.76 24.09 32.42
C ILE B 198 9.67 24.33 33.62
N GLY B 199 10.29 23.25 34.12
CA GLY B 199 11.23 23.33 35.24
C GLY B 199 12.49 24.10 34.89
N TYR B 200 13.09 23.77 33.75
CA TYR B 200 14.20 24.54 33.20
C TYR B 200 13.89 26.04 33.16
N LYS B 201 12.72 26.38 32.62
CA LYS B 201 12.32 27.78 32.46
C LYS B 201 12.06 28.45 33.81
N PHE B 202 11.60 27.66 34.78
CA PHE B 202 11.48 28.12 36.16
C PHE B 202 12.86 28.46 36.71
N GLN B 203 13.83 27.59 36.45
CA GLN B 203 15.17 27.76 37.01
C GLN B 203 15.88 28.99 36.47
N LEU B 204 15.63 29.32 35.21
CA LEU B 204 16.24 30.49 34.59
C LEU B 204 15.79 31.75 35.34
N ALA B 205 14.49 31.93 35.48
CA ALA B 205 13.96 33.09 36.18
C ALA B 205 14.23 33.07 37.68
N PHE B 206 14.32 31.87 38.26
CA PHE B 206 14.59 31.70 39.68
C PHE B 206 15.99 32.17 40.05
N ASN B 207 16.97 31.79 39.25
CA ASN B 207 18.35 32.22 39.44
C ASN B 207 18.55 33.72 39.20
N GLU B 208 17.58 34.36 38.55
CA GLU B 208 17.61 35.82 38.34
C GLU B 208 17.02 36.60 39.53
N LEU B 209 16.43 35.89 40.49
CA LEU B 209 15.90 36.53 41.70
C LEU B 209 17.00 36.71 42.73
N PRO B 210 16.90 37.76 43.57
CA PRO B 210 17.84 37.88 44.69
C PRO B 210 17.57 36.83 45.77
N GLU B 211 18.62 36.42 46.48
CA GLU B 211 18.49 35.40 47.54
C GLU B 211 17.29 35.65 48.47
N ASP B 212 17.05 36.94 48.75
CA ASP B 212 15.88 37.39 49.54
C ASP B 212 14.57 36.76 49.06
N GLU B 213 14.25 36.97 47.78
CA GLU B 213 12.99 36.51 47.20
C GLU B 213 12.97 35.02 46.87
N GLN B 214 14.15 34.44 46.63
CA GLN B 214 14.27 32.99 46.38
C GLN B 214 13.79 32.19 47.58
N GLU B 215 14.21 32.62 48.77
CA GLU B 215 13.88 31.93 50.01
C GLU B 215 12.38 32.03 50.34
N LYS B 216 11.76 33.16 50.00
CA LYS B 216 10.30 33.33 50.18
C LYS B 216 9.51 32.43 49.22
N LEU B 217 10.03 32.26 48.01
CA LEU B 217 9.39 31.42 47.01
C LEU B 217 9.55 29.94 47.33
N LYS B 218 10.75 29.56 47.81
CA LYS B 218 10.99 28.19 48.26
C LYS B 218 10.06 27.81 49.41
N GLU B 219 9.79 28.76 50.30
CA GLU B 219 8.91 28.52 51.44
C GLU B 219 7.48 28.29 50.97
N TRP B 220 6.99 29.17 50.10
CA TRP B 220 5.67 29.04 49.50
C TRP B 220 5.54 27.71 48.74
N MET B 221 6.62 27.34 48.08
CA MET B 221 6.68 26.14 47.24
C MET B 221 6.46 24.86 48.04
N TYR B 222 7.19 24.72 49.16
CA TYR B 222 7.07 23.53 49.99
C TYR B 222 5.74 23.47 50.75
N ASP B 223 5.19 24.63 51.12
CA ASP B 223 3.85 24.69 51.70
C ASP B 223 2.83 24.14 50.73
N LEU B 224 2.98 24.48 49.45
CA LEU B 224 2.10 23.97 48.41
C LEU B 224 2.27 22.45 48.26
N LEU B 225 3.52 21.99 48.25
CA LEU B 225 3.80 20.56 48.09
C LEU B 225 3.12 19.77 49.21
N TYR B 226 3.34 20.17 50.46
CA TYR B 226 2.76 19.47 51.60
C TYR B 226 1.25 19.51 51.59
N THR B 227 0.69 20.64 51.17
CA THR B 227 -0.77 20.81 51.11
C THR B 227 -1.36 19.89 50.04
N LEU B 228 -0.81 19.94 48.83
CA LEU B 228 -1.28 19.06 47.76
C LEU B 228 -1.08 17.59 48.12
N TYR B 229 0.04 17.27 48.78
CA TYR B 229 0.32 15.90 49.17
C TYR B 229 -0.68 15.39 50.21
N GLU B 230 -0.90 16.18 51.25
CA GLU B 230 -1.86 15.82 52.30
C GLU B 230 -3.26 15.65 51.73
N ASN B 231 -3.65 16.53 50.82
CA ASN B 231 -4.95 16.43 50.17
C ASN B 231 -5.04 15.17 49.33
N GLU B 232 -3.97 14.90 48.57
CA GLU B 232 -3.91 13.71 47.71
C GLU B 232 -3.90 12.40 48.51
N GLU B 233 -3.39 12.43 49.74
CA GLU B 233 -3.50 11.28 50.64
C GLU B 233 -4.95 10.88 50.82
N GLY B 234 -5.79 11.87 51.14
CA GLY B 234 -7.23 11.67 51.31
C GLY B 234 -7.94 11.18 50.07
N TYR B 235 -7.46 11.59 48.90
CA TYR B 235 -8.02 11.15 47.63
C TYR B 235 -7.51 9.75 47.29
N THR B 236 -6.27 9.47 47.65
CA THR B 236 -5.70 8.15 47.41
C THR B 236 -6.42 7.12 48.24
N GLU B 237 -6.64 7.41 49.52
CA GLU B 237 -7.37 6.51 50.42
C GLU B 237 -8.77 6.29 49.87
N SER B 238 -9.46 7.39 49.59
CA SER B 238 -10.78 7.36 48.98
C SER B 238 -10.90 6.32 47.86
N LEU B 239 -9.87 6.22 47.02
CA LEU B 239 -9.91 5.29 45.89
C LEU B 239 -9.36 3.92 46.22
N TYR B 240 -8.18 3.89 46.82
CA TYR B 240 -7.37 2.67 46.88
C TYR B 240 -7.52 1.78 48.13
N ASP B 241 -8.23 2.23 49.15
CA ASP B 241 -8.36 1.42 50.36
C ASP B 241 -8.98 0.03 50.12
N THR B 242 -10.08 -0.02 49.36
CA THR B 242 -10.82 -1.26 49.13
C THR B 242 -10.08 -2.34 48.33
N VAL B 243 -9.12 -1.94 47.49
CA VAL B 243 -8.24 -2.91 46.81
C VAL B 243 -6.99 -3.20 47.63
N GLY B 244 -6.64 -2.28 48.54
CA GLY B 244 -5.53 -2.46 49.47
C GLY B 244 -4.19 -1.89 49.01
N TRP B 245 -4.22 -0.89 48.12
CA TRP B 245 -3.01 -0.35 47.51
C TRP B 245 -2.54 1.00 48.08
N THR B 246 -3.36 1.62 48.94
CA THR B 246 -3.13 2.98 49.42
C THR B 246 -1.66 3.34 49.69
N GLU B 247 -1.00 2.55 50.53
CA GLU B 247 0.36 2.87 50.95
C GLU B 247 1.35 2.78 49.81
N GLU B 248 1.19 1.75 48.99
CA GLU B 248 2.00 1.58 47.78
C GLU B 248 1.87 2.78 46.83
N VAL B 249 0.65 3.30 46.69
CA VAL B 249 0.38 4.49 45.89
C VAL B 249 0.98 5.72 46.55
N LYS B 250 0.89 5.80 47.88
CA LYS B 250 1.48 6.92 48.61
C LYS B 250 3.00 6.96 48.42
N THR B 251 3.63 5.79 48.44
CA THR B 251 5.07 5.70 48.16
C THR B 251 5.34 6.21 46.74
N PHE B 252 4.48 5.85 45.81
CA PHE B 252 4.66 6.23 44.41
C PHE B 252 4.55 7.74 44.21
N LEU B 253 3.66 8.39 44.97
CA LEU B 253 3.51 9.85 44.93
C LEU B 253 4.76 10.58 45.39
N ARG B 254 5.26 10.20 46.57
CA ARG B 254 6.45 10.84 47.15
C ARG B 254 7.67 10.69 46.26
N TYR B 255 7.85 9.50 45.70
CA TYR B 255 8.95 9.23 44.78
C TYR B 255 8.91 10.15 43.55
N ASN B 256 7.71 10.35 43.01
CA ASN B 256 7.50 11.27 41.90
C ASN B 256 7.53 12.74 42.32
N ALA B 257 7.19 13.02 43.57
CA ALA B 257 7.34 14.39 44.09
C ALA B 257 8.80 14.82 43.95
N ASN B 258 9.72 13.93 44.34
CA ASN B 258 11.15 14.18 44.25
C ASN B 258 11.54 14.61 42.85
N LYS B 259 11.04 13.90 41.85
CA LYS B 259 11.31 14.24 40.45
C LYS B 259 10.78 15.63 40.07
N ALA B 260 9.64 16.02 40.64
CA ALA B 260 9.08 17.36 40.42
C ALA B 260 9.96 18.44 41.05
N LEU B 261 10.49 18.19 42.23
CA LEU B 261 11.51 19.06 42.83
C LEU B 261 12.76 19.14 41.96
N MET B 262 13.16 17.99 41.44
CA MET B 262 14.36 17.87 40.63
C MET B 262 14.24 18.63 39.32
N ASN B 263 13.06 18.58 38.69
CA ASN B 263 12.78 19.42 37.50
C ASN B 263 12.92 20.91 37.81
N LEU B 264 12.47 21.32 38.99
CA LEU B 264 12.60 22.72 39.43
C LEU B 264 14.00 23.05 39.95
N GLY B 265 14.91 22.07 39.89
CA GLY B 265 16.27 22.25 40.36
C GLY B 265 16.37 22.30 41.87
N GLN B 266 15.64 21.42 42.55
CA GLN B 266 15.62 21.39 43.99
C GLN B 266 15.94 20.00 44.52
N ASP B 267 16.47 19.97 45.75
CA ASP B 267 16.85 18.72 46.41
C ASP B 267 15.63 17.85 46.68
N PRO B 268 15.77 16.52 46.52
CA PRO B 268 14.65 15.63 46.82
C PRO B 268 14.25 15.77 48.29
N LEU B 269 12.94 15.75 48.55
CA LEU B 269 12.42 15.97 49.91
C LEU B 269 12.26 14.67 50.65
N PHE B 270 11.64 13.68 49.99
CA PHE B 270 11.29 12.42 50.62
C PHE B 270 12.41 11.39 50.46
N PRO B 271 12.50 10.43 51.40
CA PRO B 271 13.51 9.39 51.31
C PRO B 271 13.15 8.25 50.34
N ASP B 272 12.00 8.35 49.68
CA ASP B 272 11.50 7.26 48.84
C ASP B 272 12.21 7.21 47.49
N SER B 273 12.44 6.00 47.01
CA SER B 273 13.25 5.74 45.81
C SER B 273 12.62 4.66 44.94
N ALA B 274 13.22 4.38 43.80
CA ALA B 274 12.72 3.40 42.84
C ALA B 274 12.57 2.01 43.46
N ASP B 275 13.52 1.62 44.30
CA ASP B 275 13.48 0.33 45.00
C ASP B 275 12.30 0.22 45.99
N ASP B 276 11.91 1.35 46.56
CA ASP B 276 10.81 1.41 47.53
C ASP B 276 9.45 1.20 46.86
N VAL B 277 9.35 1.59 45.60
CA VAL B 277 8.12 1.48 44.81
C VAL B 277 7.87 0.03 44.39
N ASN B 278 6.60 -0.33 44.29
CA ASN B 278 6.15 -1.64 43.80
C ASN B 278 6.92 -2.06 42.54
N PRO B 279 7.52 -3.26 42.55
CA PRO B 279 8.33 -3.63 41.39
C PRO B 279 7.51 -3.91 40.12
N ILE B 280 6.22 -4.24 40.29
CA ILE B 280 5.33 -4.48 39.15
C ILE B 280 4.92 -3.16 38.49
N VAL B 281 4.70 -2.13 39.30
CA VAL B 281 4.49 -0.78 38.78
C VAL B 281 5.73 -0.34 38.03
N MET B 282 6.88 -0.49 38.68
CA MET B 282 8.15 0.01 38.17
C MET B 282 8.49 -0.67 36.84
N ASN B 283 8.14 -1.95 36.72
CA ASN B 283 8.30 -2.67 35.46
C ASN B 283 7.40 -2.11 34.37
N GLY B 284 6.22 -1.67 34.77
CA GLY B 284 5.29 -1.00 33.86
C GLY B 284 5.87 0.28 33.29
N ILE B 285 6.83 0.88 33.99
CA ILE B 285 7.53 2.07 33.47
C ILE B 285 8.76 1.64 32.67
N SER B 286 8.56 0.67 31.77
CA SER B 286 9.60 0.21 30.85
C SER B 286 8.97 -0.40 29.60
N THR C 3 -32.32 -40.22 11.09
CA THR C 3 -33.73 -40.47 11.48
C THR C 3 -34.29 -39.40 12.43
N TYR C 4 -33.43 -38.73 13.19
CA TYR C 4 -33.85 -37.66 14.12
C TYR C 4 -33.67 -36.28 13.51
N TYR C 5 -32.48 -36.00 12.99
CA TYR C 5 -32.17 -34.70 12.40
C TYR C 5 -31.39 -34.92 11.11
N LYS C 6 -31.76 -34.19 10.06
CA LYS C 6 -31.14 -34.35 8.74
C LYS C 6 -30.22 -33.17 8.43
N ALA C 7 -29.07 -33.45 7.84
CA ALA C 7 -28.10 -32.42 7.50
C ALA C 7 -28.53 -31.68 6.22
N ILE C 8 -28.38 -30.36 6.22
CA ILE C 8 -28.72 -29.56 5.04
C ILE C 8 -27.76 -29.92 3.90
N ASN C 9 -28.33 -30.21 2.74
CA ASN C 9 -27.59 -30.66 1.58
C ASN C 9 -27.78 -29.65 0.44
N TRP C 10 -26.76 -28.82 0.21
CA TRP C 10 -26.86 -27.77 -0.80
C TRP C 10 -26.65 -28.26 -2.22
N ASN C 11 -26.31 -29.55 -2.36
CA ASN C 11 -26.28 -30.21 -3.66
C ASN C 11 -27.61 -30.89 -3.98
N ALA C 12 -28.49 -31.02 -2.97
CA ALA C 12 -29.85 -31.51 -3.16
C ALA C 12 -30.86 -30.37 -3.02
N ILE C 13 -30.81 -29.43 -3.97
CA ILE C 13 -31.71 -28.27 -3.97
C ILE C 13 -33.12 -28.71 -4.35
N GLU C 14 -34.11 -28.23 -3.59
CA GLU C 14 -35.52 -28.56 -3.81
C GLU C 14 -36.25 -27.46 -4.59
N ASP C 15 -35.79 -26.22 -4.43
CA ASP C 15 -36.35 -25.06 -5.13
C ASP C 15 -35.19 -24.16 -5.54
N VAL C 16 -35.04 -23.93 -6.85
CA VAL C 16 -33.86 -23.24 -7.37
C VAL C 16 -33.75 -21.78 -6.93
N ILE C 17 -34.88 -21.20 -6.54
CA ILE C 17 -34.93 -19.78 -6.16
C ILE C 17 -34.34 -19.55 -4.76
N ASP C 18 -34.34 -20.59 -3.92
CA ASP C 18 -33.69 -20.53 -2.61
C ASP C 18 -32.18 -20.38 -2.78
N LYS C 19 -31.63 -21.15 -3.71
CA LYS C 19 -30.21 -21.12 -4.03
C LYS C 19 -29.84 -19.76 -4.61
N SER C 20 -30.61 -19.29 -5.59
CA SER C 20 -30.32 -18.02 -6.27
C SER C 20 -30.50 -16.82 -5.34
N THR C 21 -31.43 -16.91 -4.39
CA THR C 21 -31.64 -15.85 -3.42
C THR C 21 -30.49 -15.81 -2.41
N TRP C 22 -30.05 -16.98 -1.95
CA TRP C 22 -28.87 -17.07 -1.10
C TRP C 22 -27.67 -16.43 -1.78
N GLU C 23 -27.46 -16.75 -3.06
CA GLU C 23 -26.34 -16.19 -3.82
C GLU C 23 -26.44 -14.68 -3.96
N LYS C 24 -27.65 -14.15 -4.10
CA LYS C 24 -27.84 -12.73 -4.29
C LYS C 24 -27.67 -11.96 -2.99
N LEU C 25 -28.30 -12.46 -1.93
CA LEU C 25 -28.30 -11.78 -0.63
C LEU C 25 -26.92 -11.75 0.01
N THR C 26 -26.23 -12.89 -0.02
CA THR C 26 -24.90 -12.99 0.58
C THR C 26 -23.85 -12.21 -0.21
N GLU C 27 -24.02 -12.12 -1.52
CA GLU C 27 -23.12 -11.33 -2.36
C GLU C 27 -23.32 -9.82 -2.19
N GLN C 28 -24.47 -9.44 -1.63
CA GLN C 28 -24.78 -8.03 -1.35
C GLN C 28 -24.34 -7.57 0.04
N PHE C 29 -23.77 -8.48 0.84
CA PHE C 29 -23.30 -8.17 2.19
C PHE C 29 -22.61 -6.81 2.25
N TRP C 30 -22.94 -6.04 3.28
CA TRP C 30 -22.33 -4.73 3.50
C TRP C 30 -22.34 -4.38 4.98
N LEU C 31 -21.45 -3.49 5.38
CA LEU C 31 -21.44 -2.95 6.72
C LEU C 31 -21.41 -1.44 6.67
N ASP C 32 -22.09 -0.82 7.63
CA ASP C 32 -22.10 0.64 7.81
C ASP C 32 -20.71 1.25 7.96
N THR C 33 -19.81 0.51 8.58
CA THR C 33 -18.46 1.01 8.90
C THR C 33 -17.57 1.27 7.68
N ARG C 34 -17.99 0.80 6.51
CA ARG C 34 -17.28 1.06 5.27
C ARG C 34 -17.54 2.46 4.72
N ILE C 35 -18.75 2.98 4.92
CA ILE C 35 -19.19 4.23 4.27
C ILE C 35 -18.69 5.48 5.04
N PRO C 36 -18.06 6.43 4.32
CA PRO C 36 -17.52 7.62 4.98
C PRO C 36 -18.59 8.71 5.21
N LEU C 37 -19.34 8.55 6.29
CA LEU C 37 -20.49 9.43 6.57
C LEU C 37 -20.15 10.89 6.85
N SER C 38 -18.91 11.17 7.24
CA SER C 38 -18.51 12.54 7.60
C SER C 38 -18.33 13.47 6.40
N ASN C 39 -18.23 12.90 5.19
CA ASN C 39 -18.25 13.71 3.97
C ASN C 39 -19.58 14.47 3.76
N ASP C 40 -20.65 13.99 4.40
CA ASP C 40 -21.98 14.61 4.28
C ASP C 40 -22.23 15.80 5.19
N LEU C 41 -21.32 16.10 6.10
CA LEU C 41 -21.55 17.15 7.11
C LEU C 41 -21.59 18.57 6.53
N ASP C 42 -20.91 18.75 5.40
CA ASP C 42 -20.95 20.01 4.68
C ASP C 42 -22.40 20.35 4.30
N ASP C 43 -23.06 19.42 3.62
CA ASP C 43 -24.48 19.56 3.26
C ASP C 43 -25.37 19.62 4.50
N TRP C 44 -25.11 18.73 5.46
CA TRP C 44 -25.91 18.62 6.68
C TRP C 44 -26.04 19.96 7.41
N ARG C 45 -24.92 20.63 7.66
CA ARG C 45 -24.96 21.90 8.39
C ARG C 45 -25.64 23.02 7.59
N LYS C 46 -25.75 22.85 6.28
CA LYS C 46 -26.45 23.82 5.43
C LYS C 46 -27.94 23.51 5.24
N LEU C 47 -28.47 22.56 6.00
CA LEU C 47 -29.91 22.32 6.05
C LEU C 47 -30.52 23.14 7.19
N SER C 48 -31.81 23.40 7.07
CA SER C 48 -32.54 24.14 8.10
C SER C 48 -32.92 23.24 9.26
N HIS C 49 -33.33 23.86 10.36
CA HIS C 49 -33.77 23.13 11.55
C HIS C 49 -34.89 22.13 11.22
N LYS C 50 -35.93 22.62 10.54
CA LYS C 50 -37.03 21.77 10.04
C LYS C 50 -36.53 20.51 9.33
N GLU C 51 -35.65 20.72 8.36
CA GLU C 51 -35.12 19.64 7.54
C GLU C 51 -34.30 18.62 8.33
N LYS C 52 -33.49 19.11 9.26
CA LYS C 52 -32.72 18.22 10.14
C LYS C 52 -33.65 17.48 11.07
N ASP C 53 -34.61 18.21 11.64
CA ASP C 53 -35.59 17.64 12.53
C ASP C 53 -36.41 16.56 11.85
N LEU C 54 -36.74 16.78 10.58
CA LEU C 54 -37.46 15.78 9.79
C LEU C 54 -36.63 14.53 9.59
N VAL C 55 -35.40 14.73 9.15
CA VAL C 55 -34.46 13.63 8.89
C VAL C 55 -34.25 12.78 10.13
N GLY C 56 -34.26 13.40 11.29
CA GLY C 56 -34.10 12.68 12.55
C GLY C 56 -35.26 11.74 12.78
N LYS C 57 -36.47 12.28 12.64
CA LYS C 57 -37.68 11.51 12.85
C LYS C 57 -37.80 10.35 11.88
N VAL C 58 -37.51 10.62 10.61
CA VAL C 58 -37.57 9.59 9.57
C VAL C 58 -36.67 8.41 9.88
N PHE C 59 -35.39 8.67 10.13
CA PHE C 59 -34.44 7.61 10.50
C PHE C 59 -34.79 6.97 11.84
N GLY C 60 -35.34 7.75 12.76
CA GLY C 60 -35.85 7.21 14.01
C GLY C 60 -36.95 6.17 13.80
N GLY C 61 -38.00 6.54 13.06
CA GLY C 61 -39.07 5.61 12.73
C GLY C 61 -38.57 4.36 12.02
N LEU C 62 -37.68 4.55 11.05
CA LEU C 62 -37.10 3.43 10.31
C LEU C 62 -36.29 2.49 11.21
N THR C 63 -35.63 3.02 12.24
CA THR C 63 -34.89 2.19 13.19
C THR C 63 -35.82 1.24 13.94
N LEU C 64 -36.96 1.75 14.39
CA LEU C 64 -37.92 0.97 15.17
C LEU C 64 -38.43 -0.27 14.45
N LEU C 65 -38.71 -0.13 13.17
CA LEU C 65 -39.37 -1.20 12.42
C LEU C 65 -38.40 -2.19 11.82
N ASP C 66 -37.15 -1.77 11.61
CA ASP C 66 -36.08 -2.72 11.34
C ASP C 66 -35.71 -3.48 12.62
N THR C 67 -35.81 -2.83 13.78
CA THR C 67 -35.65 -3.54 15.06
C THR C 67 -36.69 -4.66 15.13
N LEU C 68 -37.97 -4.30 14.98
CA LEU C 68 -39.06 -5.27 14.95
C LEU C 68 -38.77 -6.42 13.99
N GLN C 69 -38.38 -6.10 12.77
CA GLN C 69 -38.10 -7.13 11.77
C GLN C 69 -36.97 -8.07 12.18
N SER C 70 -35.93 -7.51 12.80
CA SER C 70 -34.75 -8.30 13.22
C SER C 70 -34.96 -9.12 14.48
N GLU C 71 -36.00 -8.81 15.25
CA GLU C 71 -36.24 -9.45 16.54
C GLU C 71 -37.35 -10.52 16.47
N SER C 72 -38.56 -10.13 16.09
CA SER C 72 -39.67 -11.07 15.98
C SER C 72 -40.14 -11.30 14.55
N GLY C 73 -39.92 -10.34 13.67
CA GLY C 73 -40.38 -10.44 12.29
C GLY C 73 -39.94 -11.70 11.58
N VAL C 74 -38.64 -11.85 11.40
CA VAL C 74 -38.08 -12.98 10.66
C VAL C 74 -38.21 -14.26 11.50
N ASP C 75 -38.24 -14.10 12.82
CA ASP C 75 -38.43 -15.22 13.74
C ASP C 75 -39.79 -15.87 13.53
N ALA C 76 -40.78 -15.08 13.10
CA ALA C 76 -42.11 -15.58 12.84
C ALA C 76 -42.19 -16.28 11.48
N LEU C 77 -41.49 -15.75 10.48
CA LEU C 77 -41.51 -16.35 9.15
C LEU C 77 -40.79 -17.70 9.13
N ARG C 78 -39.75 -17.83 9.95
CA ARG C 78 -39.00 -19.08 10.09
C ARG C 78 -39.90 -20.27 10.36
N LYS C 79 -40.88 -20.09 11.25
CA LYS C 79 -41.82 -21.15 11.63
C LYS C 79 -42.49 -21.85 10.45
N ASP C 80 -42.83 -21.08 9.41
CA ASP C 80 -43.65 -21.56 8.30
C ASP C 80 -42.83 -21.84 7.03
N VAL C 81 -41.62 -22.37 7.21
CA VAL C 81 -40.68 -22.63 6.12
C VAL C 81 -41.09 -23.86 5.29
N ARG C 82 -40.70 -23.88 4.02
CA ARG C 82 -40.99 -25.01 3.11
C ARG C 82 -39.77 -25.88 2.76
N THR C 83 -38.58 -25.29 2.80
CA THR C 83 -37.34 -26.04 2.58
C THR C 83 -36.26 -25.61 3.56
N ALA C 84 -35.33 -26.50 3.87
CA ALA C 84 -34.21 -26.20 4.77
C ALA C 84 -33.42 -24.99 4.27
N HIS C 85 -33.25 -24.90 2.95
CA HIS C 85 -32.48 -23.83 2.32
C HIS C 85 -33.18 -22.48 2.49
N GLU C 86 -34.50 -22.51 2.60
CA GLU C 86 -35.28 -21.31 2.88
C GLU C 86 -34.99 -20.76 4.28
N GLU C 87 -34.81 -21.66 5.26
CA GLU C 87 -34.48 -21.24 6.62
C GLU C 87 -33.06 -20.66 6.69
N ALA C 88 -32.18 -21.13 5.82
CA ALA C 88 -30.85 -20.55 5.68
C ALA C 88 -30.95 -19.11 5.13
N VAL C 89 -31.83 -18.91 4.15
CA VAL C 89 -32.06 -17.59 3.57
C VAL C 89 -32.61 -16.62 4.63
N PHE C 90 -33.51 -17.10 5.48
CA PHE C 90 -34.06 -16.27 6.55
C PHE C 90 -33.01 -15.94 7.64
N ASN C 91 -32.06 -16.83 7.86
CA ASN C 91 -30.95 -16.53 8.76
C ASN C 91 -30.16 -15.32 8.26
N ASN C 92 -29.87 -15.28 6.96
CA ASN C 92 -29.22 -14.12 6.36
C ASN C 92 -30.08 -12.86 6.51
N ILE C 93 -31.33 -12.97 6.09
CA ILE C 93 -32.27 -11.86 6.16
C ILE C 93 -32.32 -11.30 7.58
N GLN C 94 -32.46 -12.18 8.58
CA GLN C 94 -32.53 -11.74 9.98
C GLN C 94 -31.26 -11.01 10.42
N PHE C 95 -30.10 -11.51 10.00
CA PHE C 95 -28.84 -10.85 10.33
C PHE C 95 -28.78 -9.49 9.65
N MET C 96 -29.13 -9.47 8.36
CA MET C 96 -29.11 -8.22 7.62
C MET C 96 -30.17 -7.23 8.11
N GLU C 97 -31.24 -7.70 8.76
CA GLU C 97 -32.17 -6.77 9.42
C GLU C 97 -31.48 -6.06 10.59
N SER C 98 -30.64 -6.79 11.33
CA SER C 98 -29.83 -6.18 12.39
C SER C 98 -28.80 -5.20 11.83
N VAL C 99 -28.26 -5.50 10.65
CA VAL C 99 -27.35 -4.57 9.96
C VAL C 99 -28.10 -3.29 9.56
N HIS C 100 -29.35 -3.44 9.11
CA HIS C 100 -30.17 -2.28 8.73
C HIS C 100 -30.41 -1.37 9.92
N ALA C 101 -30.90 -1.94 11.03
CA ALA C 101 -31.21 -1.18 12.24
C ALA C 101 -29.98 -0.47 12.83
N LYS C 102 -28.84 -1.16 12.85
CA LYS C 102 -27.60 -0.56 13.36
C LYS C 102 -27.10 0.59 12.49
N SER C 103 -27.36 0.52 11.18
CA SER C 103 -26.80 1.50 10.24
C SER C 103 -27.32 2.92 10.49
N TYR C 104 -28.56 3.02 10.97
CA TYR C 104 -29.12 4.31 11.38
C TYR C 104 -28.40 4.88 12.60
N SER C 105 -27.94 4.01 13.49
CA SER C 105 -27.16 4.43 14.66
C SER C 105 -25.81 5.00 14.24
N SER C 106 -25.25 4.49 13.15
CA SER C 106 -24.01 5.05 12.57
C SER C 106 -24.29 6.38 11.92
N ILE C 107 -25.44 6.50 11.26
CA ILE C 107 -25.83 7.78 10.69
C ILE C 107 -25.99 8.78 11.83
N PHE C 108 -26.70 8.40 12.88
CA PHE C 108 -26.90 9.28 14.05
C PHE C 108 -25.57 9.69 14.66
N SER C 109 -24.62 8.75 14.72
CA SER C 109 -23.32 9.01 15.35
C SER C 109 -22.57 10.16 14.69
N THR C 110 -22.67 10.25 13.37
CA THR C 110 -22.03 11.32 12.64
C THR C 110 -22.85 12.62 12.70
N LEU C 111 -24.14 12.51 12.41
CA LEU C 111 -25.00 13.68 12.25
C LEU C 111 -25.46 14.31 13.55
N ASN C 112 -25.67 13.48 14.58
CA ASN C 112 -26.40 13.96 15.74
C ASN C 112 -25.66 14.05 17.05
N THR C 113 -26.10 15.01 17.84
CA THR C 113 -25.56 15.31 19.15
C THR C 113 -26.02 14.24 20.15
N LYS C 114 -25.31 14.05 21.25
CA LYS C 114 -25.73 13.07 22.25
C LYS C 114 -27.17 13.30 22.68
N SER C 115 -27.51 14.54 23.01
CA SER C 115 -28.87 14.85 23.46
C SER C 115 -29.92 14.70 22.33
N GLU C 116 -29.57 15.07 21.09
CA GLU C 116 -30.46 14.89 19.94
C GLU C 116 -30.79 13.42 19.72
N ILE C 117 -29.81 12.55 19.95
CA ILE C 117 -30.01 11.11 19.83
C ILE C 117 -31.02 10.63 20.87
N ASP C 118 -30.88 11.09 22.11
CA ASP C 118 -31.84 10.75 23.16
C ASP C 118 -33.24 11.27 22.84
N GLU C 119 -33.31 12.46 22.24
CA GLU C 119 -34.59 13.06 21.85
C GLU C 119 -35.30 12.21 20.80
N ILE C 120 -34.51 11.67 19.88
CA ILE C 120 -35.01 10.87 18.77
C ILE C 120 -35.59 9.54 19.26
N PHE C 121 -34.83 8.83 20.08
CA PHE C 121 -35.28 7.56 20.63
C PHE C 121 -36.44 7.69 21.62
N ALA C 122 -36.47 8.79 22.38
CA ALA C 122 -37.61 9.08 23.24
C ALA C 122 -38.81 9.31 22.36
N TRP C 123 -38.64 10.13 21.33
CA TRP C 123 -39.69 10.39 20.35
C TRP C 123 -40.15 9.11 19.65
N THR C 124 -39.20 8.30 19.20
CA THR C 124 -39.52 7.08 18.44
C THR C 124 -40.24 6.03 19.29
N ASN C 125 -39.79 5.85 20.53
CA ASN C 125 -40.39 4.85 21.41
C ASN C 125 -41.76 5.24 21.93
N THR C 126 -42.16 6.50 21.74
CA THR C 126 -43.46 6.99 22.22
C THR C 126 -44.35 7.59 21.12
N ASN C 127 -43.90 7.56 19.88
CA ASN C 127 -44.70 8.10 18.78
C ASN C 127 -45.96 7.26 18.60
N PRO C 128 -47.15 7.88 18.74
CA PRO C 128 -48.43 7.19 18.54
C PRO C 128 -48.49 6.33 17.28
N TYR C 129 -48.16 6.93 16.13
CA TYR C 129 -48.29 6.26 14.84
C TYR C 129 -47.34 5.08 14.68
N LEU C 130 -46.09 5.26 15.09
CA LEU C 130 -45.09 4.20 15.00
C LEU C 130 -45.39 3.07 15.97
N GLN C 131 -45.75 3.42 17.19
CA GLN C 131 -46.08 2.43 18.21
C GLN C 131 -47.33 1.64 17.84
N LYS C 132 -48.30 2.30 17.22
CA LYS C 132 -49.50 1.63 16.73
C LYS C 132 -49.19 0.73 15.54
N LYS C 133 -48.33 1.21 14.64
CA LYS C 133 -47.88 0.39 13.50
C LYS C 133 -47.23 -0.89 14.00
N ALA C 134 -46.27 -0.73 14.91
CA ALA C 134 -45.56 -1.86 15.48
C ALA C 134 -46.52 -2.87 16.10
N GLU C 135 -47.48 -2.36 16.87
CA GLU C 135 -48.49 -3.21 17.52
C GLU C 135 -49.30 -4.02 16.51
N ILE C 136 -49.81 -3.35 15.48
CA ILE C 136 -50.63 -4.01 14.45
C ILE C 136 -49.84 -5.11 13.73
N ILE C 137 -48.57 -4.84 13.44
CA ILE C 137 -47.74 -5.80 12.71
C ILE C 137 -47.23 -6.92 13.59
N ASN C 138 -46.86 -6.59 14.83
CA ASN C 138 -46.35 -7.59 15.76
C ASN C 138 -47.44 -8.56 16.24
N GLU C 139 -48.62 -8.02 16.52
CA GLU C 139 -49.79 -8.84 16.87
C GLU C 139 -50.01 -9.94 15.82
N ILE C 140 -49.81 -9.61 14.55
CA ILE C 140 -49.91 -10.60 13.47
C ILE C 140 -48.74 -11.57 13.50
N TYR C 141 -47.52 -11.06 13.68
CA TYR C 141 -46.35 -11.92 13.81
C TYR C 141 -46.47 -12.94 14.95
N LEU C 142 -47.15 -12.55 16.03
CA LEU C 142 -47.34 -13.45 17.17
C LEU C 142 -48.53 -14.38 16.98
N ASN C 143 -49.67 -13.85 16.53
CA ASN C 143 -50.93 -14.59 16.51
C ASN C 143 -51.46 -14.99 15.13
N GLY C 144 -50.86 -14.46 14.06
CA GLY C 144 -51.39 -14.66 12.71
C GLY C 144 -51.09 -16.02 12.09
N THR C 145 -51.70 -16.26 10.94
CA THR C 145 -51.41 -17.45 10.14
C THR C 145 -50.15 -17.22 9.29
N ALA C 146 -49.57 -18.29 8.78
CA ALA C 146 -48.39 -18.20 7.92
C ALA C 146 -48.55 -17.12 6.85
N LEU C 147 -49.65 -17.18 6.11
CA LEU C 147 -49.86 -16.26 4.99
C LEU C 147 -50.10 -14.82 5.46
N GLU C 148 -50.84 -14.65 6.55
CA GLU C 148 -51.07 -13.32 7.14
C GLU C 148 -49.77 -12.60 7.48
N LYS C 149 -48.81 -13.33 8.03
CA LYS C 149 -47.53 -12.75 8.46
C LYS C 149 -46.68 -12.34 7.27
N LYS C 150 -46.64 -13.18 6.23
CA LYS C 150 -45.91 -12.88 5.00
C LYS C 150 -46.44 -11.61 4.33
N ILE C 151 -47.76 -11.46 4.30
CA ILE C 151 -48.39 -10.24 3.79
C ILE C 151 -47.88 -9.04 4.57
N ALA C 152 -47.82 -9.18 5.90
CA ALA C 152 -47.46 -8.07 6.78
C ALA C 152 -45.99 -7.66 6.62
N SER C 153 -45.10 -8.65 6.51
CA SER C 153 -43.68 -8.40 6.31
C SER C 153 -43.44 -7.64 5.02
N VAL C 154 -44.13 -8.05 3.96
CA VAL C 154 -44.00 -7.43 2.64
C VAL C 154 -44.58 -6.02 2.63
N PHE C 155 -45.76 -5.84 3.23
CA PHE C 155 -46.37 -4.51 3.35
C PHE C 155 -45.49 -3.54 4.14
N LEU C 156 -44.80 -4.05 5.15
CA LEU C 156 -44.00 -3.23 6.03
C LEU C 156 -42.77 -2.64 5.34
N GLU C 157 -42.02 -3.48 4.63
CA GLU C 157 -40.74 -3.05 4.04
C GLU C 157 -40.74 -2.78 2.53
N THR C 158 -41.73 -3.28 1.79
CA THR C 158 -41.82 -3.00 0.36
C THR C 158 -42.76 -1.82 0.09
N PHE C 159 -43.53 -1.43 1.10
CA PHE C 159 -44.55 -0.43 0.96
C PHE C 159 -44.44 0.66 2.04
N LEU C 160 -44.67 0.29 3.30
CA LEU C 160 -44.75 1.29 4.39
C LEU C 160 -43.44 2.04 4.62
N PHE C 161 -42.31 1.33 4.58
CA PHE C 161 -40.99 1.95 4.77
C PHE C 161 -40.71 3.18 3.89
N TYR C 162 -41.43 3.31 2.77
CA TYR C 162 -41.17 4.36 1.80
C TYR C 162 -41.69 5.75 2.17
N SER C 163 -42.51 5.84 3.21
CA SER C 163 -42.82 7.13 3.83
C SER C 163 -41.52 7.75 4.39
N GLY C 164 -40.59 6.88 4.80
CA GLY C 164 -39.28 7.28 5.29
C GLY C 164 -38.25 7.42 4.19
N PHE C 165 -38.09 6.38 3.37
CA PHE C 165 -37.07 6.38 2.32
C PHE C 165 -37.18 7.60 1.41
N PHE C 166 -38.40 8.11 1.21
CA PHE C 166 -38.61 9.31 0.40
C PHE C 166 -37.56 10.41 0.66
N THR C 167 -37.28 10.68 1.93
CA THR C 167 -36.46 11.82 2.33
C THR C 167 -34.99 11.71 1.89
N PRO C 168 -34.31 10.60 2.22
CA PRO C 168 -32.93 10.47 1.77
C PRO C 168 -32.79 10.31 0.25
N LEU C 169 -33.79 9.71 -0.38
CA LEU C 169 -33.82 9.61 -1.84
C LEU C 169 -34.00 10.98 -2.49
N TYR C 170 -34.81 11.83 -1.87
CA TYR C 170 -34.97 13.20 -2.35
C TYR C 170 -33.65 13.96 -2.32
N TYR C 171 -32.91 13.85 -1.21
CA TYR C 171 -31.66 14.56 -1.07
C TYR C 171 -30.60 14.02 -2.04
N LEU C 172 -30.55 12.70 -2.21
CA LEU C 172 -29.62 12.07 -3.15
C LEU C 172 -29.85 12.60 -4.56
N GLY C 173 -31.12 12.79 -4.91
CA GLY C 173 -31.50 13.33 -6.22
C GLY C 173 -31.00 14.75 -6.45
N ASN C 174 -31.08 15.58 -5.41
CA ASN C 174 -30.46 16.92 -5.44
C ASN C 174 -28.95 16.87 -5.17
N ASN C 175 -28.39 15.66 -5.12
CA ASN C 175 -26.96 15.43 -4.95
C ASN C 175 -26.44 15.92 -3.59
N LYS C 176 -27.16 15.54 -2.53
CA LYS C 176 -26.85 15.92 -1.15
C LYS C 176 -27.01 14.72 -0.22
N LEU C 177 -26.22 14.69 0.85
CA LEU C 177 -26.20 13.55 1.79
C LEU C 177 -26.07 12.21 1.06
N ALA C 178 -25.07 12.11 0.18
CA ALA C 178 -24.91 10.97 -0.72
C ALA C 178 -24.43 9.70 -0.02
N ASN C 179 -23.66 9.86 1.06
CA ASN C 179 -23.20 8.73 1.85
C ASN C 179 -24.27 8.23 2.81
N VAL C 180 -24.99 9.16 3.43
CA VAL C 180 -26.16 8.81 4.24
C VAL C 180 -27.14 8.03 3.36
N ALA C 181 -27.32 8.50 2.13
CA ALA C 181 -28.21 7.85 1.17
C ALA C 181 -27.67 6.49 0.71
N GLU C 182 -26.35 6.34 0.67
CA GLU C 182 -25.72 5.09 0.23
C GLU C 182 -26.19 3.93 1.09
N ILE C 183 -26.31 4.17 2.40
CA ILE C 183 -26.79 3.18 3.35
C ILE C 183 -28.23 2.83 3.03
N ILE C 184 -29.06 3.85 2.91
CA ILE C 184 -30.47 3.68 2.59
C ILE C 184 -30.60 2.92 1.27
N LYS C 185 -29.73 3.27 0.33
CA LYS C 185 -29.68 2.63 -0.97
C LYS C 185 -29.24 1.16 -0.87
N LEU C 186 -28.36 0.86 0.07
CA LEU C 186 -27.96 -0.53 0.33
C LEU C 186 -29.06 -1.31 1.07
N ILE C 187 -29.83 -0.62 1.90
CA ILE C 187 -30.96 -1.24 2.61
C ILE C 187 -32.06 -1.57 1.61
N ILE C 188 -32.40 -0.60 0.77
CA ILE C 188 -33.36 -0.79 -0.32
C ILE C 188 -33.00 -1.97 -1.21
N ARG C 189 -31.71 -2.09 -1.53
CA ARG C 189 -31.23 -3.22 -2.34
C ARG C 189 -31.50 -4.58 -1.68
N ASP C 190 -31.43 -4.66 -0.36
CA ASP C 190 -31.78 -5.89 0.35
C ASP C 190 -33.30 -6.07 0.38
N GLU C 191 -34.00 -5.02 0.80
CA GLU C 191 -35.43 -5.11 1.08
C GLU C 191 -36.29 -5.38 -0.13
N SER C 192 -35.82 -5.01 -1.32
CA SER C 192 -36.55 -5.31 -2.55
C SER C 192 -36.47 -6.81 -2.86
N VAL C 193 -35.31 -7.42 -2.61
CA VAL C 193 -35.14 -8.87 -2.79
C VAL C 193 -35.87 -9.64 -1.70
N HIS C 194 -35.93 -9.08 -0.50
CA HIS C 194 -36.72 -9.66 0.60
C HIS C 194 -38.19 -9.78 0.21
N GLY C 195 -38.72 -8.72 -0.39
CA GLY C 195 -40.13 -8.67 -0.79
C GLY C 195 -40.44 -9.68 -1.88
N THR C 196 -39.60 -9.71 -2.92
CA THR C 196 -39.71 -10.69 -3.99
C THR C 196 -39.73 -12.11 -3.43
N TYR C 197 -38.82 -12.38 -2.50
CA TYR C 197 -38.63 -13.73 -1.99
C TYR C 197 -39.81 -14.16 -1.12
N ILE C 198 -40.13 -13.33 -0.13
CA ILE C 198 -41.22 -13.62 0.79
C ILE C 198 -42.54 -13.60 0.05
N GLY C 199 -42.66 -12.72 -0.94
CA GLY C 199 -43.83 -12.65 -1.78
C GLY C 199 -44.01 -13.88 -2.66
N TYR C 200 -42.89 -14.43 -3.13
CA TYR C 200 -42.91 -15.67 -3.92
C TYR C 200 -43.33 -16.87 -3.08
N LYS C 201 -42.84 -16.94 -1.85
CA LYS C 201 -43.19 -18.03 -0.93
C LYS C 201 -44.65 -17.96 -0.50
N PHE C 202 -45.16 -16.74 -0.34
CA PHE C 202 -46.59 -16.51 -0.12
C PHE C 202 -47.41 -17.06 -1.28
N GLN C 203 -46.97 -16.78 -2.51
CA GLN C 203 -47.69 -17.18 -3.72
C GLN C 203 -47.82 -18.70 -3.86
N LEU C 204 -46.72 -19.42 -3.63
CA LEU C 204 -46.74 -20.89 -3.70
C LEU C 204 -47.82 -21.46 -2.80
N ALA C 205 -47.85 -21.00 -1.55
CA ALA C 205 -48.83 -21.48 -0.58
C ALA C 205 -50.23 -20.93 -0.84
N PHE C 206 -50.30 -19.72 -1.38
CA PHE C 206 -51.59 -19.09 -1.68
C PHE C 206 -52.34 -19.85 -2.75
N ASN C 207 -51.61 -20.32 -3.76
CA ASN C 207 -52.19 -21.06 -4.87
C ASN C 207 -52.62 -22.48 -4.47
N GLU C 208 -52.06 -22.98 -3.37
CA GLU C 208 -52.48 -24.26 -2.80
C GLU C 208 -53.82 -24.14 -2.06
N LEU C 209 -54.17 -22.93 -1.65
CA LEU C 209 -55.46 -22.70 -0.99
C LEU C 209 -56.63 -22.88 -1.95
N PRO C 210 -57.80 -23.28 -1.42
CA PRO C 210 -59.01 -23.29 -2.23
C PRO C 210 -59.50 -21.88 -2.51
N GLU C 211 -60.24 -21.70 -3.60
CA GLU C 211 -60.73 -20.39 -4.03
C GLU C 211 -61.51 -19.64 -2.94
N ASP C 212 -62.24 -20.37 -2.11
CA ASP C 212 -63.08 -19.77 -1.07
C ASP C 212 -62.23 -19.04 -0.01
N GLU C 213 -61.11 -19.65 0.36
CA GLU C 213 -60.19 -19.05 1.32
C GLU C 213 -59.25 -18.05 0.65
N GLN C 214 -58.95 -18.26 -0.62
CA GLN C 214 -58.18 -17.30 -1.40
C GLN C 214 -58.84 -15.91 -1.41
N GLU C 215 -60.17 -15.87 -1.50
CA GLU C 215 -60.89 -14.59 -1.53
C GLU C 215 -61.03 -13.98 -0.15
N LYS C 216 -61.32 -14.80 0.87
CA LYS C 216 -61.39 -14.32 2.26
C LYS C 216 -60.06 -13.71 2.71
N LEU C 217 -58.96 -14.28 2.23
CA LEU C 217 -57.63 -13.77 2.53
C LEU C 217 -57.38 -12.45 1.79
N LYS C 218 -57.85 -12.38 0.53
CA LYS C 218 -57.80 -11.14 -0.23
C LYS C 218 -58.60 -10.02 0.44
N GLU C 219 -59.73 -10.38 1.05
CA GLU C 219 -60.49 -9.41 1.85
C GLU C 219 -59.63 -8.88 2.99
N TRP C 220 -59.16 -9.80 3.84
CA TRP C 220 -58.28 -9.46 4.97
C TRP C 220 -57.11 -8.58 4.54
N MET C 221 -56.48 -9.01 3.46
CA MET C 221 -55.31 -8.34 2.89
C MET C 221 -55.60 -6.90 2.45
N TYR C 222 -56.77 -6.68 1.86
CA TYR C 222 -57.22 -5.35 1.46
C TYR C 222 -57.51 -4.47 2.68
N ASP C 223 -58.06 -5.07 3.72
CA ASP C 223 -58.41 -4.34 4.95
C ASP C 223 -57.16 -3.92 5.75
N LEU C 224 -56.14 -4.78 5.78
CA LEU C 224 -54.89 -4.46 6.49
C LEU C 224 -54.10 -3.39 5.72
N LEU C 225 -54.11 -3.48 4.39
CA LEU C 225 -53.44 -2.48 3.55
C LEU C 225 -54.03 -1.09 3.83
N TYR C 226 -55.35 -1.00 3.88
CA TYR C 226 -56.00 0.30 4.10
C TYR C 226 -55.90 0.77 5.55
N THR C 227 -55.93 -0.16 6.50
CA THR C 227 -55.69 0.17 7.91
C THR C 227 -54.29 0.77 8.09
N LEU C 228 -53.28 0.08 7.59
CA LEU C 228 -51.91 0.55 7.65
C LEU C 228 -51.70 1.83 6.84
N TYR C 229 -52.25 1.87 5.63
CA TYR C 229 -52.15 3.06 4.78
C TYR C 229 -52.74 4.30 5.48
N GLU C 230 -53.91 4.13 6.10
CA GLU C 230 -54.58 5.24 6.79
C GLU C 230 -53.75 5.81 7.93
N ASN C 231 -53.25 4.93 8.80
CA ASN C 231 -52.37 5.36 9.89
C ASN C 231 -51.10 6.01 9.32
N GLU C 232 -50.59 5.46 8.23
CA GLU C 232 -49.37 6.00 7.59
C GLU C 232 -49.58 7.40 7.01
N GLU C 233 -50.83 7.71 6.64
CA GLU C 233 -51.20 9.06 6.20
C GLU C 233 -51.05 10.03 7.36
N GLY C 234 -51.59 9.66 8.52
CA GLY C 234 -51.46 10.46 9.72
C GLY C 234 -50.00 10.70 10.11
N TYR C 235 -49.16 9.70 9.89
CA TYR C 235 -47.73 9.80 10.19
C TYR C 235 -47.00 10.68 9.20
N THR C 236 -47.33 10.52 7.92
CA THR C 236 -46.74 11.31 6.85
C THR C 236 -47.07 12.79 7.05
N GLU C 237 -48.32 13.09 7.36
CA GLU C 237 -48.73 14.46 7.68
C GLU C 237 -48.01 14.98 8.92
N SER C 238 -47.81 14.08 9.89
CA SER C 238 -47.09 14.38 11.12
C SER C 238 -45.68 14.94 10.83
N LEU C 239 -45.00 14.36 9.84
CA LEU C 239 -43.61 14.71 9.52
C LEU C 239 -43.47 15.77 8.44
N TYR C 240 -44.22 15.62 7.36
CA TYR C 240 -43.95 16.32 6.11
C TYR C 240 -44.80 17.57 5.86
N ASP C 241 -45.82 17.83 6.68
CA ASP C 241 -46.66 19.02 6.48
C ASP C 241 -45.85 20.32 6.56
N THR C 242 -45.05 20.49 7.61
CA THR C 242 -44.30 21.74 7.82
C THR C 242 -43.23 22.01 6.77
N VAL C 243 -42.90 20.97 6.00
CA VAL C 243 -41.91 21.07 4.94
C VAL C 243 -42.62 21.12 3.57
N GLY C 244 -43.84 20.61 3.50
CA GLY C 244 -44.70 20.74 2.32
C GLY C 244 -44.67 19.58 1.33
N TRP C 245 -44.13 18.42 1.72
CA TRP C 245 -43.97 17.28 0.81
C TRP C 245 -45.05 16.20 0.94
N THR C 246 -46.05 16.43 1.80
CA THR C 246 -47.02 15.41 2.17
C THR C 246 -47.63 14.65 0.98
N GLU C 247 -48.24 15.39 0.04
CA GLU C 247 -48.94 14.74 -1.06
C GLU C 247 -47.98 13.94 -1.95
N GLU C 248 -46.80 14.48 -2.19
CA GLU C 248 -45.82 13.76 -3.00
C GLU C 248 -45.31 12.47 -2.33
N VAL C 249 -45.25 12.47 -0.99
CA VAL C 249 -44.91 11.26 -0.23
C VAL C 249 -46.04 10.26 -0.39
N LYS C 250 -47.27 10.71 -0.14
CA LYS C 250 -48.46 9.88 -0.32
C LYS C 250 -48.52 9.22 -1.71
N THR C 251 -48.15 9.98 -2.74
CA THR C 251 -48.09 9.42 -4.08
C THR C 251 -47.04 8.32 -4.11
N PHE C 252 -45.91 8.57 -3.47
CA PHE C 252 -44.82 7.61 -3.40
C PHE C 252 -45.27 6.35 -2.65
N LEU C 253 -46.02 6.55 -1.57
CA LEU C 253 -46.62 5.45 -0.80
C LEU C 253 -47.48 4.53 -1.66
N ARG C 254 -48.40 5.11 -2.43
CA ARG C 254 -49.32 4.33 -3.25
C ARG C 254 -48.56 3.61 -4.37
N TYR C 255 -47.56 4.27 -4.94
CA TYR C 255 -46.70 3.67 -5.97
C TYR C 255 -46.04 2.38 -5.46
N ASN C 256 -45.51 2.42 -4.25
CA ASN C 256 -44.87 1.26 -3.61
C ASN C 256 -45.86 0.24 -3.05
N ALA C 257 -47.09 0.67 -2.80
CA ALA C 257 -48.15 -0.24 -2.37
C ALA C 257 -48.50 -1.21 -3.51
N ASN C 258 -48.50 -0.70 -4.73
CA ASN C 258 -48.68 -1.54 -5.92
C ASN C 258 -47.59 -2.58 -6.04
N LYS C 259 -46.36 -2.21 -5.70
CA LYS C 259 -45.23 -3.14 -5.77
C LYS C 259 -45.34 -4.23 -4.73
N ALA C 260 -45.82 -3.88 -3.53
CA ALA C 260 -46.02 -4.86 -2.47
C ALA C 260 -47.06 -5.89 -2.90
N LEU C 261 -48.17 -5.40 -3.45
CA LEU C 261 -49.21 -6.26 -4.02
C LEU C 261 -48.67 -7.11 -5.17
N MET C 262 -47.86 -6.50 -6.02
CA MET C 262 -47.19 -7.20 -7.13
C MET C 262 -46.41 -8.42 -6.63
N ASN C 263 -45.59 -8.23 -5.58
CA ASN C 263 -44.79 -9.31 -5.00
C ASN C 263 -45.62 -10.46 -4.43
N LEU C 264 -46.83 -10.15 -3.98
CA LEU C 264 -47.73 -11.15 -3.43
C LEU C 264 -48.61 -11.77 -4.53
N GLY C 265 -48.29 -11.49 -5.79
CA GLY C 265 -49.00 -12.06 -6.93
C GLY C 265 -50.38 -11.49 -7.15
N GLN C 266 -50.56 -10.21 -6.79
CA GLN C 266 -51.85 -9.54 -6.84
C GLN C 266 -51.81 -8.34 -7.76
N ASP C 267 -52.98 -7.95 -8.27
CA ASP C 267 -53.08 -6.81 -9.17
C ASP C 267 -52.86 -5.49 -8.40
N PRO C 268 -52.43 -4.43 -9.12
CA PRO C 268 -52.32 -3.11 -8.50
C PRO C 268 -53.66 -2.61 -7.97
N LEU C 269 -53.59 -1.72 -6.98
CA LEU C 269 -54.76 -1.16 -6.33
C LEU C 269 -54.92 0.31 -6.69
N PHE C 270 -53.81 1.04 -6.80
CA PHE C 270 -53.80 2.47 -7.08
C PHE C 270 -53.30 2.74 -8.50
N PRO C 271 -53.69 3.89 -9.07
CA PRO C 271 -53.21 4.24 -10.41
C PRO C 271 -51.79 4.80 -10.43
N ASP C 272 -51.26 5.19 -9.27
CA ASP C 272 -49.98 5.91 -9.22
C ASP C 272 -48.84 5.15 -9.91
N SER C 273 -48.08 5.88 -10.71
CA SER C 273 -47.04 5.30 -11.55
C SER C 273 -45.71 5.98 -11.25
N ALA C 274 -44.62 5.44 -11.78
CA ALA C 274 -43.29 6.05 -11.63
C ALA C 274 -43.29 7.50 -12.12
N ASP C 275 -44.03 7.77 -13.19
CA ASP C 275 -44.14 9.12 -13.77
C ASP C 275 -44.84 10.13 -12.86
N ASP C 276 -45.64 9.63 -11.93
CA ASP C 276 -46.39 10.48 -10.99
C ASP C 276 -45.58 10.86 -9.76
N VAL C 277 -44.52 10.12 -9.49
CA VAL C 277 -43.67 10.38 -8.32
C VAL C 277 -42.74 11.56 -8.64
N ASN C 278 -42.45 12.36 -7.61
CA ASN C 278 -41.52 13.48 -7.74
C ASN C 278 -40.26 13.04 -8.48
N PRO C 279 -39.88 13.78 -9.54
CA PRO C 279 -38.83 13.27 -10.43
C PRO C 279 -37.44 13.21 -9.76
N ILE C 280 -37.18 14.11 -8.84
CA ILE C 280 -35.92 14.15 -8.10
C ILE C 280 -35.76 12.88 -7.24
N VAL C 281 -36.84 12.50 -6.55
CA VAL C 281 -36.86 11.28 -5.75
C VAL C 281 -36.71 10.04 -6.62
N MET C 282 -37.35 10.06 -7.78
CA MET C 282 -37.27 8.94 -8.72
C MET C 282 -35.86 8.82 -9.27
N ASN C 283 -35.23 9.97 -9.52
CA ASN C 283 -33.83 10.03 -9.92
C ASN C 283 -32.92 9.42 -8.84
N GLY C 284 -33.23 9.71 -7.58
CA GLY C 284 -32.53 9.14 -6.44
C GLY C 284 -32.53 7.61 -6.42
N ILE C 285 -33.59 6.99 -6.92
CA ILE C 285 -33.68 5.53 -6.99
C ILE C 285 -32.84 4.97 -8.13
N SER C 286 -32.84 5.64 -9.28
CA SER C 286 -32.13 5.15 -10.47
C SER C 286 -30.60 5.18 -10.30
N THR D 3 -45.90 3.17 25.33
CA THR D 3 -44.76 2.56 24.58
C THR D 3 -44.89 1.02 24.45
N TYR D 4 -45.06 0.56 23.22
CA TYR D 4 -45.22 -0.86 22.93
C TYR D 4 -43.88 -1.53 22.62
N TYR D 5 -43.08 -0.89 21.76
CA TYR D 5 -41.84 -1.49 21.26
C TYR D 5 -40.72 -0.47 21.25
N LYS D 6 -39.50 -0.93 21.54
CA LYS D 6 -38.34 -0.05 21.64
C LYS D 6 -37.37 -0.24 20.47
N ALA D 7 -36.85 0.88 19.97
CA ALA D 7 -35.83 0.85 18.93
C ALA D 7 -34.44 0.53 19.53
N ILE D 8 -33.70 -0.33 18.85
CA ILE D 8 -32.35 -0.68 19.30
C ILE D 8 -31.41 0.50 19.06
N ASN D 9 -30.72 0.90 20.12
CA ASN D 9 -29.83 2.07 20.09
C ASN D 9 -28.40 1.64 20.38
N TRP D 10 -27.54 1.79 19.37
CA TRP D 10 -26.14 1.40 19.49
C TRP D 10 -25.25 2.48 20.14
N ASN D 11 -25.80 3.68 20.35
CA ASN D 11 -25.17 4.70 21.18
C ASN D 11 -25.77 4.74 22.58
N ALA D 12 -26.36 3.62 23.00
CA ALA D 12 -26.79 3.41 24.39
C ALA D 12 -26.54 1.95 24.75
N ILE D 13 -25.33 1.51 24.45
CA ILE D 13 -24.88 0.15 24.69
C ILE D 13 -24.89 -0.17 26.20
N GLU D 14 -25.31 -1.39 26.54
CA GLU D 14 -25.51 -1.81 27.95
C GLU D 14 -24.49 -2.86 28.42
N ASP D 15 -23.83 -3.52 27.47
CA ASP D 15 -22.71 -4.43 27.75
C ASP D 15 -21.72 -4.28 26.61
N VAL D 16 -20.50 -3.82 26.92
CA VAL D 16 -19.54 -3.46 25.87
C VAL D 16 -19.04 -4.67 25.07
N ILE D 17 -19.24 -5.87 25.61
CA ILE D 17 -18.79 -7.09 24.95
C ILE D 17 -19.73 -7.45 23.78
N ASP D 18 -20.99 -7.06 23.87
CA ASP D 18 -21.91 -7.14 22.72
C ASP D 18 -21.33 -6.34 21.57
N LYS D 19 -20.91 -5.12 21.88
CA LYS D 19 -20.31 -4.20 20.92
C LYS D 19 -19.08 -4.82 20.26
N SER D 20 -18.11 -5.24 21.06
CA SER D 20 -16.86 -5.79 20.53
C SER D 20 -17.05 -7.11 19.75
N THR D 21 -17.97 -7.96 20.22
CA THR D 21 -18.24 -9.22 19.55
C THR D 21 -18.97 -9.01 18.22
N TRP D 22 -19.82 -7.99 18.12
CA TRP D 22 -20.45 -7.64 16.85
C TRP D 22 -19.39 -7.14 15.88
N GLU D 23 -18.52 -6.25 16.36
CA GLU D 23 -17.43 -5.71 15.52
C GLU D 23 -16.60 -6.82 14.94
N LYS D 24 -16.22 -7.78 15.77
CA LYS D 24 -15.32 -8.85 15.36
C LYS D 24 -16.00 -9.88 14.45
N LEU D 25 -17.18 -10.34 14.87
CA LEU D 25 -17.90 -11.37 14.12
C LEU D 25 -18.34 -10.93 12.72
N THR D 26 -18.79 -9.69 12.59
CA THR D 26 -19.18 -9.16 11.28
C THR D 26 -17.97 -8.83 10.40
N GLU D 27 -16.87 -8.39 11.02
CA GLU D 27 -15.64 -8.09 10.29
C GLU D 27 -14.93 -9.37 9.82
N GLN D 28 -15.24 -10.49 10.45
CA GLN D 28 -14.73 -11.79 10.02
C GLN D 28 -15.57 -12.44 8.93
N PHE D 29 -16.60 -11.75 8.45
CA PHE D 29 -17.48 -12.26 7.40
C PHE D 29 -16.69 -12.92 6.26
N TRP D 30 -17.11 -14.11 5.86
CA TRP D 30 -16.46 -14.86 4.78
C TRP D 30 -17.44 -15.75 4.05
N LEU D 31 -17.19 -16.00 2.78
CA LEU D 31 -17.99 -16.93 1.98
C LEU D 31 -17.12 -18.02 1.38
N ASP D 32 -17.63 -19.26 1.45
CA ASP D 32 -16.99 -20.43 0.85
C ASP D 32 -16.70 -20.27 -0.64
N THR D 33 -17.58 -19.55 -1.33
CA THR D 33 -17.45 -19.31 -2.77
C THR D 33 -16.17 -18.53 -3.14
N ARG D 34 -15.67 -17.71 -2.21
CA ARG D 34 -14.42 -16.97 -2.42
C ARG D 34 -13.17 -17.85 -2.45
N ILE D 35 -13.23 -19.02 -1.81
CA ILE D 35 -12.06 -19.89 -1.65
C ILE D 35 -11.87 -20.81 -2.88
N PRO D 36 -10.65 -20.84 -3.45
CA PRO D 36 -10.38 -21.67 -4.62
C PRO D 36 -10.06 -23.12 -4.26
N LEU D 37 -11.11 -23.94 -4.08
CA LEU D 37 -10.95 -25.34 -3.70
C LEU D 37 -10.41 -26.20 -4.84
N SER D 38 -10.41 -25.67 -6.06
CA SER D 38 -9.92 -26.38 -7.24
C SER D 38 -8.46 -26.80 -7.13
N ASN D 39 -7.64 -26.00 -6.44
CA ASN D 39 -6.20 -26.26 -6.33
C ASN D 39 -5.87 -27.50 -5.49
N ASP D 40 -6.73 -27.83 -4.54
CA ASP D 40 -6.50 -28.97 -3.64
C ASP D 40 -6.78 -30.35 -4.26
N LEU D 41 -7.32 -30.36 -5.48
CA LEU D 41 -7.64 -31.62 -6.16
C LEU D 41 -6.40 -32.44 -6.51
N ASP D 42 -5.28 -31.76 -6.74
CA ASP D 42 -4.01 -32.44 -7.02
C ASP D 42 -3.59 -33.28 -5.81
N ASP D 43 -3.80 -32.74 -4.61
CA ASP D 43 -3.53 -33.47 -3.37
C ASP D 43 -4.59 -34.56 -3.14
N TRP D 44 -5.85 -34.19 -3.27
CA TRP D 44 -7.00 -35.06 -2.97
C TRP D 44 -6.90 -36.46 -3.57
N ARG D 45 -6.65 -36.52 -4.88
CA ARG D 45 -6.59 -37.80 -5.59
C ARG D 45 -5.51 -38.73 -5.05
N LYS D 46 -4.38 -38.15 -4.64
CA LYS D 46 -3.24 -38.94 -4.16
C LYS D 46 -3.49 -39.66 -2.82
N LEU D 47 -4.56 -39.27 -2.12
CA LEU D 47 -4.97 -40.00 -0.91
C LEU D 47 -5.66 -41.31 -1.28
N SER D 48 -5.60 -42.28 -0.37
CA SER D 48 -6.18 -43.60 -0.59
C SER D 48 -7.70 -43.58 -0.50
N HIS D 49 -8.33 -44.73 -0.73
CA HIS D 49 -9.79 -44.85 -0.64
C HIS D 49 -10.29 -44.84 0.80
N LYS D 50 -9.40 -45.15 1.75
CA LYS D 50 -9.76 -45.13 3.18
C LYS D 50 -9.49 -43.77 3.82
N GLU D 51 -8.65 -42.96 3.18
CA GLU D 51 -8.41 -41.58 3.60
C GLU D 51 -9.50 -40.65 3.06
N LYS D 52 -9.88 -40.86 1.80
CA LYS D 52 -10.98 -40.10 1.19
C LYS D 52 -12.31 -40.41 1.88
N ASP D 53 -12.51 -41.69 2.21
CA ASP D 53 -13.70 -42.13 2.94
C ASP D 53 -13.82 -41.44 4.29
N LEU D 54 -12.68 -41.31 4.98
CA LEU D 54 -12.64 -40.65 6.29
C LEU D 54 -13.08 -39.19 6.17
N VAL D 55 -12.45 -38.46 5.25
CA VAL D 55 -12.76 -37.05 5.00
C VAL D 55 -14.25 -36.86 4.74
N GLY D 56 -14.83 -37.74 3.92
CA GLY D 56 -16.27 -37.70 3.64
C GLY D 56 -17.12 -37.94 4.87
N LYS D 57 -16.69 -38.88 5.71
CA LYS D 57 -17.37 -39.17 6.97
C LYS D 57 -17.13 -38.09 8.02
N VAL D 58 -16.02 -37.36 7.91
CA VAL D 58 -15.69 -36.28 8.84
C VAL D 58 -16.56 -35.06 8.58
N PHE D 59 -16.47 -34.53 7.36
CA PHE D 59 -17.23 -33.33 6.98
C PHE D 59 -18.73 -33.57 7.00
N GLY D 60 -19.17 -34.81 6.79
CA GLY D 60 -20.58 -35.16 6.92
C GLY D 60 -21.09 -34.94 8.33
N GLY D 61 -20.32 -35.38 9.32
CA GLY D 61 -20.67 -35.21 10.73
C GLY D 61 -20.72 -33.75 11.18
N LEU D 62 -19.80 -32.94 10.65
CA LEU D 62 -19.79 -31.51 10.95
C LEU D 62 -20.97 -30.80 10.27
N THR D 63 -21.30 -31.22 9.06
CA THR D 63 -22.42 -30.67 8.30
C THR D 63 -23.75 -30.82 9.03
N LEU D 64 -23.92 -31.95 9.74
CA LEU D 64 -25.16 -32.21 10.48
C LEU D 64 -25.27 -31.32 11.71
N LEU D 65 -24.15 -31.15 12.41
CA LEU D 65 -24.14 -30.43 13.67
C LEU D 65 -24.20 -28.92 13.49
N ASP D 66 -23.61 -28.41 12.41
CA ASP D 66 -23.74 -27.00 12.07
C ASP D 66 -25.17 -26.65 11.66
N THR D 67 -25.83 -27.55 10.93
CA THR D 67 -27.25 -27.43 10.60
C THR D 67 -28.08 -27.24 11.87
N LEU D 68 -27.88 -28.13 12.83
CA LEU D 68 -28.58 -28.07 14.11
C LEU D 68 -28.44 -26.70 14.79
N GLN D 69 -27.25 -26.11 14.72
CA GLN D 69 -27.01 -24.82 15.34
C GLN D 69 -27.76 -23.69 14.64
N SER D 70 -27.77 -23.71 13.31
CA SER D 70 -28.44 -22.67 12.52
C SER D 70 -29.97 -22.75 12.61
N GLU D 71 -30.51 -23.96 12.62
CA GLU D 71 -31.96 -24.15 12.54
C GLU D 71 -32.67 -24.09 13.91
N SER D 72 -32.03 -24.60 14.96
CA SER D 72 -32.64 -24.60 16.30
C SER D 72 -31.70 -24.27 17.46
N GLY D 73 -30.38 -24.32 17.24
CA GLY D 73 -29.43 -24.00 18.28
C GLY D 73 -29.52 -22.56 18.74
N VAL D 74 -29.18 -21.65 17.82
CA VAL D 74 -29.15 -20.22 18.13
C VAL D 74 -30.57 -19.71 18.41
N ASP D 75 -31.54 -20.28 17.71
CA ASP D 75 -32.95 -20.03 17.96
C ASP D 75 -33.26 -20.17 19.45
N ALA D 76 -32.82 -21.28 20.04
CA ALA D 76 -33.07 -21.56 21.46
C ALA D 76 -32.33 -20.61 22.39
N LEU D 77 -31.13 -20.19 22.00
CA LEU D 77 -30.34 -19.26 22.81
C LEU D 77 -30.90 -17.84 22.75
N ARG D 78 -31.37 -17.43 21.58
CA ARG D 78 -32.00 -16.11 21.38
C ARG D 78 -33.02 -15.75 22.47
N LYS D 79 -33.76 -16.74 22.95
CA LYS D 79 -34.78 -16.53 23.98
C LYS D 79 -34.22 -15.87 25.25
N ASP D 80 -33.04 -16.29 25.69
CA ASP D 80 -32.51 -15.91 27.00
C ASP D 80 -31.53 -14.74 26.95
N VAL D 81 -31.75 -13.85 25.98
CA VAL D 81 -30.91 -12.67 25.72
C VAL D 81 -31.03 -11.64 26.85
N ARG D 82 -29.91 -11.03 27.21
CA ARG D 82 -29.89 -10.01 28.29
C ARG D 82 -30.04 -8.59 27.76
N THR D 83 -29.63 -8.36 26.52
CA THR D 83 -29.68 -7.05 25.89
C THR D 83 -30.15 -7.18 24.45
N ALA D 84 -30.70 -6.10 23.91
CA ALA D 84 -31.11 -6.08 22.50
C ALA D 84 -29.93 -6.36 21.57
N HIS D 85 -28.75 -5.89 21.96
CA HIS D 85 -27.55 -5.98 21.11
C HIS D 85 -27.02 -7.43 21.07
N GLU D 86 -27.19 -8.15 22.18
CA GLU D 86 -26.87 -9.57 22.23
C GLU D 86 -27.71 -10.33 21.21
N GLU D 87 -28.98 -10.00 21.14
CA GLU D 87 -29.87 -10.62 20.15
C GLU D 87 -29.35 -10.35 18.74
N ALA D 88 -28.86 -9.13 18.51
CA ALA D 88 -28.25 -8.78 17.23
C ALA D 88 -27.04 -9.66 16.93
N VAL D 89 -26.14 -9.81 17.91
CA VAL D 89 -24.97 -10.68 17.75
C VAL D 89 -25.40 -12.11 17.41
N PHE D 90 -26.42 -12.61 18.09
CA PHE D 90 -26.94 -13.96 17.81
C PHE D 90 -27.57 -14.09 16.44
N ASN D 91 -28.13 -13.01 15.90
CA ASN D 91 -28.63 -13.05 14.53
C ASN D 91 -27.46 -13.32 13.60
N ASN D 92 -26.40 -12.52 13.73
CA ASN D 92 -25.19 -12.73 12.94
C ASN D 92 -24.65 -14.16 13.07
N ILE D 93 -24.55 -14.63 14.31
CA ILE D 93 -24.08 -15.98 14.60
C ILE D 93 -24.94 -17.01 13.86
N GLN D 94 -26.27 -16.89 13.98
CA GLN D 94 -27.19 -17.84 13.32
C GLN D 94 -26.99 -17.87 11.80
N PHE D 95 -26.77 -16.70 11.22
CA PHE D 95 -26.45 -16.62 9.79
C PHE D 95 -25.14 -17.33 9.46
N MET D 96 -24.13 -17.13 10.30
CA MET D 96 -22.81 -17.72 10.05
C MET D 96 -22.84 -19.24 10.19
N GLU D 97 -23.64 -19.75 11.12
CA GLU D 97 -23.80 -21.19 11.27
C GLU D 97 -24.36 -21.79 9.98
N SER D 98 -25.19 -21.02 9.26
CA SER D 98 -25.68 -21.44 7.94
C SER D 98 -24.54 -21.43 6.92
N VAL D 99 -23.66 -20.42 7.00
CA VAL D 99 -22.48 -20.36 6.15
C VAL D 99 -21.57 -21.58 6.38
N HIS D 100 -21.37 -21.94 7.65
CA HIS D 100 -20.56 -23.10 8.02
C HIS D 100 -21.11 -24.36 7.36
N ALA D 101 -22.39 -24.64 7.61
CA ALA D 101 -23.06 -25.81 7.05
C ALA D 101 -22.98 -25.90 5.53
N LYS D 102 -23.06 -24.75 4.86
CA LYS D 102 -23.01 -24.73 3.39
C LYS D 102 -21.60 -24.99 2.86
N SER D 103 -20.59 -24.56 3.61
CA SER D 103 -19.20 -24.66 3.13
C SER D 103 -18.77 -26.11 2.88
N TYR D 104 -19.33 -27.04 3.64
CA TYR D 104 -19.05 -28.46 3.45
C TYR D 104 -19.60 -28.96 2.11
N SER D 105 -20.82 -28.56 1.79
CA SER D 105 -21.43 -28.92 0.50
C SER D 105 -20.64 -28.37 -0.68
N SER D 106 -20.01 -27.20 -0.49
CA SER D 106 -19.10 -26.66 -1.50
C SER D 106 -17.80 -27.46 -1.59
N ILE D 107 -17.35 -27.99 -0.45
CA ILE D 107 -16.22 -28.91 -0.43
C ILE D 107 -16.57 -30.16 -1.23
N PHE D 108 -17.76 -30.70 -1.01
CA PHE D 108 -18.19 -31.91 -1.71
C PHE D 108 -18.32 -31.70 -3.22
N SER D 109 -18.81 -30.53 -3.61
CA SER D 109 -18.97 -30.18 -5.02
C SER D 109 -17.65 -30.27 -5.79
N THR D 110 -16.55 -29.86 -5.16
CA THR D 110 -15.22 -29.91 -5.76
C THR D 110 -14.61 -31.30 -5.64
N LEU D 111 -14.60 -31.84 -4.43
CA LEU D 111 -13.94 -33.13 -4.16
C LEU D 111 -14.69 -34.33 -4.72
N ASN D 112 -15.97 -34.45 -4.37
CA ASN D 112 -16.75 -35.65 -4.63
C ASN D 112 -17.58 -35.61 -5.91
N THR D 113 -17.93 -36.80 -6.40
CA THR D 113 -18.94 -36.96 -7.44
C THR D 113 -20.31 -37.07 -6.77
N LYS D 114 -21.38 -36.93 -7.57
CA LYS D 114 -22.75 -36.95 -7.08
C LYS D 114 -23.09 -38.19 -6.23
N SER D 115 -22.65 -39.36 -6.69
CA SER D 115 -22.97 -40.63 -6.02
C SER D 115 -22.38 -40.71 -4.60
N GLU D 116 -21.19 -40.16 -4.44
CA GLU D 116 -20.50 -40.16 -3.14
C GLU D 116 -21.17 -39.19 -2.16
N ILE D 117 -21.57 -38.02 -2.65
CA ILE D 117 -22.32 -37.06 -1.84
C ILE D 117 -23.57 -37.72 -1.26
N ASP D 118 -24.38 -38.31 -2.16
CA ASP D 118 -25.60 -39.01 -1.75
C ASP D 118 -25.34 -40.07 -0.69
N GLU D 119 -24.24 -40.79 -0.84
CA GLU D 119 -23.86 -41.84 0.12
C GLU D 119 -23.25 -41.28 1.40
N ILE D 120 -22.57 -40.13 1.31
CA ILE D 120 -22.07 -39.44 2.50
C ILE D 120 -23.25 -38.95 3.35
N PHE D 121 -24.25 -38.37 2.70
CA PHE D 121 -25.46 -37.92 3.40
C PHE D 121 -26.32 -39.09 3.85
N ALA D 122 -26.37 -40.16 3.06
CA ALA D 122 -27.06 -41.38 3.46
C ALA D 122 -26.41 -41.97 4.71
N TRP D 123 -25.08 -41.93 4.73
CA TRP D 123 -24.29 -42.37 5.89
C TRP D 123 -24.52 -41.47 7.10
N THR D 124 -24.61 -40.17 6.87
CA THR D 124 -24.70 -39.18 7.95
C THR D 124 -26.06 -39.17 8.65
N ASN D 125 -27.14 -39.19 7.86
CA ASN D 125 -28.49 -39.10 8.41
C ASN D 125 -28.94 -40.35 9.17
N THR D 126 -28.26 -41.48 8.94
CA THR D 126 -28.61 -42.75 9.59
C THR D 126 -27.66 -43.16 10.73
N ASN D 127 -26.49 -42.53 10.80
CA ASN D 127 -25.47 -42.87 11.79
C ASN D 127 -25.97 -42.76 13.24
N PRO D 128 -25.85 -43.84 14.04
CA PRO D 128 -26.34 -43.79 15.42
C PRO D 128 -25.57 -42.80 16.32
N TYR D 129 -24.26 -42.67 16.13
CA TYR D 129 -23.44 -41.78 16.96
C TYR D 129 -23.83 -40.32 16.76
N LEU D 130 -23.93 -39.91 15.51
CA LEU D 130 -24.28 -38.54 15.15
C LEU D 130 -25.73 -38.22 15.50
N GLN D 131 -26.63 -39.18 15.27
CA GLN D 131 -28.06 -38.97 15.51
C GLN D 131 -28.38 -38.89 17.00
N LYS D 132 -27.72 -39.71 17.80
CA LYS D 132 -27.86 -39.62 19.26
C LYS D 132 -27.34 -38.28 19.76
N LYS D 133 -26.12 -37.95 19.36
CA LYS D 133 -25.51 -36.65 19.66
C LYS D 133 -26.46 -35.51 19.30
N ALA D 134 -27.05 -35.60 18.11
CA ALA D 134 -28.02 -34.61 17.65
C ALA D 134 -29.24 -34.54 18.58
N GLU D 135 -29.72 -35.70 19.04
CA GLU D 135 -30.88 -35.75 19.92
C GLU D 135 -30.58 -35.20 21.31
N ILE D 136 -29.43 -35.59 21.87
CA ILE D 136 -29.05 -35.19 23.22
C ILE D 136 -29.04 -33.67 23.33
N ILE D 137 -28.33 -33.03 22.39
CA ILE D 137 -28.18 -31.58 22.39
C ILE D 137 -29.51 -30.89 22.09
N ASN D 138 -30.18 -31.32 21.02
CA ASN D 138 -31.41 -30.67 20.59
C ASN D 138 -32.53 -30.76 21.62
N GLU D 139 -32.58 -31.87 22.35
CA GLU D 139 -33.58 -32.05 23.42
C GLU D 139 -33.40 -30.99 24.50
N ILE D 140 -32.14 -30.67 24.80
CA ILE D 140 -31.80 -29.62 25.76
C ILE D 140 -32.17 -28.25 25.19
N TYR D 141 -31.90 -28.04 23.90
CA TYR D 141 -32.31 -26.80 23.21
C TYR D 141 -33.82 -26.55 23.25
N LEU D 142 -34.62 -27.61 23.35
CA LEU D 142 -36.08 -27.48 23.40
C LEU D 142 -36.64 -27.41 24.82
N ASN D 143 -35.98 -28.07 25.78
CA ASN D 143 -36.51 -28.23 27.13
C ASN D 143 -35.68 -27.63 28.27
N GLY D 144 -34.39 -27.44 28.04
CA GLY D 144 -33.48 -27.03 29.12
C GLY D 144 -33.65 -25.60 29.60
N THR D 145 -32.90 -25.28 30.67
CA THR D 145 -32.82 -23.90 31.16
C THR D 145 -31.91 -23.10 30.24
N ALA D 146 -31.83 -21.79 30.50
CA ALA D 146 -30.92 -20.91 29.76
C ALA D 146 -29.48 -21.37 29.93
N LEU D 147 -29.05 -21.54 31.18
CA LEU D 147 -27.69 -21.97 31.49
C LEU D 147 -27.36 -23.32 30.87
N GLU D 148 -28.32 -24.24 30.91
CA GLU D 148 -28.13 -25.59 30.37
C GLU D 148 -28.01 -25.56 28.85
N LYS D 149 -28.75 -24.66 28.21
CA LYS D 149 -28.69 -24.50 26.76
C LYS D 149 -27.34 -23.94 26.31
N LYS D 150 -26.84 -22.97 27.07
CA LYS D 150 -25.54 -22.38 26.78
C LYS D 150 -24.41 -23.38 26.97
N ILE D 151 -24.46 -24.15 28.06
CA ILE D 151 -23.47 -25.20 28.31
C ILE D 151 -23.39 -26.16 27.12
N ALA D 152 -24.54 -26.48 26.54
CA ALA D 152 -24.62 -27.43 25.44
C ALA D 152 -23.97 -26.91 24.16
N SER D 153 -24.18 -25.63 23.86
CA SER D 153 -23.64 -25.03 22.64
C SER D 153 -22.13 -24.92 22.71
N VAL D 154 -21.60 -24.58 23.88
CA VAL D 154 -20.16 -24.48 24.10
C VAL D 154 -19.53 -25.87 24.00
N PHE D 155 -20.15 -26.86 24.64
CA PHE D 155 -19.70 -28.25 24.51
C PHE D 155 -19.75 -28.75 23.07
N LEU D 156 -20.71 -28.27 22.28
CA LEU D 156 -20.86 -28.75 20.92
C LEU D 156 -19.70 -28.29 20.03
N GLU D 157 -19.51 -26.98 19.93
CA GLU D 157 -18.57 -26.43 18.93
C GLU D 157 -17.19 -26.06 19.48
N THR D 158 -17.05 -25.87 20.79
CA THR D 158 -15.74 -25.61 21.38
C THR D 158 -15.02 -26.92 21.74
N PHE D 159 -15.75 -28.03 21.73
CA PHE D 159 -15.27 -29.32 22.21
C PHE D 159 -15.54 -30.46 21.23
N LEU D 160 -16.80 -30.87 21.09
CA LEU D 160 -17.17 -32.04 20.28
C LEU D 160 -16.86 -31.93 18.79
N PHE D 161 -16.81 -30.70 18.28
CA PHE D 161 -16.47 -30.47 16.87
C PHE D 161 -15.03 -30.85 16.52
N TYR D 162 -14.17 -30.94 17.53
CA TYR D 162 -12.76 -31.25 17.32
C TYR D 162 -12.47 -32.74 17.12
N SER D 163 -13.47 -33.57 17.38
CA SER D 163 -13.42 -34.97 16.96
C SER D 163 -13.39 -35.05 15.43
N GLY D 164 -13.99 -34.04 14.78
CA GLY D 164 -13.98 -33.91 13.33
C GLY D 164 -12.87 -33.02 12.80
N PHE D 165 -12.62 -31.89 13.46
CA PHE D 165 -11.62 -30.91 13.00
C PHE D 165 -10.19 -31.46 12.95
N PHE D 166 -9.91 -32.50 13.73
CA PHE D 166 -8.56 -33.10 13.78
C PHE D 166 -8.04 -33.48 12.39
N THR D 167 -8.92 -34.05 11.56
CA THR D 167 -8.54 -34.58 10.26
C THR D 167 -8.02 -33.52 9.27
N PRO D 168 -8.82 -32.47 8.98
CA PRO D 168 -8.32 -31.42 8.07
C PRO D 168 -7.15 -30.61 8.63
N LEU D 169 -7.08 -30.48 9.95
CA LEU D 169 -5.95 -29.81 10.61
C LEU D 169 -4.64 -30.58 10.43
N TYR D 170 -4.73 -31.91 10.56
CA TYR D 170 -3.58 -32.79 10.37
C TYR D 170 -2.98 -32.64 8.97
N TYR D 171 -3.84 -32.65 7.95
CA TYR D 171 -3.39 -32.53 6.56
C TYR D 171 -2.72 -31.18 6.29
N LEU D 172 -3.29 -30.11 6.83
CA LEU D 172 -2.70 -28.77 6.73
C LEU D 172 -1.32 -28.73 7.39
N GLY D 173 -1.14 -29.54 8.43
CA GLY D 173 0.16 -29.70 9.10
C GLY D 173 1.26 -30.21 8.18
N ASN D 174 0.91 -31.10 7.27
CA ASN D 174 1.82 -31.57 6.22
C ASN D 174 1.73 -30.76 4.93
N ASN D 175 1.16 -29.55 5.03
CA ASN D 175 0.89 -28.70 3.86
C ASN D 175 0.09 -29.45 2.79
N LYS D 176 -1.08 -29.96 3.19
CA LYS D 176 -1.99 -30.66 2.29
C LYS D 176 -3.41 -30.12 2.46
N LEU D 177 -4.20 -30.12 1.38
CA LEU D 177 -5.58 -29.65 1.41
C LEU D 177 -5.70 -28.26 2.06
N ALA D 178 -4.89 -27.32 1.57
CA ALA D 178 -4.75 -26.00 2.20
C ALA D 178 -5.97 -25.11 2.05
N ASN D 179 -6.62 -25.18 0.88
CA ASN D 179 -7.84 -24.40 0.62
C ASN D 179 -9.06 -24.99 1.33
N VAL D 180 -9.16 -26.31 1.35
CA VAL D 180 -10.16 -27.00 2.17
C VAL D 180 -9.90 -26.68 3.65
N ALA D 181 -8.62 -26.63 4.02
CA ALA D 181 -8.23 -26.27 5.39
C ALA D 181 -8.59 -24.83 5.72
N GLU D 182 -8.39 -23.91 4.78
CA GLU D 182 -8.72 -22.49 4.98
C GLU D 182 -10.16 -22.26 5.44
N ILE D 183 -11.10 -23.01 4.88
CA ILE D 183 -12.51 -22.85 5.25
C ILE D 183 -12.80 -23.43 6.63
N ILE D 184 -12.04 -24.45 7.03
CA ILE D 184 -12.14 -25.01 8.37
C ILE D 184 -11.45 -24.07 9.36
N LYS D 185 -10.40 -23.40 8.89
CA LYS D 185 -9.72 -22.36 9.66
C LYS D 185 -10.67 -21.19 9.91
N LEU D 186 -11.40 -20.79 8.87
CA LEU D 186 -12.39 -19.71 8.98
C LEU D 186 -13.56 -20.09 9.88
N ILE D 187 -13.96 -21.37 9.86
CA ILE D 187 -15.01 -21.87 10.75
C ILE D 187 -14.56 -21.82 12.21
N ILE D 188 -13.33 -22.27 12.47
CA ILE D 188 -12.79 -22.30 13.83
C ILE D 188 -12.60 -20.88 14.36
N ARG D 189 -12.12 -19.98 13.49
CA ARG D 189 -11.95 -18.57 13.84
C ARG D 189 -13.26 -17.95 14.32
N ASP D 190 -14.38 -18.39 13.73
CA ASP D 190 -15.70 -17.94 14.15
C ASP D 190 -16.14 -18.62 15.44
N GLU D 191 -15.94 -19.94 15.50
CA GLU D 191 -16.44 -20.75 16.62
C GLU D 191 -15.69 -20.54 17.94
N SER D 192 -14.44 -20.11 17.89
CA SER D 192 -13.72 -19.78 19.12
C SER D 192 -14.31 -18.51 19.76
N VAL D 193 -14.84 -17.60 18.93
CA VAL D 193 -15.53 -16.41 19.42
C VAL D 193 -16.90 -16.79 19.96
N HIS D 194 -17.66 -17.57 19.19
CA HIS D 194 -18.98 -18.03 19.63
C HIS D 194 -18.89 -18.60 21.04
N GLY D 195 -17.91 -19.47 21.25
CA GLY D 195 -17.70 -20.11 22.56
C GLY D 195 -17.38 -19.12 23.66
N THR D 196 -16.47 -18.20 23.38
CA THR D 196 -16.09 -17.16 24.34
C THR D 196 -17.28 -16.26 24.69
N TYR D 197 -18.09 -15.92 23.69
CA TYR D 197 -19.22 -15.00 23.88
C TYR D 197 -20.37 -15.70 24.58
N ILE D 198 -20.77 -16.85 24.04
CA ILE D 198 -21.82 -17.65 24.67
C ILE D 198 -21.38 -17.99 26.08
N GLY D 199 -20.13 -18.42 26.24
CA GLY D 199 -19.55 -18.73 27.53
C GLY D 199 -19.49 -17.53 28.47
N TYR D 200 -19.20 -16.37 27.90
CA TYR D 200 -19.20 -15.12 28.68
C TYR D 200 -20.58 -14.81 29.28
N LYS D 201 -21.62 -14.99 28.46
CA LYS D 201 -22.99 -14.71 28.90
C LYS D 201 -23.43 -15.70 29.95
N PHE D 202 -23.01 -16.96 29.80
CA PHE D 202 -23.29 -18.00 30.80
C PHE D 202 -22.78 -17.60 32.19
N GLN D 203 -21.55 -17.08 32.23
CA GLN D 203 -20.90 -16.70 33.50
C GLN D 203 -21.59 -15.54 34.21
N LEU D 204 -22.16 -14.62 33.45
CA LEU D 204 -22.89 -13.49 34.03
C LEU D 204 -24.13 -13.98 34.79
N ALA D 205 -24.89 -14.88 34.17
CA ALA D 205 -26.10 -15.44 34.77
C ALA D 205 -25.78 -16.51 35.83
N PHE D 206 -24.68 -17.22 35.65
CA PHE D 206 -24.26 -18.23 36.62
C PHE D 206 -23.94 -17.59 37.97
N ASN D 207 -23.20 -16.50 37.94
CA ASN D 207 -22.79 -15.80 39.17
C ASN D 207 -23.96 -15.13 39.90
N GLU D 208 -25.06 -14.88 39.18
CA GLU D 208 -26.28 -14.31 39.77
C GLU D 208 -27.13 -15.34 40.52
N LEU D 209 -26.81 -16.63 40.34
CA LEU D 209 -27.47 -17.69 41.11
C LEU D 209 -26.89 -17.75 42.52
N PRO D 210 -27.65 -18.32 43.47
CA PRO D 210 -27.10 -18.63 44.80
C PRO D 210 -26.34 -19.94 44.74
N GLU D 211 -25.43 -20.15 45.69
CA GLU D 211 -24.60 -21.36 45.71
C GLU D 211 -25.43 -22.64 45.56
N ASP D 212 -26.60 -22.66 46.20
CA ASP D 212 -27.52 -23.79 46.12
C ASP D 212 -27.71 -24.30 44.67
N GLU D 213 -28.02 -23.39 43.75
CA GLU D 213 -28.27 -23.75 42.36
C GLU D 213 -27.00 -23.83 41.51
N GLN D 214 -25.94 -23.14 41.94
CA GLN D 214 -24.65 -23.21 41.24
C GLN D 214 -24.08 -24.62 41.27
N GLU D 215 -24.11 -25.25 42.46
CA GLU D 215 -23.62 -26.62 42.61
C GLU D 215 -24.45 -27.61 41.80
N LYS D 216 -25.78 -27.50 41.91
CA LYS D 216 -26.68 -28.39 41.17
C LYS D 216 -26.47 -28.30 39.67
N LEU D 217 -26.19 -27.10 39.18
CA LEU D 217 -25.91 -26.88 37.76
C LEU D 217 -24.55 -27.43 37.35
N LYS D 218 -23.54 -27.26 38.20
CA LYS D 218 -22.22 -27.85 37.98
C LYS D 218 -22.29 -29.37 37.90
N GLU D 219 -23.07 -29.97 38.79
CA GLU D 219 -23.25 -31.42 38.83
C GLU D 219 -23.82 -31.94 37.51
N TRP D 220 -24.92 -31.32 37.08
CA TRP D 220 -25.55 -31.63 35.80
C TRP D 220 -24.60 -31.43 34.63
N MET D 221 -23.79 -30.37 34.71
CA MET D 221 -22.86 -30.02 33.64
C MET D 221 -21.84 -31.13 33.40
N TYR D 222 -21.20 -31.59 34.48
CA TYR D 222 -20.22 -32.66 34.39
C TYR D 222 -20.87 -33.99 34.00
N ASP D 223 -22.01 -34.31 34.59
CA ASP D 223 -22.80 -35.47 34.18
C ASP D 223 -22.97 -35.48 32.66
N LEU D 224 -23.32 -34.33 32.09
CA LEU D 224 -23.47 -34.19 30.64
C LEU D 224 -22.13 -34.30 29.93
N LEU D 225 -21.10 -33.65 30.49
CA LEU D 225 -19.75 -33.67 29.91
C LEU D 225 -19.26 -35.11 29.73
N TYR D 226 -19.31 -35.91 30.79
CA TYR D 226 -18.84 -37.29 30.74
C TYR D 226 -19.62 -38.08 29.70
N THR D 227 -20.95 -37.97 29.73
CA THR D 227 -21.81 -38.65 28.77
C THR D 227 -21.35 -38.40 27.33
N LEU D 228 -21.21 -37.13 26.98
CA LEU D 228 -20.86 -36.74 25.61
C LEU D 228 -19.45 -37.16 25.21
N TYR D 229 -18.51 -37.08 26.15
CA TYR D 229 -17.13 -37.51 25.91
C TYR D 229 -17.09 -39.02 25.65
N GLU D 230 -17.71 -39.78 26.54
CA GLU D 230 -17.80 -41.23 26.43
C GLU D 230 -18.42 -41.64 25.09
N ASN D 231 -19.51 -40.96 24.73
CA ASN D 231 -20.17 -41.18 23.44
C ASN D 231 -19.26 -40.87 22.27
N GLU D 232 -18.48 -39.79 22.40
CA GLU D 232 -17.59 -39.36 21.33
C GLU D 232 -16.40 -40.31 21.14
N GLU D 233 -15.94 -40.94 22.23
CA GLU D 233 -14.88 -41.94 22.16
C GLU D 233 -15.28 -43.08 21.22
N GLY D 234 -16.55 -43.47 21.24
CA GLY D 234 -17.09 -44.44 20.31
C GLY D 234 -17.07 -43.95 18.87
N TYR D 235 -17.53 -42.72 18.65
CA TYR D 235 -17.55 -42.12 17.32
C TYR D 235 -16.14 -41.92 16.76
N THR D 236 -15.20 -41.55 17.63
CA THR D 236 -13.81 -41.40 17.24
C THR D 236 -13.22 -42.76 16.83
N GLU D 237 -13.61 -43.82 17.54
CA GLU D 237 -13.21 -45.18 17.19
C GLU D 237 -13.84 -45.60 15.85
N SER D 238 -15.13 -45.32 15.70
CA SER D 238 -15.87 -45.63 14.47
C SER D 238 -15.20 -45.08 13.20
N LEU D 239 -14.47 -43.97 13.32
CA LEU D 239 -13.83 -43.34 12.16
C LEU D 239 -12.33 -43.59 12.08
N TYR D 240 -11.62 -43.36 13.18
CA TYR D 240 -10.15 -43.28 13.16
C TYR D 240 -9.39 -44.60 13.39
N ASP D 241 -10.08 -45.64 13.89
CA ASP D 241 -9.41 -46.94 14.14
C ASP D 241 -8.78 -47.54 12.87
N THR D 242 -9.49 -47.42 11.74
CA THR D 242 -9.00 -47.95 10.47
C THR D 242 -7.70 -47.30 9.96
N VAL D 243 -7.36 -46.11 10.48
CA VAL D 243 -6.09 -45.45 10.18
C VAL D 243 -5.19 -45.23 11.41
N GLY D 244 -5.71 -45.56 12.59
CA GLY D 244 -4.91 -45.53 13.82
C GLY D 244 -4.59 -44.16 14.36
N TRP D 245 -5.55 -43.24 14.31
CA TRP D 245 -5.39 -41.91 14.90
C TRP D 245 -6.22 -41.74 16.18
N THR D 246 -6.97 -42.77 16.55
CA THR D 246 -7.96 -42.71 17.64
C THR D 246 -7.45 -42.07 18.94
N GLU D 247 -6.35 -42.58 19.47
CA GLU D 247 -5.82 -42.09 20.75
C GLU D 247 -5.29 -40.67 20.63
N GLU D 248 -4.68 -40.34 19.49
CA GLU D 248 -4.20 -38.99 19.23
C GLU D 248 -5.37 -38.00 19.13
N VAL D 249 -6.47 -38.45 18.54
CA VAL D 249 -7.70 -37.65 18.46
C VAL D 249 -8.32 -37.50 19.85
N LYS D 250 -8.32 -38.58 20.63
CA LYS D 250 -8.83 -38.56 22.01
C LYS D 250 -8.07 -37.55 22.87
N THR D 251 -6.76 -37.43 22.65
CA THR D 251 -5.94 -36.44 23.35
C THR D 251 -6.33 -35.03 22.92
N PHE D 252 -6.43 -34.82 21.62
CA PHE D 252 -6.89 -33.56 21.02
C PHE D 252 -8.27 -33.19 21.55
N LEU D 253 -9.11 -34.21 21.73
CA LEU D 253 -10.47 -34.04 22.22
C LEU D 253 -10.49 -33.59 23.68
N ARG D 254 -9.63 -34.17 24.50
CA ARG D 254 -9.48 -33.76 25.90
C ARG D 254 -8.91 -32.35 26.02
N TYR D 255 -7.96 -32.03 25.14
CA TYR D 255 -7.31 -30.70 25.13
C TYR D 255 -8.31 -29.58 24.86
N ASN D 256 -9.24 -29.81 23.94
CA ASN D 256 -10.27 -28.82 23.62
C ASN D 256 -11.47 -28.83 24.58
N ALA D 257 -11.68 -29.97 25.25
CA ALA D 257 -12.69 -30.05 26.31
C ALA D 257 -12.37 -29.07 27.43
N ASN D 258 -11.07 -28.91 27.71
CA ASN D 258 -10.62 -27.93 28.70
C ASN D 258 -10.92 -26.50 28.29
N LYS D 259 -10.82 -26.20 27.00
CA LYS D 259 -11.14 -24.87 26.48
C LYS D 259 -12.62 -24.54 26.64
N ALA D 260 -13.47 -25.54 26.43
CA ALA D 260 -14.91 -25.40 26.64
C ALA D 260 -15.23 -25.11 28.10
N LEU D 261 -14.52 -25.77 29.00
CA LEU D 261 -14.66 -25.52 30.44
C LEU D 261 -14.17 -24.12 30.82
N MET D 262 -13.08 -23.69 30.20
CA MET D 262 -12.49 -22.38 30.47
C MET D 262 -13.39 -21.26 29.98
N ASN D 263 -13.97 -21.43 28.80
CA ASN D 263 -14.95 -20.49 28.25
C ASN D 263 -16.14 -20.28 29.17
N LEU D 264 -16.59 -21.37 29.80
CA LEU D 264 -17.69 -21.32 30.76
C LEU D 264 -17.27 -20.85 32.16
N GLY D 265 -15.98 -20.55 32.33
CA GLY D 265 -15.46 -20.03 33.59
C GLY D 265 -15.10 -21.09 34.61
N GLN D 266 -14.89 -22.32 34.13
CA GLN D 266 -14.58 -23.45 35.00
C GLN D 266 -13.13 -23.88 34.84
N ASP D 267 -12.60 -24.51 35.88
CA ASP D 267 -11.24 -25.02 35.88
C ASP D 267 -11.12 -26.19 34.89
N PRO D 268 -9.93 -26.37 34.28
CA PRO D 268 -9.72 -27.52 33.40
C PRO D 268 -9.95 -28.86 34.09
N LEU D 269 -10.52 -29.82 33.37
CA LEU D 269 -10.76 -31.15 33.91
C LEU D 269 -9.55 -32.05 33.65
N PHE D 270 -9.20 -32.21 32.38
CA PHE D 270 -8.12 -33.10 31.97
C PHE D 270 -6.76 -32.44 32.14
N PRO D 271 -5.71 -33.25 32.38
CA PRO D 271 -4.34 -32.74 32.46
C PRO D 271 -3.67 -32.56 31.09
N ASP D 272 -4.36 -32.95 30.01
CA ASP D 272 -3.77 -32.96 28.67
C ASP D 272 -3.62 -31.53 28.12
N SER D 273 -2.37 -31.15 27.83
CA SER D 273 -2.06 -29.80 27.37
C SER D 273 -1.82 -29.79 25.85
N ALA D 274 -1.46 -28.62 25.32
CA ALA D 274 -1.08 -28.49 23.91
C ALA D 274 0.15 -29.34 23.57
N ASP D 275 1.03 -29.50 24.54
CA ASP D 275 2.24 -30.31 24.38
C ASP D 275 1.93 -31.79 24.15
N ASP D 276 0.86 -32.26 24.78
CA ASP D 276 0.45 -33.67 24.69
C ASP D 276 -0.20 -34.03 23.34
N VAL D 277 -0.63 -33.01 22.59
CA VAL D 277 -1.31 -33.20 21.30
C VAL D 277 -0.31 -33.39 20.17
N ASN D 278 -0.73 -34.10 19.12
CA ASN D 278 0.03 -34.22 17.88
C ASN D 278 0.55 -32.85 17.42
N PRO D 279 1.88 -32.73 17.20
CA PRO D 279 2.49 -31.41 16.94
C PRO D 279 2.12 -30.78 15.59
N ILE D 280 1.94 -31.59 14.54
CA ILE D 280 1.60 -31.04 13.22
C ILE D 280 0.12 -30.65 13.12
N VAL D 281 -0.73 -31.29 13.91
CA VAL D 281 -2.12 -30.87 14.05
C VAL D 281 -2.16 -29.51 14.75
N MET D 282 -1.36 -29.39 15.80
CA MET D 282 -1.22 -28.13 16.52
C MET D 282 -0.54 -27.08 15.64
N ASN D 283 0.32 -27.52 14.72
CA ASN D 283 0.93 -26.66 13.73
C ASN D 283 -0.12 -26.12 12.75
N GLY D 284 -1.06 -26.98 12.38
CA GLY D 284 -2.19 -26.59 11.54
C GLY D 284 -3.03 -25.48 12.17
N ILE D 285 -3.13 -25.48 13.50
CA ILE D 285 -3.86 -24.44 14.23
C ILE D 285 -3.06 -23.13 14.26
N SER D 286 -1.77 -23.23 14.55
CA SER D 286 -0.92 -22.05 14.72
C SER D 286 -0.30 -21.60 13.39
N THR E 3 43.20 41.86 12.87
CA THR E 3 42.58 40.57 12.42
C THR E 3 43.32 40.00 11.21
N TYR E 4 44.14 38.98 11.45
CA TYR E 4 44.98 38.40 10.42
C TYR E 4 44.25 37.36 9.57
N TYR E 5 43.60 36.40 10.24
CA TYR E 5 42.97 35.26 9.55
C TYR E 5 41.59 34.96 10.13
N LYS E 6 40.64 34.59 9.28
CA LYS E 6 39.24 34.38 9.70
C LYS E 6 38.83 32.92 9.72
N ALA E 7 38.14 32.51 10.78
CA ALA E 7 37.61 31.16 10.89
C ALA E 7 36.42 30.98 9.94
N ILE E 8 36.32 29.80 9.34
CA ILE E 8 35.19 29.51 8.46
C ILE E 8 33.95 29.18 9.30
N ASN E 9 32.85 29.85 8.98
CA ASN E 9 31.59 29.72 9.70
C ASN E 9 30.53 29.18 8.76
N TRP E 10 30.17 27.90 8.93
CA TRP E 10 29.13 27.28 8.10
C TRP E 10 27.70 27.65 8.51
N ASN E 11 27.57 28.38 9.62
CA ASN E 11 26.30 29.03 9.99
C ASN E 11 26.31 30.51 9.57
N ALA E 12 27.08 30.82 8.54
CA ALA E 12 27.09 32.16 7.93
C ALA E 12 27.41 31.99 6.46
N ILE E 13 26.57 31.20 5.79
CA ILE E 13 26.70 30.92 4.37
C ILE E 13 26.50 32.19 3.56
N GLU E 14 27.27 32.33 2.49
CA GLU E 14 27.19 33.48 1.59
C GLU E 14 26.59 33.12 0.23
N ASP E 15 26.62 31.83 -0.11
CA ASP E 15 25.98 31.32 -1.33
C ASP E 15 25.51 29.89 -1.02
N VAL E 16 24.18 29.71 -0.96
CA VAL E 16 23.60 28.43 -0.49
C VAL E 16 23.93 27.24 -1.39
N ILE E 17 24.37 27.51 -2.62
CA ILE E 17 24.77 26.45 -3.54
C ILE E 17 26.12 25.84 -3.13
N ASP E 18 26.94 26.62 -2.43
CA ASP E 18 28.11 26.04 -1.75
C ASP E 18 27.64 24.95 -0.79
N LYS E 19 26.65 25.30 0.03
CA LYS E 19 26.08 24.40 1.03
C LYS E 19 25.52 23.12 0.40
N SER E 20 24.64 23.26 -0.60
CA SER E 20 24.05 22.10 -1.24
C SER E 20 25.09 21.22 -1.95
N THR E 21 26.03 21.85 -2.66
CA THR E 21 27.01 21.10 -3.45
C THR E 21 28.00 20.35 -2.57
N TRP E 22 28.42 20.96 -1.47
CA TRP E 22 29.25 20.26 -0.48
C TRP E 22 28.52 19.03 0.00
N GLU E 23 27.33 19.25 0.54
CA GLU E 23 26.48 18.20 1.11
C GLU E 23 26.27 17.04 0.15
N LYS E 24 26.04 17.35 -1.13
CA LYS E 24 25.84 16.33 -2.14
C LYS E 24 27.12 15.55 -2.44
N LEU E 25 28.20 16.28 -2.74
CA LEU E 25 29.47 15.66 -3.15
C LEU E 25 30.10 14.79 -2.06
N THR E 26 29.97 15.21 -0.79
CA THR E 26 30.47 14.40 0.32
C THR E 26 29.61 13.17 0.56
N GLU E 27 28.30 13.31 0.38
CA GLU E 27 27.36 12.17 0.43
C GLU E 27 27.57 11.19 -0.72
N GLN E 28 28.16 11.67 -1.82
CA GLN E 28 28.53 10.80 -2.95
C GLN E 28 29.94 10.22 -2.81
N PHE E 29 30.44 10.14 -1.59
CA PHE E 29 31.76 9.57 -1.33
C PHE E 29 31.77 8.08 -1.67
N TRP E 30 32.74 7.67 -2.46
CA TRP E 30 32.91 6.27 -2.83
C TRP E 30 34.39 5.90 -2.87
N LEU E 31 34.67 4.60 -2.91
CA LEU E 31 36.03 4.10 -3.03
C LEU E 31 36.08 2.87 -3.93
N ASP E 32 37.10 2.84 -4.79
CA ASP E 32 37.33 1.71 -5.71
C ASP E 32 37.46 0.36 -4.98
N THR E 33 38.06 0.38 -3.80
CA THR E 33 38.29 -0.84 -3.02
C THR E 33 37.00 -1.59 -2.67
N ARG E 34 35.89 -0.86 -2.59
CA ARG E 34 34.57 -1.46 -2.38
C ARG E 34 34.12 -2.29 -3.57
N ILE E 35 34.37 -1.78 -4.78
CA ILE E 35 33.89 -2.42 -6.01
C ILE E 35 34.61 -3.75 -6.27
N PRO E 36 33.85 -4.84 -6.48
CA PRO E 36 34.45 -6.13 -6.81
C PRO E 36 34.76 -6.26 -8.30
N LEU E 37 36.02 -6.05 -8.66
CA LEU E 37 36.47 -6.14 -10.05
C LEU E 37 36.79 -7.57 -10.48
N SER E 38 36.71 -8.50 -9.53
CA SER E 38 36.97 -9.92 -9.81
C SER E 38 35.85 -10.56 -10.64
N ASN E 39 34.62 -10.07 -10.45
CA ASN E 39 33.45 -10.67 -11.10
C ASN E 39 33.34 -10.35 -12.59
N ASP E 40 34.21 -9.48 -13.11
CA ASP E 40 34.22 -9.12 -14.53
C ASP E 40 35.34 -9.82 -15.31
N LEU E 41 36.03 -10.77 -14.67
CA LEU E 41 37.10 -11.54 -15.33
C LEU E 41 36.56 -12.45 -16.43
N ASP E 42 35.31 -12.88 -16.28
CA ASP E 42 34.67 -13.77 -17.27
C ASP E 42 34.32 -12.99 -18.53
N ASP E 43 33.67 -11.85 -18.36
CA ASP E 43 33.29 -10.99 -19.48
C ASP E 43 34.54 -10.43 -20.17
N TRP E 44 35.55 -10.11 -19.37
CA TRP E 44 36.79 -9.51 -19.88
C TRP E 44 37.56 -10.45 -20.80
N ARG E 45 37.79 -11.67 -20.34
CA ARG E 45 38.62 -12.62 -21.08
C ARG E 45 37.99 -13.13 -22.38
N LYS E 46 36.70 -12.85 -22.60
CA LYS E 46 36.00 -13.26 -23.81
C LYS E 46 36.04 -12.22 -24.94
N LEU E 47 36.73 -11.09 -24.72
CA LEU E 47 36.86 -10.06 -25.75
C LEU E 47 38.16 -10.22 -26.52
N SER E 48 38.18 -9.70 -27.75
CA SER E 48 39.34 -9.80 -28.63
C SER E 48 40.44 -8.82 -28.24
N HIS E 49 41.65 -9.06 -28.74
CA HIS E 49 42.80 -8.18 -28.49
C HIS E 49 42.58 -6.78 -29.06
N LYS E 50 41.78 -6.67 -30.12
CA LYS E 50 41.40 -5.38 -30.69
C LYS E 50 40.63 -4.57 -29.67
N GLU E 51 39.67 -5.21 -29.02
CA GLU E 51 38.86 -4.58 -27.98
C GLU E 51 39.65 -4.39 -26.68
N LYS E 52 40.44 -5.39 -26.30
CA LYS E 52 41.28 -5.30 -25.10
C LYS E 52 42.29 -4.15 -25.18
N ASP E 53 42.91 -4.00 -26.34
CA ASP E 53 43.89 -2.93 -26.56
C ASP E 53 43.24 -1.55 -26.56
N LEU E 54 42.00 -1.48 -27.05
CA LEU E 54 41.24 -0.22 -27.03
C LEU E 54 40.98 0.24 -25.60
N VAL E 55 40.47 -0.67 -24.77
CA VAL E 55 40.14 -0.38 -23.37
C VAL E 55 41.35 0.16 -22.59
N GLY E 56 42.52 -0.40 -22.85
CA GLY E 56 43.75 0.02 -22.18
C GLY E 56 44.11 1.47 -22.48
N LYS E 57 44.06 1.85 -23.75
CA LYS E 57 44.36 3.21 -24.18
C LYS E 57 43.23 4.19 -23.83
N VAL E 58 42.01 3.68 -23.69
CA VAL E 58 40.87 4.50 -23.25
C VAL E 58 41.07 4.92 -21.79
N PHE E 59 41.17 3.94 -20.89
CA PHE E 59 41.40 4.21 -19.47
C PHE E 59 42.71 4.97 -19.24
N GLY E 60 43.74 4.60 -19.98
CA GLY E 60 45.04 5.28 -19.91
C GLY E 60 44.95 6.77 -20.20
N GLY E 61 44.10 7.14 -21.16
CA GLY E 61 43.86 8.55 -21.46
C GLY E 61 43.09 9.26 -20.37
N LEU E 62 42.04 8.63 -19.86
CA LEU E 62 41.25 9.19 -18.77
C LEU E 62 42.08 9.34 -17.50
N THR E 63 42.93 8.34 -17.23
CA THR E 63 43.86 8.38 -16.10
C THR E 63 44.74 9.62 -16.15
N LEU E 64 45.26 9.94 -17.33
CA LEU E 64 46.16 11.08 -17.50
C LEU E 64 45.48 12.39 -17.18
N LEU E 65 44.29 12.61 -17.72
CA LEU E 65 43.60 13.88 -17.53
C LEU E 65 43.04 14.05 -16.12
N ASP E 66 42.69 12.95 -15.45
CA ASP E 66 42.28 13.01 -14.04
C ASP E 66 43.46 13.33 -13.13
N THR E 67 44.67 12.90 -13.53
CA THR E 67 45.89 13.28 -12.83
C THR E 67 46.08 14.80 -12.90
N LEU E 68 45.86 15.36 -14.09
CA LEU E 68 45.96 16.80 -14.32
C LEU E 68 45.01 17.60 -13.40
N GLN E 69 43.80 17.08 -13.22
CA GLN E 69 42.78 17.76 -12.40
C GLN E 69 43.16 17.81 -10.93
N SER E 70 43.67 16.70 -10.40
CA SER E 70 44.00 16.59 -8.99
C SER E 70 45.27 17.36 -8.60
N GLU E 71 46.17 17.57 -9.56
CA GLU E 71 47.50 18.11 -9.27
C GLU E 71 47.71 19.59 -9.65
N SER E 72 46.93 20.09 -10.61
CA SER E 72 47.03 21.49 -11.03
C SER E 72 45.68 22.15 -11.35
N GLY E 73 44.72 21.37 -11.84
CA GLY E 73 43.41 21.90 -12.23
C GLY E 73 42.69 22.61 -11.11
N VAL E 74 42.33 21.85 -10.07
CA VAL E 74 41.58 22.40 -8.94
C VAL E 74 42.46 23.41 -8.21
N ASP E 75 43.77 23.16 -8.21
CA ASP E 75 44.76 24.06 -7.65
C ASP E 75 44.66 25.45 -8.29
N ALA E 76 44.41 25.48 -9.60
CA ALA E 76 44.29 26.73 -10.34
C ALA E 76 42.93 27.39 -10.13
N LEU E 77 41.89 26.57 -9.93
CA LEU E 77 40.53 27.07 -9.71
C LEU E 77 40.37 27.66 -8.31
N ARG E 78 41.01 27.04 -7.31
CA ARG E 78 40.90 27.49 -5.92
C ARG E 78 41.34 28.93 -5.71
N LYS E 79 42.18 29.44 -6.61
CA LYS E 79 42.67 30.82 -6.52
C LYS E 79 41.58 31.88 -6.77
N ASP E 80 40.52 31.49 -7.46
CA ASP E 80 39.47 32.44 -7.84
C ASP E 80 38.16 32.18 -7.10
N VAL E 81 38.28 31.52 -5.96
CA VAL E 81 37.21 31.31 -5.00
C VAL E 81 36.58 32.64 -4.55
N ARG E 82 35.25 32.65 -4.46
CA ARG E 82 34.51 33.83 -4.03
C ARG E 82 34.15 33.75 -2.55
N THR E 83 34.00 32.53 -2.05
CA THR E 83 33.63 32.29 -0.66
C THR E 83 34.57 31.24 -0.08
N ALA E 84 34.79 31.31 1.23
CA ALA E 84 35.56 30.29 1.92
C ALA E 84 34.95 28.90 1.72
N HIS E 85 33.62 28.84 1.66
CA HIS E 85 32.90 27.57 1.59
C HIS E 85 33.11 26.89 0.24
N GLU E 86 33.25 27.71 -0.82
CA GLU E 86 33.59 27.22 -2.14
C GLU E 86 34.95 26.53 -2.16
N GLU E 87 35.93 27.13 -1.50
CA GLU E 87 37.26 26.51 -1.45
C GLU E 87 37.17 25.12 -0.83
N ALA E 88 36.34 24.97 0.20
CA ALA E 88 36.13 23.69 0.85
C ALA E 88 35.50 22.67 -0.10
N VAL E 89 34.56 23.11 -0.93
CA VAL E 89 33.97 22.23 -1.95
C VAL E 89 35.07 21.78 -2.92
N PHE E 90 35.95 22.70 -3.29
CA PHE E 90 37.09 22.37 -4.15
C PHE E 90 38.13 21.49 -3.46
N ASN E 91 38.19 21.50 -2.13
CA ASN E 91 39.03 20.54 -1.42
C ASN E 91 38.50 19.13 -1.63
N ASN E 92 37.18 18.97 -1.57
CA ASN E 92 36.54 17.66 -1.84
C ASN E 92 36.70 17.24 -3.31
N ILE E 93 36.48 18.17 -4.22
CA ILE E 93 36.64 17.89 -5.65
C ILE E 93 38.06 17.37 -5.92
N GLN E 94 39.05 18.19 -5.59
CA GLN E 94 40.47 17.82 -5.75
C GLN E 94 40.79 16.44 -5.19
N PHE E 95 40.22 16.13 -4.03
CA PHE E 95 40.41 14.82 -3.41
C PHE E 95 39.81 13.71 -4.26
N MET E 96 38.53 13.86 -4.62
CA MET E 96 37.86 12.85 -5.46
C MET E 96 38.53 12.71 -6.82
N GLU E 97 39.10 13.79 -7.36
CA GLU E 97 39.87 13.68 -8.60
C GLU E 97 41.07 12.75 -8.42
N SER E 98 41.64 12.72 -7.21
CA SER E 98 42.69 11.74 -6.87
C SER E 98 42.10 10.34 -6.75
N VAL E 99 40.88 10.25 -6.22
CA VAL E 99 40.16 8.98 -6.14
C VAL E 99 39.88 8.48 -7.55
N HIS E 100 39.48 9.40 -8.44
CA HIS E 100 39.24 9.08 -9.84
C HIS E 100 40.49 8.50 -10.48
N ALA E 101 41.57 9.29 -10.50
CA ALA E 101 42.82 8.92 -11.15
C ALA E 101 43.37 7.58 -10.65
N LYS E 102 43.24 7.35 -9.34
CA LYS E 102 43.69 6.09 -8.74
C LYS E 102 42.81 4.93 -9.18
N SER E 103 41.53 5.21 -9.37
CA SER E 103 40.54 4.18 -9.68
C SER E 103 40.91 3.37 -10.93
N TYR E 104 41.56 4.01 -11.89
CA TYR E 104 41.95 3.35 -13.14
C TYR E 104 43.09 2.35 -12.93
N SER E 105 43.99 2.63 -12.00
CA SER E 105 45.05 1.68 -11.62
C SER E 105 44.46 0.45 -10.93
N SER E 106 43.36 0.64 -10.19
CA SER E 106 42.65 -0.46 -9.55
C SER E 106 42.05 -1.41 -10.59
N ILE E 107 41.65 -0.86 -11.73
CA ILE E 107 41.12 -1.65 -12.84
C ILE E 107 42.23 -2.46 -13.50
N PHE E 108 43.36 -1.82 -13.80
CA PHE E 108 44.47 -2.48 -14.47
C PHE E 108 45.06 -3.62 -13.63
N SER E 109 44.99 -3.48 -12.31
CA SER E 109 45.52 -4.51 -11.40
C SER E 109 44.75 -5.83 -11.49
N THR E 110 43.46 -5.75 -11.82
CA THR E 110 42.61 -6.93 -11.92
C THR E 110 42.51 -7.44 -13.37
N LEU E 111 42.48 -6.53 -14.33
CA LEU E 111 42.36 -6.89 -15.75
C LEU E 111 43.71 -7.26 -16.36
N ASN E 112 44.63 -6.29 -16.40
CA ASN E 112 45.91 -6.46 -17.10
C ASN E 112 47.00 -7.08 -16.25
N THR E 113 48.05 -7.58 -16.92
CA THR E 113 49.22 -8.15 -16.26
C THR E 113 50.24 -7.05 -15.96
N LYS E 114 51.28 -7.40 -15.21
CA LYS E 114 52.24 -6.42 -14.68
C LYS E 114 52.95 -5.62 -15.77
N SER E 115 53.36 -6.29 -16.85
CA SER E 115 54.05 -5.62 -17.96
C SER E 115 53.08 -4.95 -18.94
N GLU E 116 51.85 -5.46 -19.02
CA GLU E 116 50.80 -4.83 -19.84
C GLU E 116 50.42 -3.45 -19.31
N ILE E 117 50.47 -3.28 -17.98
CA ILE E 117 50.22 -2.00 -17.33
C ILE E 117 51.27 -0.98 -17.78
N ASP E 118 52.54 -1.34 -17.63
CA ASP E 118 53.64 -0.44 -17.99
C ASP E 118 53.60 -0.01 -19.46
N GLU E 119 53.11 -0.88 -20.34
CA GLU E 119 52.93 -0.55 -21.75
C GLU E 119 51.87 0.53 -21.95
N ILE E 120 50.76 0.42 -21.22
CA ILE E 120 49.68 1.41 -21.31
C ILE E 120 50.21 2.78 -20.87
N PHE E 121 50.92 2.82 -19.76
CA PHE E 121 51.48 4.06 -19.23
C PHE E 121 52.63 4.60 -20.09
N ALA E 122 53.34 3.70 -20.77
CA ALA E 122 54.41 4.11 -21.69
C ALA E 122 53.86 4.85 -22.90
N TRP E 123 52.68 4.43 -23.38
CA TRP E 123 52.04 5.06 -24.52
C TRP E 123 51.39 6.40 -24.17
N THR E 124 50.70 6.44 -23.02
CA THR E 124 49.98 7.64 -22.60
C THR E 124 50.89 8.85 -22.40
N ASN E 125 52.09 8.62 -21.89
CA ASN E 125 53.07 9.70 -21.66
C ASN E 125 53.77 10.14 -22.95
N THR E 126 53.65 9.35 -24.01
CA THR E 126 54.32 9.63 -25.28
C THR E 126 53.35 10.01 -26.42
N ASN E 127 52.06 9.73 -26.26
CA ASN E 127 51.09 9.95 -27.33
C ASN E 127 50.89 11.44 -27.64
N PRO E 128 50.97 11.83 -28.95
CA PRO E 128 50.93 13.25 -29.30
C PRO E 128 49.60 13.96 -29.02
N TYR E 129 48.48 13.23 -29.14
CA TYR E 129 47.15 13.84 -29.08
C TYR E 129 46.74 14.34 -27.70
N LEU E 130 46.93 13.49 -26.69
CA LEU E 130 46.51 13.82 -25.32
C LEU E 130 47.62 14.50 -24.50
N GLN E 131 48.87 14.45 -24.98
CA GLN E 131 49.93 15.28 -24.41
C GLN E 131 49.74 16.73 -24.85
N LYS E 132 49.36 16.90 -26.11
CA LYS E 132 48.98 18.22 -26.64
C LYS E 132 47.74 18.75 -25.92
N LYS E 133 46.75 17.87 -25.73
CA LYS E 133 45.53 18.21 -24.99
C LYS E 133 45.90 18.71 -23.59
N ALA E 134 46.72 17.92 -22.90
CA ALA E 134 47.18 18.28 -21.56
C ALA E 134 47.92 19.61 -21.54
N GLU E 135 48.65 19.92 -22.61
CA GLU E 135 49.41 21.16 -22.70
C GLU E 135 48.50 22.38 -22.87
N ILE E 136 47.47 22.24 -23.71
CA ILE E 136 46.54 23.34 -23.98
C ILE E 136 45.74 23.67 -22.71
N ILE E 137 45.34 22.63 -21.98
CA ILE E 137 44.57 22.80 -20.75
C ILE E 137 45.44 23.41 -19.65
N ASN E 138 46.58 22.78 -19.38
CA ASN E 138 47.45 23.22 -18.29
C ASN E 138 48.08 24.59 -18.55
N GLU E 139 48.31 24.93 -19.83
CA GLU E 139 48.80 26.26 -20.18
C GLU E 139 47.83 27.33 -19.71
N ILE E 140 46.52 27.07 -19.85
CA ILE E 140 45.48 28.00 -19.42
C ILE E 140 45.40 28.05 -17.89
N TYR E 141 45.46 26.88 -17.25
CA TYR E 141 45.47 26.81 -15.78
C TYR E 141 46.54 27.69 -15.14
N LEU E 142 47.69 27.81 -15.81
CA LEU E 142 48.83 28.56 -15.27
C LEU E 142 48.83 30.04 -15.67
N ASN E 143 48.27 30.36 -16.84
CA ASN E 143 48.37 31.72 -17.39
C ASN E 143 47.03 32.40 -17.73
N GLY E 144 45.94 31.64 -17.77
CA GLY E 144 44.65 32.18 -18.18
C GLY E 144 43.96 32.99 -17.10
N THR E 145 42.87 33.65 -17.47
CA THR E 145 42.04 34.39 -16.52
C THR E 145 41.22 33.40 -15.70
N ALA E 146 40.62 33.89 -14.63
CA ALA E 146 39.77 33.06 -13.77
C ALA E 146 38.68 32.35 -14.58
N LEU E 147 38.02 33.09 -15.46
CA LEU E 147 36.93 32.54 -16.28
C LEU E 147 37.44 31.53 -17.31
N GLU E 148 38.65 31.75 -17.83
CA GLU E 148 39.20 30.86 -18.84
C GLU E 148 39.55 29.52 -18.25
N LYS E 149 40.02 29.52 -17.00
CA LYS E 149 40.36 28.29 -16.29
C LYS E 149 39.12 27.44 -16.04
N LYS E 150 38.02 28.09 -15.67
CA LYS E 150 36.76 27.41 -15.43
C LYS E 150 36.19 26.82 -16.72
N ILE E 151 36.25 27.61 -17.80
CA ILE E 151 35.81 27.15 -19.13
C ILE E 151 36.54 25.87 -19.53
N ALA E 152 37.85 25.84 -19.29
CA ALA E 152 38.68 24.72 -19.68
C ALA E 152 38.34 23.44 -18.90
N SER E 153 38.05 23.59 -17.60
CA SER E 153 37.74 22.44 -16.75
C SER E 153 36.41 21.79 -17.11
N VAL E 154 35.43 22.61 -17.49
CA VAL E 154 34.11 22.13 -17.92
C VAL E 154 34.20 21.47 -19.30
N PHE E 155 34.94 22.09 -20.23
CA PHE E 155 35.19 21.46 -21.54
C PHE E 155 35.93 20.13 -21.40
N LEU E 156 36.75 19.99 -20.37
CA LEU E 156 37.54 18.78 -20.17
C LEU E 156 36.66 17.62 -19.70
N GLU E 157 36.04 17.75 -18.53
CA GLU E 157 35.36 16.62 -17.89
C GLU E 157 33.86 16.49 -18.20
N THR E 158 33.21 17.58 -18.60
CA THR E 158 31.80 17.51 -19.01
C THR E 158 31.67 17.14 -20.50
N PHE E 159 32.76 17.26 -21.25
CA PHE E 159 32.75 17.09 -22.71
C PHE E 159 33.86 16.14 -23.20
N LEU E 160 35.12 16.58 -23.14
CA LEU E 160 36.24 15.82 -23.73
C LEU E 160 36.48 14.43 -23.12
N PHE E 161 36.08 14.24 -21.87
CA PHE E 161 36.21 12.94 -21.20
C PHE E 161 35.34 11.85 -21.84
N TYR E 162 34.26 12.25 -22.51
CA TYR E 162 33.31 11.29 -23.07
C TYR E 162 33.76 10.62 -24.37
N SER E 163 34.94 11.01 -24.87
CA SER E 163 35.61 10.23 -25.89
C SER E 163 36.01 8.89 -25.30
N GLY E 164 36.44 8.91 -24.04
CA GLY E 164 36.79 7.71 -23.30
C GLY E 164 35.58 7.00 -22.70
N PHE E 165 34.69 7.76 -22.06
CA PHE E 165 33.55 7.18 -21.35
C PHE E 165 32.60 6.38 -22.25
N PHE E 166 32.63 6.66 -23.55
CA PHE E 166 31.83 5.92 -24.52
C PHE E 166 32.03 4.40 -24.39
N THR E 167 33.30 3.97 -24.31
CA THR E 167 33.65 2.56 -24.34
C THR E 167 33.03 1.72 -23.20
N PRO E 168 33.29 2.08 -21.93
CA PRO E 168 32.71 1.29 -20.83
C PRO E 168 31.18 1.40 -20.72
N LEU E 169 30.61 2.49 -21.21
CA LEU E 169 29.15 2.66 -21.24
C LEU E 169 28.50 1.74 -22.29
N TYR E 170 29.19 1.54 -23.41
CA TYR E 170 28.72 0.64 -24.46
C TYR E 170 28.62 -0.81 -23.95
N TYR E 171 29.65 -1.26 -23.24
CA TYR E 171 29.65 -2.61 -22.66
C TYR E 171 28.59 -2.74 -21.57
N LEU E 172 28.40 -1.68 -20.79
CA LEU E 172 27.34 -1.64 -19.78
C LEU E 172 25.96 -1.78 -20.43
N GLY E 173 25.81 -1.23 -21.64
CA GLY E 173 24.58 -1.37 -22.41
C GLY E 173 24.25 -2.80 -22.81
N ASN E 174 25.29 -3.63 -22.94
CA ASN E 174 25.13 -5.06 -23.25
C ASN E 174 25.34 -5.97 -22.02
N ASN E 175 25.24 -5.40 -20.82
CA ASN E 175 25.49 -6.13 -19.57
C ASN E 175 26.86 -6.80 -19.50
N LYS E 176 27.86 -6.12 -20.07
CA LYS E 176 29.24 -6.59 -20.05
C LYS E 176 30.08 -5.65 -19.21
N LEU E 177 30.98 -6.21 -18.40
CA LEU E 177 31.88 -5.42 -17.55
C LEU E 177 31.09 -4.47 -16.64
N ALA E 178 30.16 -5.03 -15.87
CA ALA E 178 29.25 -4.24 -15.04
C ALA E 178 29.97 -3.52 -13.88
N ASN E 179 30.92 -4.21 -13.25
CA ASN E 179 31.67 -3.64 -12.12
C ASN E 179 32.74 -2.65 -12.57
N VAL E 180 33.35 -2.90 -13.72
CA VAL E 180 34.30 -1.97 -14.34
C VAL E 180 33.57 -0.77 -14.94
N ALA E 181 32.25 -0.89 -15.09
CA ALA E 181 31.39 0.23 -15.50
C ALA E 181 30.86 1.03 -14.30
N GLU E 182 30.62 0.35 -13.19
CA GLU E 182 30.16 1.00 -11.94
C GLU E 182 31.15 2.07 -11.49
N ILE E 183 32.43 1.71 -11.49
CA ILE E 183 33.51 2.64 -11.19
C ILE E 183 33.49 3.87 -12.10
N ILE E 184 33.21 3.67 -13.39
CA ILE E 184 33.12 4.77 -14.35
C ILE E 184 31.82 5.55 -14.14
N LYS E 185 30.78 4.85 -13.70
CA LYS E 185 29.49 5.47 -13.38
C LYS E 185 29.69 6.48 -12.24
N LEU E 186 30.37 6.05 -11.18
CA LEU E 186 30.60 6.88 -9.99
C LEU E 186 31.43 8.12 -10.30
N ILE E 187 32.37 8.00 -11.24
CA ILE E 187 33.13 9.15 -11.71
C ILE E 187 32.20 10.16 -12.37
N ILE E 188 31.33 9.67 -13.24
CA ILE E 188 30.40 10.52 -13.98
C ILE E 188 29.37 11.16 -13.03
N ARG E 189 28.96 10.42 -12.00
CA ARG E 189 28.04 10.96 -11.01
C ARG E 189 28.66 12.15 -10.26
N ASP E 190 29.96 12.06 -10.00
CA ASP E 190 30.70 13.17 -9.41
C ASP E 190 30.91 14.30 -10.42
N GLU E 191 31.35 13.93 -11.62
CA GLU E 191 31.75 14.92 -12.63
C GLU E 191 30.61 15.76 -13.22
N SER E 192 29.37 15.27 -13.13
CA SER E 192 28.22 16.07 -13.58
C SER E 192 27.97 17.21 -12.60
N VAL E 193 28.10 16.93 -11.30
CA VAL E 193 28.00 17.95 -10.26
C VAL E 193 29.18 18.93 -10.36
N HIS E 194 30.37 18.40 -10.64
CA HIS E 194 31.57 19.23 -10.86
C HIS E 194 31.31 20.29 -11.92
N GLY E 195 30.76 19.87 -13.05
CA GLY E 195 30.43 20.77 -14.15
C GLY E 195 29.34 21.76 -13.80
N THR E 196 28.30 21.29 -13.11
CA THR E 196 27.22 22.15 -12.67
C THR E 196 27.75 23.22 -11.70
N TYR E 197 28.68 22.83 -10.83
CA TYR E 197 29.23 23.74 -9.84
C TYR E 197 30.20 24.75 -10.47
N ILE E 198 31.20 24.24 -11.17
CA ILE E 198 32.18 25.10 -11.82
C ILE E 198 31.45 26.03 -12.80
N GLY E 199 30.57 25.45 -13.61
CA GLY E 199 29.75 26.20 -14.56
C GLY E 199 28.92 27.26 -13.89
N TYR E 200 28.29 26.92 -12.77
CA TYR E 200 27.53 27.90 -11.97
C TYR E 200 28.42 29.07 -11.54
N LYS E 201 29.64 28.77 -11.10
CA LYS E 201 30.57 29.79 -10.63
C LYS E 201 31.07 30.66 -11.77
N PHE E 202 31.23 30.07 -12.94
CA PHE E 202 31.59 30.79 -14.16
C PHE E 202 30.55 31.85 -14.50
N GLN E 203 29.28 31.50 -14.32
CA GLN E 203 28.17 32.38 -14.71
C GLN E 203 28.01 33.60 -13.82
N LEU E 204 28.28 33.43 -12.52
CA LEU E 204 28.20 34.55 -11.59
C LEU E 204 29.15 35.66 -12.00
N ALA E 205 30.39 35.29 -12.35
CA ALA E 205 31.43 36.25 -12.70
C ALA E 205 31.38 36.66 -14.18
N PHE E 206 30.90 35.76 -15.04
CA PHE E 206 30.68 36.09 -16.45
C PHE E 206 29.64 37.20 -16.58
N ASN E 207 28.59 37.13 -15.78
CA ASN E 207 27.51 38.13 -15.79
C ASN E 207 27.93 39.48 -15.22
N GLU E 208 29.05 39.52 -14.49
CA GLU E 208 29.57 40.76 -13.89
C GLU E 208 30.59 41.47 -14.78
N LEU E 209 30.97 40.84 -15.88
CA LEU E 209 31.81 41.48 -16.89
C LEU E 209 30.94 42.43 -17.71
N PRO E 210 31.50 43.54 -18.20
CA PRO E 210 30.73 44.36 -19.16
C PRO E 210 30.56 43.60 -20.47
N GLU E 211 29.43 43.81 -21.15
CA GLU E 211 29.12 43.11 -22.41
C GLU E 211 30.30 43.15 -23.40
N ASP E 212 31.03 44.25 -23.36
CA ASP E 212 32.32 44.40 -24.04
C ASP E 212 33.20 43.14 -23.86
N GLU E 213 33.50 42.80 -22.61
CA GLU E 213 34.38 41.66 -22.30
C GLU E 213 33.68 40.31 -22.40
N GLN E 214 32.36 40.28 -22.21
CA GLN E 214 31.58 39.04 -22.34
C GLN E 214 31.66 38.48 -23.77
N GLU E 215 31.56 39.36 -24.76
CA GLU E 215 31.66 38.94 -26.17
C GLU E 215 33.08 38.49 -26.50
N LYS E 216 34.07 39.27 -26.05
CA LYS E 216 35.48 38.91 -26.23
C LYS E 216 35.80 37.55 -25.59
N LEU E 217 35.14 37.25 -24.47
CA LEU E 217 35.33 35.97 -23.80
C LEU E 217 34.59 34.85 -24.51
N LYS E 218 33.43 35.15 -25.07
CA LYS E 218 32.68 34.17 -25.87
C LYS E 218 33.48 33.76 -27.11
N GLU E 219 33.97 34.74 -27.85
CA GLU E 219 34.78 34.50 -29.04
C GLU E 219 35.92 33.53 -28.70
N TRP E 220 36.68 33.86 -27.66
CA TRP E 220 37.77 33.01 -27.17
C TRP E 220 37.27 31.62 -26.77
N MET E 221 36.12 31.58 -26.11
CA MET E 221 35.54 30.33 -25.62
C MET E 221 35.28 29.36 -26.78
N TYR E 222 34.58 29.84 -27.81
CA TYR E 222 34.24 28.98 -28.95
C TYR E 222 35.45 28.59 -29.80
N ASP E 223 36.46 29.45 -29.87
CA ASP E 223 37.72 29.10 -30.53
C ASP E 223 38.38 27.90 -29.86
N LEU E 224 38.32 27.85 -28.53
CA LEU E 224 38.89 26.73 -27.77
C LEU E 224 38.08 25.44 -27.95
N LEU E 225 36.75 25.59 -28.10
CA LEU E 225 35.87 24.43 -28.25
C LEU E 225 36.13 23.72 -29.58
N TYR E 226 36.13 24.48 -30.68
CA TYR E 226 36.39 23.94 -32.01
C TYR E 226 37.80 23.35 -32.09
N THR E 227 38.77 24.08 -31.55
CA THR E 227 40.16 23.63 -31.55
C THR E 227 40.29 22.32 -30.77
N LEU E 228 39.65 22.24 -29.61
CA LEU E 228 39.65 21.01 -28.82
C LEU E 228 38.85 19.89 -29.50
N TYR E 229 37.79 20.25 -30.23
CA TYR E 229 36.96 19.27 -30.93
C TYR E 229 37.72 18.64 -32.10
N GLU E 230 38.35 19.47 -32.92
CA GLU E 230 39.18 18.98 -34.03
C GLU E 230 40.37 18.19 -33.50
N ASN E 231 40.87 18.60 -32.33
CA ASN E 231 41.95 17.89 -31.65
C ASN E 231 41.49 16.47 -31.26
N GLU E 232 40.30 16.40 -30.67
CA GLU E 232 39.78 15.15 -30.11
C GLU E 232 39.33 14.16 -31.18
N GLU E 233 38.74 14.66 -32.26
CA GLU E 233 38.26 13.79 -33.34
C GLU E 233 39.43 13.04 -33.99
N GLY E 234 40.59 13.66 -34.04
CA GLY E 234 41.82 12.98 -34.44
C GLY E 234 42.19 11.88 -33.46
N TYR E 235 42.08 12.18 -32.16
CA TYR E 235 42.31 11.19 -31.10
C TYR E 235 41.27 10.06 -31.16
N THR E 236 40.04 10.40 -31.53
CA THR E 236 38.98 9.42 -31.72
C THR E 236 39.27 8.53 -32.93
N GLU E 237 39.70 9.15 -34.03
CA GLU E 237 40.12 8.43 -35.23
C GLU E 237 41.35 7.56 -34.97
N SER E 238 42.21 8.02 -34.05
CA SER E 238 43.40 7.26 -33.68
C SER E 238 43.03 5.94 -33.00
N LEU E 239 41.94 5.94 -32.24
CA LEU E 239 41.53 4.76 -31.46
C LEU E 239 40.42 3.95 -32.14
N TYR E 240 39.31 4.61 -32.47
CA TYR E 240 38.07 3.93 -32.83
C TYR E 240 37.92 3.49 -34.30
N ASP E 241 38.92 3.77 -35.14
CA ASP E 241 38.86 3.38 -36.55
C ASP E 241 38.81 1.87 -36.75
N THR E 242 39.60 1.12 -35.97
CA THR E 242 39.68 -0.33 -36.12
C THR E 242 38.44 -1.08 -35.62
N VAL E 243 37.56 -0.39 -34.89
CA VAL E 243 36.28 -0.96 -34.47
C VAL E 243 35.07 -0.26 -35.08
N GLY E 244 35.31 0.81 -35.86
CA GLY E 244 34.27 1.47 -36.63
C GLY E 244 33.28 2.33 -35.86
N TRP E 245 33.52 2.53 -34.57
CA TRP E 245 32.63 3.34 -33.73
C TRP E 245 32.93 4.83 -33.87
N THR E 246 34.03 5.18 -34.53
CA THR E 246 34.47 6.56 -34.69
C THR E 246 33.32 7.57 -34.76
N GLU E 247 32.45 7.40 -35.74
CA GLU E 247 31.36 8.36 -35.98
C GLU E 247 30.25 8.31 -34.93
N GLU E 248 30.07 7.16 -34.29
CA GLU E 248 29.12 7.05 -33.17
C GLU E 248 29.67 7.78 -31.93
N VAL E 249 30.97 7.65 -31.70
CA VAL E 249 31.66 8.36 -30.62
C VAL E 249 31.71 9.84 -30.92
N LYS E 250 31.98 10.17 -32.18
CA LYS E 250 32.05 11.56 -32.65
C LYS E 250 30.73 12.31 -32.42
N THR E 251 29.62 11.59 -32.49
CA THR E 251 28.30 12.15 -32.19
C THR E 251 28.12 12.30 -30.68
N PHE E 252 28.63 11.34 -29.90
CA PHE E 252 28.59 11.39 -28.44
C PHE E 252 29.42 12.55 -27.89
N LEU E 253 30.46 12.93 -28.62
CA LEU E 253 31.25 14.12 -28.29
C LEU E 253 30.41 15.39 -28.41
N ARG E 254 29.81 15.57 -29.59
CA ARG E 254 28.96 16.73 -29.87
C ARG E 254 27.80 16.84 -28.89
N TYR E 255 27.25 15.70 -28.48
CA TYR E 255 26.15 15.64 -27.53
C TYR E 255 26.55 16.23 -26.17
N ASN E 256 27.66 15.73 -25.63
CA ASN E 256 28.16 16.19 -24.33
C ASN E 256 28.73 17.61 -24.39
N ALA E 257 29.25 18.01 -25.55
CA ALA E 257 29.73 19.37 -25.76
C ALA E 257 28.63 20.37 -25.50
N ASN E 258 27.40 20.03 -25.89
CA ASN E 258 26.23 20.87 -25.63
C ASN E 258 25.94 21.01 -24.14
N LYS E 259 26.14 19.92 -23.40
CA LYS E 259 25.96 19.94 -21.95
C LYS E 259 27.00 20.82 -21.27
N ALA E 260 28.22 20.84 -21.83
CA ALA E 260 29.27 21.74 -21.37
C ALA E 260 28.84 23.20 -21.54
N LEU E 261 28.41 23.56 -22.75
CA LEU E 261 27.87 24.89 -23.02
C LEU E 261 26.71 25.23 -22.09
N MET E 262 25.87 24.25 -21.81
CA MET E 262 24.68 24.44 -20.96
C MET E 262 25.09 24.74 -19.52
N ASN E 263 26.12 24.03 -19.05
CA ASN E 263 26.66 24.26 -17.71
C ASN E 263 27.26 25.66 -17.57
N LEU E 264 27.84 26.17 -18.66
CA LEU E 264 28.42 27.52 -18.69
C LEU E 264 27.40 28.62 -19.01
N GLY E 265 26.13 28.26 -19.13
CA GLY E 265 25.06 29.24 -19.35
C GLY E 265 24.94 29.74 -20.78
N GLN E 266 25.44 28.96 -21.73
CA GLN E 266 25.38 29.30 -23.15
C GLN E 266 24.39 28.40 -23.87
N ASP E 267 23.96 28.85 -25.05
CA ASP E 267 23.07 28.05 -25.89
C ASP E 267 23.84 26.86 -26.47
N PRO E 268 23.17 25.72 -26.65
CA PRO E 268 23.83 24.57 -27.28
C PRO E 268 24.22 24.87 -28.72
N LEU E 269 25.31 24.27 -29.19
CA LEU E 269 25.86 24.59 -30.50
C LEU E 269 25.55 23.51 -31.54
N PHE E 270 25.96 22.28 -31.27
CA PHE E 270 25.77 21.19 -32.21
C PHE E 270 24.32 20.70 -32.22
N PRO E 271 23.76 20.41 -33.41
CA PRO E 271 22.36 19.99 -33.52
C PRO E 271 22.12 18.50 -33.27
N ASP E 272 23.00 17.86 -32.50
CA ASP E 272 22.88 16.44 -32.21
C ASP E 272 22.08 16.22 -30.93
N SER E 273 21.05 15.38 -31.02
CA SER E 273 20.17 15.09 -29.90
C SER E 273 20.64 13.88 -29.11
N ALA E 274 19.96 13.59 -28.01
CA ALA E 274 20.21 12.37 -27.23
C ALA E 274 19.89 11.12 -28.05
N ASP E 275 18.86 11.22 -28.90
CA ASP E 275 18.42 10.11 -29.73
C ASP E 275 19.38 9.88 -30.90
N ASP E 276 20.06 10.94 -31.34
CA ASP E 276 21.02 10.86 -32.46
C ASP E 276 22.27 10.06 -32.10
N VAL E 277 22.52 9.87 -30.81
CA VAL E 277 23.66 9.06 -30.35
C VAL E 277 23.20 7.62 -30.10
N ASN E 278 24.13 6.68 -30.25
CA ASN E 278 23.90 5.26 -29.97
C ASN E 278 23.01 5.06 -28.73
N PRO E 279 21.91 4.29 -28.87
CA PRO E 279 21.00 4.07 -27.74
C PRO E 279 21.47 3.02 -26.73
N ILE E 280 22.44 2.19 -27.11
CA ILE E 280 23.03 1.21 -26.20
C ILE E 280 23.89 1.94 -25.18
N VAL E 281 24.64 2.92 -25.66
CA VAL E 281 25.44 3.80 -24.80
C VAL E 281 24.53 4.65 -23.92
N MET E 282 23.41 5.10 -24.48
CA MET E 282 22.43 5.92 -23.74
C MET E 282 21.72 5.10 -22.66
N ASN E 283 21.69 3.78 -22.83
CA ASN E 283 21.17 2.88 -21.81
C ASN E 283 22.05 2.88 -20.55
N GLY E 284 23.36 2.95 -20.77
CA GLY E 284 24.33 3.04 -19.68
C GLY E 284 24.25 4.35 -18.91
N ILE E 285 23.98 5.44 -19.63
CA ILE E 285 23.78 6.76 -19.00
C ILE E 285 22.52 6.71 -18.14
N SER E 286 21.45 6.12 -18.68
CA SER E 286 20.18 6.03 -17.99
C SER E 286 20.08 4.74 -17.18
N THR F 3 55.96 13.23 -22.00
CA THR F 3 56.93 14.27 -22.45
C THR F 3 56.64 15.64 -21.81
N TYR F 4 55.36 15.99 -21.67
CA TYR F 4 54.95 17.23 -21.01
C TYR F 4 54.28 16.97 -19.65
N TYR F 5 53.38 15.98 -19.59
CA TYR F 5 52.71 15.62 -18.34
C TYR F 5 52.59 14.11 -18.17
N LYS F 6 53.03 13.62 -17.01
CA LYS F 6 53.01 12.19 -16.71
C LYS F 6 51.72 11.78 -16.01
N ALA F 7 51.35 10.51 -16.14
CA ALA F 7 50.14 9.97 -15.51
C ALA F 7 50.49 9.17 -14.27
N ILE F 8 49.76 9.41 -13.18
CA ILE F 8 50.03 8.72 -11.90
C ILE F 8 49.66 7.24 -12.01
N ASN F 9 50.51 6.38 -11.46
CA ASN F 9 50.33 4.93 -11.52
C ASN F 9 50.52 4.33 -10.13
N TRP F 10 49.47 3.69 -9.61
CA TRP F 10 49.49 3.12 -8.26
C TRP F 10 49.96 1.66 -8.22
N ASN F 11 50.54 1.19 -9.32
CA ASN F 11 51.25 -0.10 -9.35
C ASN F 11 52.77 0.08 -9.41
N ALA F 12 53.21 1.26 -9.81
CA ALA F 12 54.62 1.65 -9.74
C ALA F 12 54.80 2.62 -8.57
N ILE F 13 54.65 2.09 -7.36
CA ILE F 13 54.77 2.88 -6.13
C ILE F 13 56.23 3.17 -5.86
N GLU F 14 56.55 4.44 -5.64
CA GLU F 14 57.94 4.87 -5.38
C GLU F 14 58.24 4.91 -3.87
N ASP F 15 57.20 4.96 -3.04
CA ASP F 15 57.33 4.95 -1.58
C ASP F 15 56.10 4.26 -1.00
N VAL F 16 56.30 3.06 -0.44
CA VAL F 16 55.19 2.21 0.00
C VAL F 16 54.36 2.79 1.15
N ILE F 17 54.95 3.70 1.92
CA ILE F 17 54.24 4.35 3.03
C ILE F 17 53.09 5.23 2.52
N ASP F 18 53.29 5.86 1.36
CA ASP F 18 52.23 6.64 0.73
C ASP F 18 50.95 5.81 0.54
N LYS F 19 51.12 4.59 0.03
CA LYS F 19 49.99 3.68 -0.19
C LYS F 19 49.24 3.39 1.11
N SER F 20 49.98 2.96 2.13
CA SER F 20 49.39 2.59 3.41
C SER F 20 48.71 3.77 4.11
N THR F 21 49.26 4.97 3.92
CA THR F 21 48.68 6.17 4.49
C THR F 21 47.39 6.55 3.77
N TRP F 22 47.37 6.41 2.44
CA TRP F 22 46.15 6.63 1.67
C TRP F 22 45.06 5.67 2.13
N GLU F 23 45.40 4.38 2.18
CA GLU F 23 44.46 3.36 2.64
C GLU F 23 43.89 3.71 4.01
N LYS F 24 44.75 4.05 4.96
CA LYS F 24 44.30 4.32 6.33
C LYS F 24 43.49 5.61 6.43
N LEU F 25 43.90 6.65 5.71
CA LEU F 25 43.21 7.95 5.75
C LEU F 25 41.83 7.90 5.08
N THR F 26 41.76 7.29 3.90
CA THR F 26 40.51 7.16 3.16
C THR F 26 39.51 6.26 3.87
N GLU F 27 40.00 5.14 4.40
CA GLU F 27 39.16 4.22 5.18
C GLU F 27 38.61 4.89 6.45
N GLN F 28 39.33 5.89 6.96
CA GLN F 28 38.92 6.63 8.16
C GLN F 28 37.84 7.69 7.88
N PHE F 29 37.55 7.96 6.62
CA PHE F 29 36.53 8.92 6.21
C PHE F 29 35.30 8.95 7.14
N TRP F 30 34.91 10.15 7.57
CA TRP F 30 33.72 10.34 8.38
C TRP F 30 33.05 11.66 8.04
N LEU F 31 31.82 11.83 8.51
CA LEU F 31 31.07 13.07 8.29
C LEU F 31 30.30 13.48 9.56
N ASP F 32 30.47 14.75 9.93
CA ASP F 32 29.75 15.36 11.05
C ASP F 32 28.25 15.09 11.07
N THR F 33 27.63 15.11 9.89
CA THR F 33 26.16 15.01 9.77
C THR F 33 25.56 13.70 10.27
N ARG F 34 26.40 12.66 10.41
CA ARG F 34 25.95 11.35 10.88
C ARG F 34 25.70 11.30 12.39
N ILE F 35 26.49 12.06 13.16
CA ILE F 35 26.54 11.95 14.62
C ILE F 35 25.41 12.71 15.32
N PRO F 36 24.73 12.07 16.30
CA PRO F 36 23.53 12.68 16.90
C PRO F 36 23.85 13.66 18.03
N LEU F 37 24.20 14.89 17.67
CA LEU F 37 24.63 15.90 18.64
C LEU F 37 23.52 16.40 19.58
N SER F 38 22.27 16.17 19.22
CA SER F 38 21.13 16.55 20.06
C SER F 38 21.16 15.88 21.44
N ASN F 39 21.67 14.66 21.50
CA ASN F 39 21.72 13.86 22.73
C ASN F 39 22.53 14.51 23.86
N ASP F 40 23.48 15.37 23.51
CA ASP F 40 24.33 16.03 24.51
C ASP F 40 23.72 17.28 25.14
N LEU F 41 22.50 17.63 24.77
CA LEU F 41 21.87 18.85 25.29
C LEU F 41 21.46 18.74 26.75
N ASP F 42 21.27 17.51 27.24
CA ASP F 42 20.97 17.27 28.65
C ASP F 42 22.18 17.60 29.51
N ASP F 43 23.34 17.02 29.15
CA ASP F 43 24.60 17.31 29.83
C ASP F 43 24.98 18.79 29.69
N TRP F 44 24.89 19.30 28.46
CA TRP F 44 25.21 20.69 28.16
C TRP F 44 24.38 21.65 29.02
N ARG F 45 23.08 21.38 29.09
CA ARG F 45 22.14 22.21 29.86
C ARG F 45 22.56 22.38 31.33
N LYS F 46 23.26 21.37 31.87
CA LYS F 46 23.63 21.38 33.29
C LYS F 46 25.05 21.89 33.60
N LEU F 47 25.80 22.27 32.57
CA LEU F 47 27.09 22.93 32.76
C LEU F 47 26.91 24.38 33.16
N SER F 48 27.89 24.92 33.89
CA SER F 48 27.84 26.31 34.31
C SER F 48 28.13 27.24 33.13
N HIS F 49 27.97 28.54 33.36
CA HIS F 49 28.23 29.54 32.34
C HIS F 49 29.72 29.56 31.98
N LYS F 50 30.58 29.56 32.99
CA LYS F 50 32.03 29.51 32.81
C LYS F 50 32.42 28.40 31.83
N GLU F 51 31.91 27.21 32.11
CA GLU F 51 32.20 26.02 31.31
C GLU F 51 31.67 26.13 29.88
N LYS F 52 30.45 26.65 29.73
CA LYS F 52 29.86 26.87 28.41
C LYS F 52 30.73 27.83 27.62
N ASP F 53 31.02 28.97 28.25
CA ASP F 53 31.88 30.00 27.67
C ASP F 53 33.24 29.43 27.26
N LEU F 54 33.82 28.57 28.09
CA LEU F 54 35.09 27.91 27.76
C LEU F 54 34.96 27.07 26.50
N VAL F 55 33.88 26.30 26.41
CA VAL F 55 33.71 25.37 25.29
C VAL F 55 33.57 26.12 23.98
N GLY F 56 33.01 27.32 24.02
CA GLY F 56 32.85 28.14 22.83
C GLY F 56 34.20 28.62 22.32
N LYS F 57 35.03 29.05 23.27
CA LYS F 57 36.35 29.56 22.98
C LYS F 57 37.28 28.46 22.51
N VAL F 58 37.24 27.32 23.20
CA VAL F 58 38.04 26.16 22.80
C VAL F 58 37.69 25.72 21.39
N PHE F 59 36.41 25.51 21.12
CA PHE F 59 35.99 25.10 19.78
C PHE F 59 36.18 26.20 18.74
N GLY F 60 36.03 27.46 19.14
CA GLY F 60 36.25 28.59 18.24
C GLY F 60 37.70 28.69 17.78
N GLY F 61 38.63 28.58 18.72
CA GLY F 61 40.06 28.62 18.42
C GLY F 61 40.50 27.49 17.51
N LEU F 62 40.00 26.28 17.81
CA LEU F 62 40.29 25.09 17.01
C LEU F 62 39.75 25.18 15.60
N THR F 63 38.66 25.92 15.41
CA THR F 63 38.07 26.11 14.09
C THR F 63 38.98 26.95 13.21
N LEU F 64 39.44 28.08 13.76
CA LEU F 64 40.35 28.99 13.05
C LEU F 64 41.58 28.30 12.44
N LEU F 65 42.17 27.39 13.21
CA LEU F 65 43.43 26.78 12.81
C LEU F 65 43.23 25.60 11.87
N ASP F 66 42.12 24.89 12.03
CA ASP F 66 41.73 23.87 11.05
C ASP F 66 41.40 24.55 9.71
N THR F 67 40.82 25.74 9.77
CA THR F 67 40.59 26.54 8.56
C THR F 67 41.92 26.79 7.87
N LEU F 68 42.88 27.32 8.62
CA LEU F 68 44.23 27.59 8.10
C LEU F 68 44.86 26.39 7.40
N GLN F 69 44.69 25.20 7.96
CA GLN F 69 45.22 23.98 7.37
C GLN F 69 44.54 23.65 6.03
N SER F 70 43.22 23.84 5.98
CA SER F 70 42.45 23.46 4.79
C SER F 70 42.66 24.42 3.62
N GLU F 71 42.95 25.69 3.94
CA GLU F 71 43.12 26.72 2.91
C GLU F 71 44.57 26.87 2.43
N SER F 72 45.48 27.24 3.33
CA SER F 72 46.87 27.52 2.95
C SER F 72 47.92 26.59 3.59
N GLY F 73 47.50 25.68 4.46
CA GLY F 73 48.42 24.78 5.14
C GLY F 73 48.87 23.65 4.23
N VAL F 74 47.93 22.78 3.88
CA VAL F 74 48.21 21.63 3.03
C VAL F 74 48.61 22.08 1.63
N ASP F 75 48.17 23.27 1.26
CA ASP F 75 48.57 23.90 0.01
C ASP F 75 50.07 24.19 0.00
N ALA F 76 50.58 24.73 1.10
CA ALA F 76 52.02 25.04 1.24
C ALA F 76 52.90 23.79 1.28
N LEU F 77 52.37 22.69 1.84
CA LEU F 77 53.10 21.42 1.88
C LEU F 77 53.14 20.76 0.51
N ARG F 78 52.06 20.88 -0.25
CA ARG F 78 51.94 20.26 -1.58
C ARG F 78 53.12 20.56 -2.52
N LYS F 79 53.63 21.78 -2.44
CA LYS F 79 54.73 22.23 -3.31
C LYS F 79 55.99 21.36 -3.19
N ASP F 80 56.25 20.85 -1.99
CA ASP F 80 57.51 20.18 -1.69
C ASP F 80 57.35 18.67 -1.64
N VAL F 81 56.57 18.12 -2.57
CA VAL F 81 56.26 16.69 -2.62
C VAL F 81 57.44 15.91 -3.22
N ARG F 82 57.61 14.66 -2.75
CA ARG F 82 58.66 13.78 -3.25
C ARG F 82 58.15 12.86 -4.36
N THR F 83 56.96 12.29 -4.15
CA THR F 83 56.33 11.40 -5.13
C THR F 83 54.89 11.86 -5.40
N ALA F 84 54.44 11.75 -6.65
CA ALA F 84 53.07 12.13 -7.02
C ALA F 84 51.99 11.48 -6.16
N HIS F 85 52.29 10.31 -5.59
CA HIS F 85 51.38 9.61 -4.70
C HIS F 85 51.24 10.31 -3.34
N GLU F 86 52.24 11.11 -3.00
CA GLU F 86 52.20 11.96 -1.79
C GLU F 86 51.25 13.12 -2.00
N GLU F 87 51.27 13.72 -3.20
CA GLU F 87 50.38 14.83 -3.54
C GLU F 87 48.92 14.39 -3.50
N ALA F 88 48.67 13.11 -3.77
CA ALA F 88 47.35 12.52 -3.62
C ALA F 88 46.95 12.47 -2.15
N VAL F 89 47.86 12.00 -1.30
CA VAL F 89 47.60 11.93 0.14
C VAL F 89 47.21 13.30 0.70
N PHE F 90 47.89 14.35 0.27
CA PHE F 90 47.58 15.69 0.72
C PHE F 90 46.22 16.22 0.22
N ASN F 91 45.78 15.76 -0.96
CA ASN F 91 44.44 16.09 -1.44
C ASN F 91 43.37 15.57 -0.47
N ASN F 92 43.57 14.35 0.01
CA ASN F 92 42.68 13.76 1.04
C ASN F 92 42.79 14.52 2.35
N ILE F 93 44.02 14.73 2.81
CA ILE F 93 44.28 15.48 4.04
C ILE F 93 43.60 16.85 3.98
N GLN F 94 43.86 17.60 2.91
CA GLN F 94 43.24 18.92 2.71
C GLN F 94 41.72 18.85 2.79
N PHE F 95 41.12 17.86 2.12
CA PHE F 95 39.67 17.66 2.21
C PHE F 95 39.23 17.43 3.64
N MET F 96 39.93 16.53 4.34
CA MET F 96 39.56 16.20 5.71
C MET F 96 39.81 17.34 6.71
N GLU F 97 40.69 18.28 6.37
CA GLU F 97 40.84 19.47 7.20
C GLU F 97 39.61 20.37 7.08
N SER F 98 39.11 20.53 5.85
CA SER F 98 37.83 21.22 5.62
C SER F 98 36.68 20.54 6.39
N VAL F 99 36.75 19.21 6.52
CA VAL F 99 35.78 18.46 7.32
C VAL F 99 35.98 18.74 8.82
N HIS F 100 37.22 18.78 9.28
CA HIS F 100 37.49 19.07 10.68
C HIS F 100 36.92 20.45 11.04
N ALA F 101 37.20 21.44 10.19
CA ALA F 101 36.77 22.82 10.44
C ALA F 101 35.26 22.99 10.41
N LYS F 102 34.60 22.30 9.49
CA LYS F 102 33.14 22.38 9.39
C LYS F 102 32.45 21.78 10.60
N SER F 103 33.02 20.71 11.16
CA SER F 103 32.36 19.95 12.22
C SER F 103 32.13 20.75 13.52
N TYR F 104 32.97 21.75 13.78
CA TYR F 104 32.74 22.65 14.92
C TYR F 104 31.50 23.53 14.69
N SER F 105 31.23 23.87 13.43
CA SER F 105 30.01 24.60 13.09
C SER F 105 28.78 23.73 13.35
N SER F 106 28.90 22.42 13.06
CA SER F 106 27.84 21.46 13.37
C SER F 106 27.66 21.32 14.88
N ILE F 107 28.77 21.34 15.62
CA ILE F 107 28.69 21.38 17.08
C ILE F 107 28.03 22.69 17.53
N PHE F 108 28.48 23.82 16.96
CA PHE F 108 27.88 25.13 17.30
C PHE F 108 26.39 25.19 16.96
N SER F 109 26.02 24.67 15.80
CA SER F 109 24.61 24.65 15.33
C SER F 109 23.70 24.09 16.40
N THR F 110 24.14 23.01 17.04
CA THR F 110 23.36 22.33 18.07
C THR F 110 23.42 23.03 19.43
N LEU F 111 24.60 23.48 19.84
CA LEU F 111 24.84 23.96 21.20
C LEU F 111 24.52 25.45 21.44
N ASN F 112 24.65 26.26 20.39
CA ASN F 112 24.70 27.70 20.56
C ASN F 112 23.61 28.49 19.85
N THR F 113 23.32 29.67 20.39
CA THR F 113 22.32 30.54 19.82
C THR F 113 22.90 31.31 18.65
N LYS F 114 22.04 32.00 17.93
CA LYS F 114 22.45 32.87 16.83
C LYS F 114 23.55 33.82 17.31
N SER F 115 23.27 34.54 18.39
CA SER F 115 24.18 35.60 18.82
C SER F 115 25.44 35.06 19.52
N GLU F 116 25.32 33.91 20.20
CA GLU F 116 26.50 33.24 20.78
C GLU F 116 27.53 32.85 19.72
N ILE F 117 27.05 32.39 18.57
CA ILE F 117 27.93 31.99 17.48
C ILE F 117 28.68 33.20 16.91
N ASP F 118 27.98 34.31 16.77
CA ASP F 118 28.60 35.53 16.26
C ASP F 118 29.65 36.01 17.25
N GLU F 119 29.33 35.97 18.54
CA GLU F 119 30.29 36.30 19.59
C GLU F 119 31.54 35.40 19.53
N ILE F 120 31.34 34.12 19.27
CA ILE F 120 32.44 33.17 19.19
C ILE F 120 33.38 33.47 18.01
N PHE F 121 32.80 33.75 16.84
CA PHE F 121 33.60 34.06 15.66
C PHE F 121 34.20 35.47 15.70
N ALA F 122 33.45 36.41 16.25
CA ALA F 122 33.96 37.74 16.50
C ALA F 122 35.14 37.65 17.45
N TRP F 123 35.00 36.84 18.49
CA TRP F 123 36.09 36.61 19.46
C TRP F 123 37.25 35.88 18.80
N THR F 124 36.95 34.86 18.00
CA THR F 124 37.97 34.03 17.38
C THR F 124 38.78 34.79 16.34
N ASN F 125 38.11 35.62 15.55
CA ASN F 125 38.77 36.37 14.47
C ASN F 125 39.63 37.55 14.98
N THR F 126 39.50 37.91 16.26
CA THR F 126 40.26 39.02 16.84
C THR F 126 41.06 38.67 18.10
N ASN F 127 41.10 37.40 18.50
CA ASN F 127 41.85 37.05 19.71
C ASN F 127 43.36 37.16 19.52
N PRO F 128 44.02 38.05 20.28
CA PRO F 128 45.46 38.30 20.17
C PRO F 128 46.36 37.06 20.09
N TYR F 129 46.09 36.05 20.90
CA TYR F 129 46.90 34.83 20.91
C TYR F 129 46.70 33.97 19.66
N LEU F 130 45.44 33.85 19.22
CA LEU F 130 45.09 32.97 18.10
C LEU F 130 45.52 33.60 16.78
N GLN F 131 45.36 34.92 16.67
CA GLN F 131 45.77 35.63 15.48
C GLN F 131 47.31 35.65 15.37
N LYS F 132 47.98 35.75 16.51
CA LYS F 132 49.42 35.57 16.55
C LYS F 132 49.84 34.17 16.11
N LYS F 133 49.12 33.16 16.59
CA LYS F 133 49.44 31.77 16.26
C LYS F 133 49.34 31.55 14.76
N ALA F 134 48.23 31.99 14.17
CA ALA F 134 48.02 31.89 12.74
C ALA F 134 49.10 32.66 11.97
N GLU F 135 49.38 33.88 12.41
CA GLU F 135 50.35 34.74 11.73
C GLU F 135 51.76 34.13 11.73
N ILE F 136 52.15 33.49 12.83
CA ILE F 136 53.45 32.81 12.91
C ILE F 136 53.46 31.56 12.02
N ILE F 137 52.45 30.71 12.16
CA ILE F 137 52.39 29.46 11.41
C ILE F 137 52.25 29.72 9.90
N ASN F 138 51.39 30.67 9.52
CA ASN F 138 51.14 30.98 8.10
C ASN F 138 52.27 31.74 7.43
N GLU F 139 52.98 32.59 8.18
CA GLU F 139 54.19 33.26 7.66
C GLU F 139 55.26 32.24 7.28
N ILE F 140 55.35 31.14 8.02
CA ILE F 140 56.25 30.04 7.67
C ILE F 140 55.74 29.31 6.43
N TYR F 141 54.43 29.07 6.34
CA TYR F 141 53.84 28.40 5.18
C TYR F 141 54.08 29.15 3.88
N LEU F 142 54.07 30.48 3.93
CA LEU F 142 54.33 31.28 2.72
C LEU F 142 55.81 31.45 2.39
N ASN F 143 56.68 31.56 3.39
CA ASN F 143 58.09 31.95 3.16
C ASN F 143 59.15 30.90 3.50
N GLY F 144 58.84 29.99 4.42
CA GLY F 144 59.86 29.06 4.91
C GLY F 144 60.31 28.03 3.91
N THR F 145 61.34 27.28 4.28
CA THR F 145 61.83 26.16 3.48
C THR F 145 60.79 25.04 3.52
N ALA F 146 60.98 24.02 2.70
CA ALA F 146 60.15 22.82 2.77
C ALA F 146 60.11 22.28 4.19
N LEU F 147 61.29 22.13 4.79
CA LEU F 147 61.43 21.57 6.14
C LEU F 147 60.81 22.44 7.23
N GLU F 148 60.93 23.75 7.10
CA GLU F 148 60.38 24.67 8.10
C GLU F 148 58.85 24.57 8.16
N LYS F 149 58.24 24.30 7.01
CA LYS F 149 56.78 24.18 6.91
C LYS F 149 56.22 22.88 7.48
N LYS F 150 56.93 21.77 7.26
CA LYS F 150 56.52 20.46 7.81
C LYS F 150 56.61 20.41 9.33
N ILE F 151 57.54 21.17 9.90
CA ILE F 151 57.68 21.25 11.36
C ILE F 151 56.49 22.01 11.92
N ALA F 152 56.13 23.11 11.27
CA ALA F 152 55.02 23.95 11.71
C ALA F 152 53.71 23.20 11.69
N SER F 153 53.49 22.41 10.63
CA SER F 153 52.27 21.63 10.49
C SER F 153 52.15 20.60 11.59
N VAL F 154 53.26 19.93 11.89
CA VAL F 154 53.30 18.89 12.92
C VAL F 154 53.15 19.49 14.33
N PHE F 155 53.82 20.61 14.58
CA PHE F 155 53.67 21.33 15.84
C PHE F 155 52.23 21.78 16.07
N LEU F 156 51.58 22.26 15.01
CA LEU F 156 50.25 22.83 15.14
C LEU F 156 49.23 21.81 15.61
N GLU F 157 49.14 20.67 14.95
CA GLU F 157 48.05 19.70 15.20
C GLU F 157 48.41 18.45 16.01
N THR F 158 49.70 18.18 16.22
CA THR F 158 50.11 17.10 17.12
C THR F 158 50.44 17.62 18.52
N PHE F 159 50.64 18.93 18.63
CA PHE F 159 51.03 19.56 19.89
C PHE F 159 50.07 20.69 20.26
N LEU F 160 50.04 21.77 19.47
CA LEU F 160 49.30 22.98 19.88
C LEU F 160 47.79 22.77 20.02
N PHE F 161 47.20 21.98 19.12
CA PHE F 161 45.76 21.72 19.17
C PHE F 161 45.27 21.09 20.49
N TYR F 162 46.20 20.54 21.28
CA TYR F 162 45.85 19.87 22.54
C TYR F 162 45.63 20.81 23.74
N SER F 163 45.90 22.10 23.57
CA SER F 163 45.39 23.10 24.51
C SER F 163 43.86 23.10 24.43
N GLY F 164 43.35 22.88 23.22
CA GLY F 164 41.93 22.76 22.97
C GLY F 164 41.38 21.38 23.29
N PHE F 165 41.91 20.35 22.65
CA PHE F 165 41.38 18.98 22.79
C PHE F 165 41.21 18.51 24.23
N PHE F 166 41.99 19.09 25.15
CA PHE F 166 41.89 18.78 26.59
C PHE F 166 40.45 18.79 27.12
N THR F 167 39.68 19.80 26.71
CA THR F 167 38.37 20.07 27.29
C THR F 167 37.28 19.04 26.92
N PRO F 168 37.09 18.75 25.62
CA PRO F 168 36.12 17.70 25.28
C PRO F 168 36.58 16.31 25.71
N LEU F 169 37.89 16.09 25.78
CA LEU F 169 38.42 14.85 26.33
C LEU F 169 38.15 14.73 27.84
N TYR F 170 38.21 15.85 28.55
CA TYR F 170 37.91 15.88 29.98
C TYR F 170 36.45 15.51 30.26
N TYR F 171 35.54 16.05 29.46
CA TYR F 171 34.12 15.77 29.66
C TYR F 171 33.77 14.33 29.31
N LEU F 172 34.35 13.80 28.23
CA LEU F 172 34.14 12.42 27.82
C LEU F 172 34.50 11.45 28.96
N GLY F 173 35.58 11.76 29.68
CA GLY F 173 36.02 10.97 30.83
C GLY F 173 35.03 11.00 31.99
N ASN F 174 34.34 12.13 32.17
CA ASN F 174 33.24 12.23 33.12
C ASN F 174 31.92 11.71 32.53
N ASN F 175 32.00 11.12 31.34
CA ASN F 175 30.83 10.61 30.62
C ASN F 175 29.80 11.72 30.35
N LYS F 176 30.30 12.81 29.78
CA LYS F 176 29.50 13.99 29.44
C LYS F 176 29.92 14.51 28.07
N LEU F 177 28.97 15.09 27.34
CA LEU F 177 29.19 15.57 25.96
C LEU F 177 29.86 14.51 25.06
N ALA F 178 29.35 13.29 25.13
CA ALA F 178 29.96 12.14 24.45
C ALA F 178 29.94 12.25 22.92
N ASN F 179 28.85 12.79 22.37
CA ASN F 179 28.70 12.92 20.92
C ASN F 179 29.52 14.07 20.36
N VAL F 180 29.53 15.20 21.07
CA VAL F 180 30.46 16.28 20.80
C VAL F 180 31.88 15.72 20.85
N ALA F 181 32.15 14.87 21.84
CA ALA F 181 33.46 14.28 22.01
C ALA F 181 33.83 13.34 20.86
N GLU F 182 32.83 12.62 20.32
CA GLU F 182 33.10 11.69 19.23
C GLU F 182 33.67 12.38 18.00
N ILE F 183 33.19 13.59 17.71
CA ILE F 183 33.72 14.39 16.60
C ILE F 183 35.19 14.71 16.83
N ILE F 184 35.51 15.17 18.04
CA ILE F 184 36.89 15.47 18.43
C ILE F 184 37.72 14.20 18.37
N LYS F 185 37.13 13.09 18.81
CA LYS F 185 37.79 11.80 18.80
C LYS F 185 38.08 11.35 17.36
N LEU F 186 37.17 11.69 16.45
CA LEU F 186 37.38 11.42 15.02
C LEU F 186 38.43 12.36 14.40
N ILE F 187 38.46 13.60 14.84
CA ILE F 187 39.47 14.57 14.40
C ILE F 187 40.86 14.11 14.84
N ILE F 188 40.98 13.77 16.12
CA ILE F 188 42.22 13.26 16.69
C ILE F 188 42.68 12.00 15.96
N ARG F 189 41.73 11.10 15.67
CA ARG F 189 41.98 9.86 14.95
C ARG F 189 42.61 10.10 13.56
N ASP F 190 42.28 11.21 12.92
CA ASP F 190 42.90 11.59 11.66
C ASP F 190 44.26 12.23 11.88
N GLU F 191 44.32 13.19 12.80
CA GLU F 191 45.52 14.01 12.95
C GLU F 191 46.76 13.26 13.43
N SER F 192 46.56 12.11 14.08
CA SER F 192 47.71 11.27 14.46
C SER F 192 48.43 10.78 13.21
N VAL F 193 47.67 10.36 12.20
CA VAL F 193 48.25 9.89 10.94
C VAL F 193 48.83 11.06 10.14
N HIS F 194 48.20 12.23 10.24
CA HIS F 194 48.73 13.45 9.61
C HIS F 194 50.12 13.78 10.15
N GLY F 195 50.28 13.67 11.47
CA GLY F 195 51.55 13.95 12.13
C GLY F 195 52.63 12.94 11.75
N THR F 196 52.30 11.65 11.83
CA THR F 196 53.21 10.57 11.42
C THR F 196 53.75 10.79 10.01
N TYR F 197 52.85 11.05 9.07
CA TYR F 197 53.18 11.11 7.65
C TYR F 197 54.03 12.33 7.31
N ILE F 198 53.59 13.50 7.78
CA ILE F 198 54.33 14.74 7.50
C ILE F 198 55.68 14.71 8.20
N GLY F 199 55.69 14.18 9.43
CA GLY F 199 56.92 13.98 10.19
C GLY F 199 57.86 12.98 9.52
N TYR F 200 57.29 11.95 8.91
CA TYR F 200 58.08 10.96 8.16
C TYR F 200 58.74 11.57 6.92
N LYS F 201 57.95 12.26 6.10
CA LYS F 201 58.47 12.95 4.92
C LYS F 201 59.51 14.01 5.29
N PHE F 202 59.36 14.59 6.47
CA PHE F 202 60.34 15.53 7.02
C PHE F 202 61.68 14.85 7.26
N GLN F 203 61.65 13.70 7.92
CA GLN F 203 62.86 12.94 8.22
C GLN F 203 63.62 12.54 6.96
N LEU F 204 62.88 12.15 5.92
CA LEU F 204 63.50 11.74 4.66
C LEU F 204 64.42 12.84 4.12
N ALA F 205 63.89 14.06 4.04
CA ALA F 205 64.67 15.21 3.58
C ALA F 205 65.64 15.71 4.65
N PHE F 206 65.28 15.52 5.92
CA PHE F 206 66.16 15.92 7.03
C PHE F 206 67.48 15.15 7.03
N ASN F 207 67.38 13.83 6.92
CA ASN F 207 68.56 12.96 6.94
C ASN F 207 69.47 13.20 5.73
N GLU F 208 68.88 13.56 4.60
CA GLU F 208 69.64 13.87 3.39
C GLU F 208 70.51 15.13 3.53
N LEU F 209 70.20 15.98 4.50
CA LEU F 209 70.98 17.19 4.73
C LEU F 209 72.36 16.88 5.31
N PRO F 210 73.33 17.77 5.07
CA PRO F 210 74.61 17.65 5.76
C PRO F 210 74.43 17.91 7.25
N GLU F 211 75.29 17.30 8.06
CA GLU F 211 75.24 17.49 9.52
C GLU F 211 75.20 18.97 9.88
N ASP F 212 75.97 19.77 9.15
CA ASP F 212 75.99 21.22 9.30
C ASP F 212 74.57 21.82 9.35
N GLU F 213 73.80 21.60 8.30
CA GLU F 213 72.47 22.19 8.18
C GLU F 213 71.45 21.58 9.14
N GLN F 214 71.65 20.31 9.51
CA GLN F 214 70.75 19.62 10.44
C GLN F 214 70.69 20.27 11.83
N GLU F 215 71.85 20.60 12.39
CA GLU F 215 71.92 21.20 13.72
C GLU F 215 71.38 22.63 13.76
N LYS F 216 71.47 23.33 12.63
CA LYS F 216 70.85 24.65 12.49
C LYS F 216 69.34 24.53 12.48
N LEU F 217 68.83 23.50 11.79
CA LEU F 217 67.40 23.25 11.75
C LEU F 217 66.87 22.84 13.13
N LYS F 218 67.65 22.05 13.85
CA LYS F 218 67.31 21.68 15.24
C LYS F 218 67.25 22.92 16.16
N GLU F 219 68.11 23.90 15.89
CA GLU F 219 68.07 25.17 16.63
C GLU F 219 66.83 26.00 16.27
N TRP F 220 66.56 26.14 14.97
CA TRP F 220 65.35 26.83 14.50
C TRP F 220 64.10 26.14 15.04
N MET F 221 64.07 24.81 14.95
CA MET F 221 62.97 23.99 15.45
C MET F 221 62.75 24.18 16.95
N TYR F 222 63.83 24.18 17.71
CA TYR F 222 63.75 24.31 19.17
C TYR F 222 63.19 25.66 19.54
N ASP F 223 63.69 26.72 18.90
CA ASP F 223 63.25 28.08 19.18
C ASP F 223 61.78 28.31 18.84
N LEU F 224 61.32 27.73 17.72
CA LEU F 224 59.92 27.85 17.32
C LEU F 224 59.00 27.17 18.34
N LEU F 225 59.38 25.96 18.76
CA LEU F 225 58.64 25.24 19.79
C LEU F 225 58.46 26.11 21.03
N TYR F 226 59.56 26.67 21.52
CA TYR F 226 59.51 27.52 22.71
C TYR F 226 58.80 28.85 22.48
N THR F 227 58.82 29.35 21.24
CA THR F 227 58.04 30.54 20.89
C THR F 227 56.55 30.20 20.97
N LEU F 228 56.16 29.15 20.25
CA LEU F 228 54.77 28.73 20.22
C LEU F 228 54.29 28.27 21.60
N TYR F 229 55.07 27.42 22.27
CA TYR F 229 54.71 26.93 23.60
C TYR F 229 54.44 28.07 24.58
N GLU F 230 55.30 29.09 24.58
CA GLU F 230 55.16 30.25 25.46
C GLU F 230 53.91 31.06 25.13
N ASN F 231 53.67 31.28 23.85
CA ASN F 231 52.47 32.00 23.44
C ASN F 231 51.23 31.18 23.74
N GLU F 232 51.36 29.86 23.64
CA GLU F 232 50.24 28.95 23.94
C GLU F 232 49.90 28.90 25.42
N GLU F 233 50.89 29.14 26.28
CA GLU F 233 50.65 29.06 27.71
C GLU F 233 49.95 30.32 28.24
N GLY F 234 50.15 31.44 27.57
CA GLY F 234 49.34 32.63 27.85
C GLY F 234 47.89 32.44 27.42
N TYR F 235 47.70 31.71 26.31
CA TYR F 235 46.37 31.39 25.80
C TYR F 235 45.67 30.38 26.69
N THR F 236 46.43 29.38 27.14
CA THR F 236 45.93 28.39 28.08
C THR F 236 45.50 29.06 29.39
N GLU F 237 46.35 29.94 29.92
CA GLU F 237 45.98 30.78 31.07
C GLU F 237 44.71 31.60 30.78
N SER F 238 44.64 32.16 29.57
CA SER F 238 43.52 32.99 29.14
C SER F 238 42.17 32.27 29.26
N LEU F 239 42.12 31.02 28.83
CA LEU F 239 40.87 30.25 28.83
C LEU F 239 40.58 29.54 30.15
N TYR F 240 41.59 28.84 30.69
CA TYR F 240 41.38 27.88 31.78
C TYR F 240 41.57 28.41 33.20
N ASP F 241 42.08 29.63 33.37
CA ASP F 241 42.29 30.17 34.72
C ASP F 241 41.01 30.16 35.55
N THR F 242 39.90 30.63 34.99
CA THR F 242 38.64 30.77 35.74
C THR F 242 38.02 29.43 36.16
N VAL F 243 38.46 28.33 35.56
CA VAL F 243 38.01 27.00 35.99
C VAL F 243 39.11 26.21 36.70
N GLY F 244 40.33 26.75 36.71
CA GLY F 244 41.44 26.17 37.47
C GLY F 244 42.05 24.90 36.93
N TRP F 245 42.03 24.71 35.60
CA TRP F 245 42.67 23.54 34.97
C TRP F 245 44.00 23.88 34.30
N THR F 246 44.39 25.16 34.32
CA THR F 246 45.56 25.67 33.60
C THR F 246 46.78 24.75 33.64
N GLU F 247 47.23 24.38 34.85
CA GLU F 247 48.48 23.63 34.97
C GLU F 247 48.35 22.23 34.37
N GLU F 248 47.24 21.56 34.65
CA GLU F 248 46.98 20.24 34.07
C GLU F 248 46.91 20.24 32.53
N VAL F 249 46.47 21.36 31.95
CA VAL F 249 46.50 21.53 30.50
C VAL F 249 47.94 21.69 30.04
N LYS F 250 48.68 22.54 30.75
CA LYS F 250 50.11 22.76 30.47
C LYS F 250 50.88 21.45 30.52
N THR F 251 50.56 20.59 31.48
CA THR F 251 51.12 19.25 31.54
C THR F 251 50.78 18.51 30.25
N PHE F 252 49.51 18.62 29.84
CA PHE F 252 48.99 17.93 28.66
C PHE F 252 49.66 18.42 27.37
N LEU F 253 49.96 19.71 27.32
CA LEU F 253 50.69 20.31 26.20
C LEU F 253 52.07 19.69 26.06
N ARG F 254 52.82 19.69 27.16
CA ARG F 254 54.18 19.15 27.17
C ARG F 254 54.20 17.69 26.75
N TYR F 255 53.26 16.90 27.26
CA TYR F 255 53.14 15.49 26.87
C TYR F 255 52.98 15.32 25.36
N ASN F 256 52.08 16.09 24.77
CA ASN F 256 51.87 16.08 23.32
C ASN F 256 52.97 16.76 22.52
N ALA F 257 53.71 17.67 23.15
CA ALA F 257 54.88 18.28 22.53
C ALA F 257 55.94 17.24 22.21
N ASN F 258 56.11 16.27 23.12
CA ASN F 258 57.04 15.17 22.89
C ASN F 258 56.69 14.32 21.67
N LYS F 259 55.39 14.15 21.42
CA LYS F 259 54.94 13.36 20.27
C LYS F 259 55.26 14.05 18.94
N ALA F 260 55.07 15.36 18.87
CA ALA F 260 55.42 16.14 17.68
C ALA F 260 56.90 16.00 17.37
N LEU F 261 57.74 16.11 18.40
CA LEU F 261 59.17 15.83 18.27
C LEU F 261 59.41 14.38 17.86
N MET F 262 58.70 13.46 18.51
CA MET F 262 58.75 12.04 18.15
C MET F 262 58.47 11.85 16.65
N ASN F 263 57.38 12.46 16.17
CA ASN F 263 57.00 12.39 14.75
C ASN F 263 58.06 12.92 13.79
N LEU F 264 58.76 13.96 14.21
CA LEU F 264 59.89 14.51 13.45
C LEU F 264 61.19 13.77 13.77
N GLY F 265 61.08 12.58 14.36
CA GLY F 265 62.24 11.74 14.65
C GLY F 265 63.18 12.31 15.69
N GLN F 266 62.70 13.24 16.51
CA GLN F 266 63.54 13.94 17.48
C GLN F 266 63.35 13.41 18.89
N ASP F 267 64.31 13.74 19.74
CA ASP F 267 64.31 13.31 21.12
C ASP F 267 63.23 14.06 21.89
N PRO F 268 62.62 13.41 22.90
CA PRO F 268 61.66 14.10 23.75
C PRO F 268 62.32 15.27 24.46
N LEU F 269 61.60 16.38 24.60
CA LEU F 269 62.15 17.59 25.22
C LEU F 269 61.64 17.80 26.64
N PHE F 270 60.61 17.05 27.04
CA PHE F 270 59.97 17.23 28.35
C PHE F 270 59.87 15.91 29.09
N PRO F 271 59.89 15.96 30.44
CA PRO F 271 59.74 14.74 31.23
C PRO F 271 58.30 14.22 31.27
N ASP F 272 57.32 15.07 31.00
CA ASP F 272 55.90 14.75 31.21
C ASP F 272 55.43 13.58 30.35
N SER F 273 54.73 12.64 30.99
CA SER F 273 54.25 11.42 30.32
C SER F 273 52.77 11.20 30.61
N ALA F 274 52.21 10.11 30.06
CA ALA F 274 50.79 9.78 30.25
C ALA F 274 50.36 9.74 31.71
N ASP F 275 51.24 9.20 32.56
CA ASP F 275 50.96 9.06 33.99
C ASP F 275 50.78 10.41 34.68
N ASP F 276 51.49 11.42 34.19
CA ASP F 276 51.46 12.76 34.79
C ASP F 276 50.19 13.53 34.41
N VAL F 277 49.59 13.18 33.29
CA VAL F 277 48.40 13.88 32.80
C VAL F 277 47.17 13.52 33.65
N ASN F 278 46.24 14.46 33.76
CA ASN F 278 44.95 14.22 34.42
C ASN F 278 44.34 12.89 33.96
N PRO F 279 43.98 12.02 34.93
CA PRO F 279 43.52 10.68 34.58
C PRO F 279 42.18 10.64 33.85
N ILE F 280 41.30 11.61 34.13
CA ILE F 280 40.00 11.70 33.47
C ILE F 280 40.17 11.98 31.98
N VAL F 281 41.09 12.89 31.64
CA VAL F 281 41.36 13.26 30.25
C VAL F 281 42.04 12.13 29.48
N MET F 282 43.01 11.49 30.12
CA MET F 282 43.79 10.42 29.50
C MET F 282 42.88 9.22 29.16
N ASN F 283 41.89 8.99 30.02
CA ASN F 283 40.85 8.00 29.76
C ASN F 283 40.07 8.33 28.48
N GLY F 284 39.93 9.62 28.19
CA GLY F 284 39.30 10.09 26.97
C GLY F 284 40.01 9.67 25.69
N ILE F 285 41.34 9.54 25.75
CA ILE F 285 42.12 9.08 24.60
C ILE F 285 42.08 7.55 24.48
N SER F 286 42.30 6.86 25.60
CA SER F 286 42.39 5.40 25.61
C SER F 286 41.02 4.74 25.51
N TYR G 4 9.52 -34.87 -43.12
CA TYR G 4 8.42 -35.73 -42.59
C TYR G 4 7.18 -34.92 -42.19
N TYR G 5 7.41 -33.81 -41.48
CA TYR G 5 6.32 -32.93 -41.05
C TYR G 5 6.65 -31.47 -41.38
N LYS G 6 5.62 -30.65 -41.60
CA LYS G 6 5.80 -29.25 -41.98
C LYS G 6 5.21 -28.32 -40.92
N ALA G 7 5.88 -27.19 -40.68
CA ALA G 7 5.44 -26.22 -39.70
C ALA G 7 4.36 -25.30 -40.31
N ILE G 8 3.41 -24.88 -39.47
CA ILE G 8 2.35 -23.98 -39.91
C ILE G 8 2.84 -22.54 -39.90
N ASN G 9 2.52 -21.80 -40.96
CA ASN G 9 3.02 -20.44 -41.16
C ASN G 9 1.88 -19.46 -41.41
N TRP G 10 1.70 -18.51 -40.50
CA TRP G 10 0.62 -17.51 -40.61
C TRP G 10 1.09 -16.21 -41.27
N ASN G 11 2.28 -16.24 -41.88
CA ASN G 11 2.75 -15.16 -42.75
C ASN G 11 2.61 -15.53 -44.23
N ALA G 12 2.73 -16.82 -44.54
CA ALA G 12 2.52 -17.34 -45.88
C ALA G 12 1.11 -17.92 -46.00
N ILE G 13 0.13 -17.03 -46.10
CA ILE G 13 -1.29 -17.43 -46.18
C ILE G 13 -1.58 -18.08 -47.54
N GLU G 14 -2.27 -19.21 -47.50
CA GLU G 14 -2.68 -19.95 -48.71
C GLU G 14 -4.08 -19.51 -49.14
N ASP G 15 -4.97 -19.35 -48.17
CA ASP G 15 -6.33 -18.87 -48.42
C ASP G 15 -6.63 -17.70 -47.47
N VAL G 16 -7.00 -16.56 -48.04
CA VAL G 16 -7.22 -15.33 -47.25
C VAL G 16 -8.40 -15.42 -46.27
N ILE G 17 -9.37 -16.28 -46.56
CA ILE G 17 -10.53 -16.49 -45.68
C ILE G 17 -10.11 -17.17 -44.36
N ASP G 18 -9.11 -18.05 -44.41
CA ASP G 18 -8.63 -18.76 -43.21
C ASP G 18 -8.15 -17.80 -42.13
N LYS G 19 -7.49 -16.72 -42.54
CA LYS G 19 -7.02 -15.69 -41.62
C LYS G 19 -8.19 -14.93 -41.01
N SER G 20 -9.12 -14.49 -41.86
CA SER G 20 -10.25 -13.66 -41.41
C SER G 20 -11.24 -14.42 -40.52
N THR G 21 -11.40 -15.72 -40.78
CA THR G 21 -12.33 -16.55 -40.00
C THR G 21 -11.78 -16.86 -38.61
N TRP G 22 -10.49 -17.15 -38.55
CA TRP G 22 -9.79 -17.32 -37.27
C TRP G 22 -9.92 -16.05 -36.44
N GLU G 23 -9.60 -14.91 -37.07
CA GLU G 23 -9.71 -13.60 -36.42
C GLU G 23 -11.15 -13.25 -36.01
N LYS G 24 -12.14 -13.89 -36.62
CA LYS G 24 -13.54 -13.66 -36.27
C LYS G 24 -14.05 -14.62 -35.20
N LEU G 25 -13.67 -15.89 -35.30
CA LEU G 25 -14.16 -16.93 -34.37
C LEU G 25 -13.47 -16.88 -33.00
N THR G 26 -12.18 -16.59 -32.98
CA THR G 26 -11.43 -16.47 -31.72
C THR G 26 -11.83 -15.20 -30.96
N GLU G 27 -12.03 -14.11 -31.70
CA GLU G 27 -12.47 -12.83 -31.10
C GLU G 27 -13.93 -12.88 -30.65
N GLN G 28 -14.66 -13.91 -31.08
CA GLN G 28 -16.02 -14.17 -30.58
C GLN G 28 -16.03 -15.16 -29.42
N PHE G 29 -14.88 -15.41 -28.81
CA PHE G 29 -14.79 -16.36 -27.70
C PHE G 29 -15.67 -15.93 -26.55
N TRP G 30 -16.40 -16.89 -25.96
CA TRP G 30 -17.28 -16.64 -24.82
C TRP G 30 -17.44 -17.88 -23.96
N LEU G 31 -17.83 -17.65 -22.70
CA LEU G 31 -18.03 -18.72 -21.73
C LEU G 31 -19.36 -18.54 -21.01
N ASP G 32 -20.02 -19.67 -20.74
CA ASP G 32 -21.30 -19.68 -20.01
C ASP G 32 -21.18 -19.18 -18.56
N THR G 33 -20.01 -19.34 -17.96
CA THR G 33 -19.77 -18.93 -16.57
C THR G 33 -19.80 -17.42 -16.35
N ARG G 34 -19.61 -16.64 -17.42
CA ARG G 34 -19.64 -15.17 -17.33
C ARG G 34 -21.06 -14.62 -17.22
N ILE G 35 -21.99 -15.18 -17.99
CA ILE G 35 -23.36 -14.66 -18.09
C ILE G 35 -24.16 -14.98 -16.83
N PRO G 36 -24.76 -13.96 -16.19
CA PRO G 36 -25.56 -14.16 -14.97
C PRO G 36 -26.98 -14.68 -15.27
N LEU G 37 -27.16 -15.99 -15.16
CA LEU G 37 -28.44 -16.64 -15.45
C LEU G 37 -29.50 -16.44 -14.35
N SER G 38 -29.06 -16.16 -13.13
CA SER G 38 -29.96 -16.04 -11.98
C SER G 38 -30.97 -14.89 -12.08
N ASN G 39 -30.72 -13.94 -12.99
CA ASN G 39 -31.63 -12.82 -13.22
C ASN G 39 -32.88 -13.20 -14.03
N ASP G 40 -32.83 -14.36 -14.69
CA ASP G 40 -33.96 -14.86 -15.49
C ASP G 40 -34.95 -15.71 -14.69
N LEU G 41 -34.66 -15.96 -13.41
CA LEU G 41 -35.52 -16.83 -12.59
C LEU G 41 -36.87 -16.18 -12.24
N ASP G 42 -36.93 -14.85 -12.26
CA ASP G 42 -38.19 -14.15 -12.02
C ASP G 42 -39.16 -14.38 -13.17
N ASP G 43 -38.65 -14.32 -14.40
CA ASP G 43 -39.44 -14.62 -15.59
C ASP G 43 -39.75 -16.11 -15.69
N TRP G 44 -38.77 -16.94 -15.36
CA TRP G 44 -38.89 -18.40 -15.45
C TRP G 44 -40.02 -18.97 -14.58
N ARG G 45 -40.10 -18.52 -13.33
CA ARG G 45 -41.11 -19.02 -12.40
C ARG G 45 -42.54 -18.59 -12.74
N LYS G 46 -42.69 -17.62 -13.64
CA LYS G 46 -43.99 -17.17 -14.13
C LYS G 46 -44.40 -17.87 -15.43
N LEU G 47 -43.73 -18.96 -15.77
CA LEU G 47 -44.10 -19.79 -16.92
C LEU G 47 -44.96 -20.97 -16.46
N SER G 48 -45.73 -21.52 -17.39
CA SER G 48 -46.58 -22.68 -17.12
C SER G 48 -45.76 -23.98 -17.19
N HIS G 49 -46.36 -25.07 -16.74
CA HIS G 49 -45.76 -26.40 -16.88
C HIS G 49 -45.51 -26.72 -18.35
N LYS G 50 -46.50 -26.39 -19.19
CA LYS G 50 -46.42 -26.60 -20.64
C LYS G 50 -45.20 -25.89 -21.26
N GLU G 51 -44.95 -24.66 -20.82
CA GLU G 51 -43.81 -23.88 -21.32
C GLU G 51 -42.47 -24.35 -20.73
N LYS G 52 -42.45 -24.62 -19.44
CA LYS G 52 -41.23 -25.14 -18.78
C LYS G 52 -40.82 -26.50 -19.33
N ASP G 53 -41.82 -27.32 -19.68
CA ASP G 53 -41.59 -28.65 -20.26
C ASP G 53 -40.97 -28.50 -21.66
N LEU G 54 -41.56 -27.62 -22.47
CA LEU G 54 -41.06 -27.32 -23.80
C LEU G 54 -39.58 -26.90 -23.77
N VAL G 55 -39.27 -25.96 -22.88
CA VAL G 55 -37.93 -25.39 -22.80
C VAL G 55 -36.87 -26.45 -22.51
N GLY G 56 -37.14 -27.35 -21.57
CA GLY G 56 -36.22 -28.43 -21.22
C GLY G 56 -35.93 -29.37 -22.38
N LYS G 57 -36.99 -29.74 -23.12
CA LYS G 57 -36.87 -30.63 -24.26
C LYS G 57 -36.16 -29.96 -25.46
N VAL G 58 -36.36 -28.66 -25.61
CA VAL G 58 -35.67 -27.89 -26.64
C VAL G 58 -34.16 -27.88 -26.40
N PHE G 59 -33.75 -27.32 -25.26
CA PHE G 59 -32.33 -27.24 -24.90
C PHE G 59 -31.70 -28.62 -24.74
N GLY G 60 -32.49 -29.60 -24.34
CA GLY G 60 -32.03 -30.99 -24.25
C GLY G 60 -31.68 -31.56 -25.60
N GLY G 61 -32.53 -31.28 -26.59
CA GLY G 61 -32.28 -31.72 -27.97
C GLY G 61 -31.06 -31.07 -28.59
N LEU G 62 -30.89 -29.77 -28.33
CA LEU G 62 -29.74 -29.02 -28.86
C LEU G 62 -28.43 -29.50 -28.22
N THR G 63 -28.48 -29.82 -26.93
CA THR G 63 -27.32 -30.38 -26.23
C THR G 63 -26.79 -31.61 -26.96
N LEU G 64 -27.69 -32.53 -27.30
CA LEU G 64 -27.35 -33.77 -27.98
C LEU G 64 -26.72 -33.53 -29.35
N LEU G 65 -27.30 -32.60 -30.11
CA LEU G 65 -26.83 -32.31 -31.46
C LEU G 65 -25.52 -31.50 -31.46
N ASP G 66 -25.26 -30.76 -30.39
CA ASP G 66 -23.97 -30.07 -30.21
C ASP G 66 -22.91 -31.00 -29.65
N THR G 67 -23.33 -32.08 -28.98
CA THR G 67 -22.40 -33.12 -28.51
C THR G 67 -21.78 -33.84 -29.71
N LEU G 68 -22.62 -34.16 -30.69
CA LEU G 68 -22.21 -34.85 -31.90
C LEU G 68 -21.11 -34.09 -32.66
N GLN G 69 -21.32 -32.78 -32.82
CA GLN G 69 -20.41 -31.93 -33.58
C GLN G 69 -19.03 -31.77 -32.91
N SER G 70 -19.01 -31.72 -31.59
CA SER G 70 -17.76 -31.59 -30.83
C SER G 70 -16.95 -32.90 -30.82
N GLU G 71 -17.64 -34.04 -30.80
CA GLU G 71 -16.98 -35.35 -30.71
C GLU G 71 -16.57 -35.91 -32.07
N SER G 72 -17.54 -36.22 -32.92
CA SER G 72 -17.28 -36.89 -34.20
C SER G 72 -17.59 -36.04 -35.44
N GLY G 73 -18.15 -34.85 -35.24
CA GLY G 73 -18.54 -33.99 -36.36
C GLY G 73 -17.38 -33.28 -37.02
N VAL G 74 -16.72 -32.41 -36.27
CA VAL G 74 -15.58 -31.65 -36.78
C VAL G 74 -14.32 -32.53 -36.87
N ASP G 75 -14.29 -33.61 -36.11
CA ASP G 75 -13.20 -34.59 -36.17
C ASP G 75 -13.17 -35.28 -37.54
N ALA G 76 -14.36 -35.55 -38.08
CA ALA G 76 -14.50 -36.10 -39.43
C ALA G 76 -14.27 -35.03 -40.51
N LEU G 77 -14.69 -33.80 -40.23
CA LEU G 77 -14.52 -32.67 -41.16
C LEU G 77 -13.06 -32.26 -41.37
N ARG G 78 -12.20 -32.48 -40.37
CA ARG G 78 -10.80 -32.07 -40.46
C ARG G 78 -9.97 -32.93 -41.41
N LYS G 79 -10.46 -34.14 -41.70
CA LYS G 79 -9.75 -35.08 -42.58
C LYS G 79 -9.69 -34.59 -44.03
N ASP G 80 -10.67 -33.77 -44.43
CA ASP G 80 -10.76 -33.25 -45.80
C ASP G 80 -10.37 -31.78 -45.85
N VAL G 81 -9.23 -31.46 -45.24
CA VAL G 81 -8.78 -30.07 -45.09
C VAL G 81 -7.78 -29.71 -46.18
N ARG G 82 -7.93 -28.50 -46.74
CA ARG G 82 -7.07 -28.01 -47.82
C ARG G 82 -5.75 -27.47 -47.28
N THR G 83 -5.81 -26.33 -46.59
CA THR G 83 -4.62 -25.65 -46.07
C THR G 83 -4.32 -26.08 -44.65
N ALA G 84 -3.12 -25.75 -44.17
CA ALA G 84 -2.73 -26.04 -42.78
C ALA G 84 -3.44 -25.12 -41.78
N HIS G 85 -3.82 -23.94 -42.24
CA HIS G 85 -4.54 -22.98 -41.40
C HIS G 85 -5.98 -23.45 -41.14
N GLU G 86 -6.60 -24.04 -42.15
CA GLU G 86 -7.97 -24.53 -42.05
C GLU G 86 -8.16 -25.55 -40.94
N GLU G 87 -7.17 -26.41 -40.72
CA GLU G 87 -7.23 -27.39 -39.64
C GLU G 87 -7.18 -26.71 -38.28
N ALA G 88 -6.43 -25.59 -38.19
CA ALA G 88 -6.37 -24.79 -36.98
C ALA G 88 -7.70 -24.09 -36.70
N VAL G 89 -8.38 -23.61 -37.74
CA VAL G 89 -9.68 -22.97 -37.58
C VAL G 89 -10.77 -23.98 -37.19
N PHE G 90 -10.65 -25.22 -37.68
CA PHE G 90 -11.56 -26.30 -37.28
C PHE G 90 -11.32 -26.75 -35.82
N ASN G 91 -10.12 -26.52 -35.30
CA ASN G 91 -9.83 -26.81 -33.89
C ASN G 91 -10.54 -25.82 -32.95
N ASN G 92 -10.53 -24.54 -33.31
CA ASN G 92 -11.32 -23.53 -32.61
C ASN G 92 -12.79 -23.88 -32.66
N ILE G 93 -13.28 -24.14 -33.86
CA ILE G 93 -14.68 -24.51 -34.09
C ILE G 93 -15.08 -25.69 -33.20
N GLN G 94 -14.26 -26.74 -33.16
CA GLN G 94 -14.58 -27.95 -32.39
C GLN G 94 -14.62 -27.68 -30.88
N PHE G 95 -13.75 -26.79 -30.40
CA PHE G 95 -13.75 -26.39 -28.99
C PHE G 95 -15.06 -25.66 -28.66
N MET G 96 -15.44 -24.71 -29.49
CA MET G 96 -16.66 -23.93 -29.27
C MET G 96 -17.93 -24.78 -29.34
N GLU G 97 -17.88 -25.91 -30.05
CA GLU G 97 -19.00 -26.86 -30.06
C GLU G 97 -19.16 -27.52 -28.69
N SER G 98 -18.03 -27.77 -28.02
CA SER G 98 -18.04 -28.30 -26.66
C SER G 98 -18.56 -27.25 -25.68
N VAL G 99 -18.25 -25.98 -25.96
CA VAL G 99 -18.75 -24.85 -25.16
C VAL G 99 -20.27 -24.78 -25.29
N HIS G 100 -20.76 -24.97 -26.52
CA HIS G 100 -22.20 -24.97 -26.77
C HIS G 100 -22.88 -26.09 -25.99
N ALA G 101 -22.36 -27.31 -26.15
CA ALA G 101 -22.90 -28.48 -25.44
C ALA G 101 -22.95 -28.26 -23.93
N LYS G 102 -21.91 -27.65 -23.38
CA LYS G 102 -21.80 -27.38 -21.94
C LYS G 102 -22.79 -26.31 -21.50
N SER G 103 -22.97 -25.28 -22.32
CA SER G 103 -23.79 -24.12 -21.96
C SER G 103 -25.26 -24.48 -21.66
N TYR G 104 -25.76 -25.55 -22.28
CA TYR G 104 -27.14 -26.01 -22.02
C TYR G 104 -27.27 -26.60 -20.61
N SER G 105 -26.24 -27.29 -20.14
CA SER G 105 -26.22 -27.85 -18.79
C SER G 105 -26.08 -26.75 -17.73
N SER G 106 -25.36 -25.67 -18.08
CA SER G 106 -25.23 -24.50 -17.22
C SER G 106 -26.57 -23.78 -17.05
N ILE G 107 -27.33 -23.71 -18.15
CA ILE G 107 -28.69 -23.17 -18.13
C ILE G 107 -29.61 -24.03 -17.26
N PHE G 108 -29.42 -25.35 -17.29
CA PHE G 108 -30.21 -26.26 -16.45
C PHE G 108 -29.90 -26.10 -14.96
N SER G 109 -28.63 -25.83 -14.65
CA SER G 109 -28.18 -25.69 -13.24
C SER G 109 -28.80 -24.49 -12.53
N THR G 110 -29.20 -23.47 -13.28
CA THR G 110 -29.92 -22.32 -12.73
C THR G 110 -31.41 -22.64 -12.58
N LEU G 111 -32.01 -23.11 -13.67
CA LEU G 111 -33.47 -23.25 -13.76
C LEU G 111 -34.04 -24.52 -13.12
N ASN G 112 -33.33 -25.63 -13.26
CA ASN G 112 -33.86 -26.95 -12.89
C ASN G 112 -33.14 -27.60 -11.73
N THR G 113 -33.83 -28.57 -11.11
CA THR G 113 -33.31 -29.36 -9.99
C THR G 113 -32.59 -30.62 -10.48
N LYS G 114 -32.13 -31.44 -9.55
CA LYS G 114 -31.46 -32.72 -9.87
C LYS G 114 -32.35 -33.62 -10.72
N SER G 115 -33.52 -33.95 -10.19
CA SER G 115 -34.44 -34.89 -10.85
C SER G 115 -34.94 -34.35 -12.17
N GLU G 116 -35.25 -33.05 -12.22
CA GLU G 116 -35.71 -32.41 -13.45
C GLU G 116 -34.69 -32.48 -14.59
N ILE G 117 -33.40 -32.47 -14.24
CA ILE G 117 -32.33 -32.60 -15.24
C ILE G 117 -32.23 -34.05 -15.73
N ASP G 118 -32.28 -35.00 -14.79
CA ASP G 118 -32.26 -36.43 -15.13
C ASP G 118 -33.41 -36.79 -16.06
N GLU G 119 -34.58 -36.20 -15.82
CA GLU G 119 -35.73 -36.36 -16.68
C GLU G 119 -35.42 -35.94 -18.11
N ILE G 120 -34.85 -34.74 -18.26
CA ILE G 120 -34.57 -34.18 -19.58
C ILE G 120 -33.58 -35.07 -20.34
N PHE G 121 -32.48 -35.44 -19.70
CA PHE G 121 -31.47 -36.28 -20.35
C PHE G 121 -31.96 -37.72 -20.61
N ALA G 122 -32.84 -38.22 -19.75
CA ALA G 122 -33.48 -39.52 -19.98
C ALA G 122 -34.35 -39.46 -21.23
N TRP G 123 -35.04 -38.34 -21.42
CA TRP G 123 -35.88 -38.12 -22.59
C TRP G 123 -35.06 -37.99 -23.89
N THR G 124 -33.96 -37.25 -23.84
CA THR G 124 -33.12 -37.02 -25.03
C THR G 124 -32.42 -38.30 -25.49
N ASN G 125 -31.87 -39.05 -24.54
CA ASN G 125 -31.15 -40.28 -24.85
C ASN G 125 -32.04 -41.41 -25.37
N THR G 126 -33.35 -41.30 -25.15
CA THR G 126 -34.31 -42.31 -25.61
C THR G 126 -35.27 -41.81 -26.70
N ASN G 127 -35.16 -40.54 -27.09
CA ASN G 127 -36.11 -39.95 -28.04
C ASN G 127 -35.95 -40.55 -29.44
N PRO G 128 -37.07 -40.97 -30.08
CA PRO G 128 -36.98 -41.57 -31.42
C PRO G 128 -36.51 -40.60 -32.51
N TYR G 129 -36.98 -39.36 -32.46
CA TYR G 129 -36.64 -38.35 -33.47
C TYR G 129 -35.18 -37.97 -33.43
N LEU G 130 -34.66 -37.69 -32.24
CA LEU G 130 -33.27 -37.27 -32.06
C LEU G 130 -32.27 -38.39 -32.33
N GLN G 131 -32.51 -39.57 -31.77
CA GLN G 131 -31.60 -40.71 -31.93
C GLN G 131 -31.46 -41.17 -33.38
N LYS G 132 -32.56 -41.06 -34.13
CA LYS G 132 -32.56 -41.42 -35.55
C LYS G 132 -31.97 -40.29 -36.43
N LYS G 133 -32.07 -39.06 -35.95
CA LYS G 133 -31.49 -37.90 -36.65
C LYS G 133 -29.97 -37.91 -36.56
N ALA G 134 -29.44 -38.21 -35.38
CA ALA G 134 -27.99 -38.36 -35.18
C ALA G 134 -27.47 -39.60 -35.90
N GLU G 135 -28.33 -40.61 -36.04
CA GLU G 135 -28.00 -41.85 -36.74
C GLU G 135 -27.71 -41.60 -38.22
N ILE G 136 -28.48 -40.71 -38.84
CA ILE G 136 -28.30 -40.35 -40.25
C ILE G 136 -27.08 -39.45 -40.44
N ILE G 137 -26.90 -38.48 -39.53
CA ILE G 137 -25.83 -37.50 -39.64
C ILE G 137 -24.45 -38.11 -39.36
N ASN G 138 -24.36 -38.97 -38.35
CA ASN G 138 -23.08 -39.60 -37.99
C ASN G 138 -22.65 -40.71 -38.95
N GLU G 139 -23.61 -41.26 -39.70
CA GLU G 139 -23.31 -42.20 -40.79
C GLU G 139 -22.56 -41.47 -41.89
N ILE G 140 -22.95 -40.23 -42.15
CA ILE G 140 -22.31 -39.40 -43.19
C ILE G 140 -20.89 -39.01 -42.77
N TYR G 141 -20.69 -38.74 -41.49
CA TYR G 141 -19.36 -38.36 -40.98
C TYR G 141 -18.35 -39.51 -41.02
N LEU G 142 -18.82 -40.73 -40.74
CA LEU G 142 -17.94 -41.91 -40.76
C LEU G 142 -17.70 -42.41 -42.18
N ASN G 143 -18.77 -42.51 -42.96
CA ASN G 143 -18.73 -43.16 -44.27
C ASN G 143 -18.61 -42.18 -45.45
N GLY G 144 -19.34 -41.07 -45.37
CA GLY G 144 -19.46 -40.14 -46.50
C GLY G 144 -18.18 -39.50 -47.01
N THR G 145 -18.28 -38.83 -48.15
CA THR G 145 -17.13 -38.22 -48.82
C THR G 145 -16.82 -36.83 -48.24
N ALA G 146 -15.80 -36.17 -48.81
CA ALA G 146 -15.40 -34.83 -48.38
C ALA G 146 -16.50 -33.78 -48.57
N LEU G 147 -17.21 -33.86 -49.69
CA LEU G 147 -18.26 -32.89 -50.02
C LEU G 147 -19.58 -33.20 -49.33
N GLU G 148 -19.86 -34.50 -49.13
CA GLU G 148 -21.12 -34.93 -48.51
C GLU G 148 -21.19 -34.63 -47.01
N LYS G 149 -20.04 -34.64 -46.35
CA LYS G 149 -19.96 -34.31 -44.92
C LYS G 149 -20.17 -32.82 -44.68
N LYS G 150 -19.53 -31.99 -45.51
CA LYS G 150 -19.69 -30.54 -45.44
C LYS G 150 -21.14 -30.10 -45.69
N ILE G 151 -21.89 -30.89 -46.44
CA ILE G 151 -23.32 -30.64 -46.66
C ILE G 151 -24.14 -30.92 -45.40
N ALA G 152 -23.81 -32.00 -44.69
CA ALA G 152 -24.55 -32.42 -43.50
C ALA G 152 -24.39 -31.45 -42.33
N SER G 153 -23.17 -30.97 -42.11
CA SER G 153 -22.88 -30.05 -41.01
C SER G 153 -23.63 -28.73 -41.17
N VAL G 154 -23.71 -28.23 -42.41
CA VAL G 154 -24.43 -26.99 -42.70
C VAL G 154 -25.94 -27.19 -42.56
N PHE G 155 -26.42 -28.36 -42.97
CA PHE G 155 -27.84 -28.69 -42.82
C PHE G 155 -28.25 -28.88 -41.36
N LEU G 156 -27.31 -29.32 -40.52
CA LEU G 156 -27.61 -29.53 -39.12
C LEU G 156 -27.73 -28.21 -38.37
N GLU G 157 -26.66 -27.43 -38.39
CA GLU G 157 -26.53 -26.27 -37.50
C GLU G 157 -27.04 -24.93 -38.05
N THR G 158 -27.22 -24.86 -39.37
CA THR G 158 -27.76 -23.64 -40.00
C THR G 158 -29.24 -23.80 -40.40
N PHE G 159 -29.82 -24.96 -40.12
CA PHE G 159 -31.20 -25.27 -40.53
C PHE G 159 -31.99 -26.05 -39.47
N LEU G 160 -31.55 -27.28 -39.18
CA LEU G 160 -32.27 -28.15 -38.23
C LEU G 160 -32.18 -27.69 -36.79
N PHE G 161 -31.08 -27.02 -36.44
CA PHE G 161 -30.89 -26.45 -35.10
C PHE G 161 -31.91 -25.36 -34.76
N TYR G 162 -32.46 -24.72 -35.80
CA TYR G 162 -33.46 -23.66 -35.61
C TYR G 162 -34.87 -24.18 -35.26
N SER G 163 -35.03 -25.51 -35.16
CA SER G 163 -36.24 -26.10 -34.58
C SER G 163 -36.33 -25.71 -33.11
N GLY G 164 -35.19 -25.72 -32.43
CA GLY G 164 -35.09 -25.34 -31.03
C GLY G 164 -34.94 -23.84 -30.82
N PHE G 165 -34.00 -23.22 -31.54
CA PHE G 165 -33.69 -21.79 -31.37
C PHE G 165 -34.92 -20.88 -31.40
N PHE G 166 -35.96 -21.30 -32.12
CA PHE G 166 -37.24 -20.60 -32.16
C PHE G 166 -37.72 -20.14 -30.78
N THR G 167 -37.67 -21.05 -29.81
CA THR G 167 -38.24 -20.81 -28.48
C THR G 167 -37.54 -19.70 -27.67
N PRO G 168 -36.21 -19.79 -27.47
CA PRO G 168 -35.53 -18.69 -26.76
C PRO G 168 -35.60 -17.34 -27.48
N LEU G 169 -35.54 -17.36 -28.81
CA LEU G 169 -35.70 -16.15 -29.62
C LEU G 169 -37.08 -15.53 -29.42
N TYR G 170 -38.10 -16.38 -29.35
CA TYR G 170 -39.47 -15.93 -29.09
C TYR G 170 -39.58 -15.22 -27.75
N TYR G 171 -38.98 -15.82 -26.72
CA TYR G 171 -38.96 -15.21 -25.40
C TYR G 171 -38.16 -13.91 -25.36
N LEU G 172 -37.05 -13.87 -26.09
CA LEU G 172 -36.22 -12.65 -26.17
C LEU G 172 -36.98 -11.48 -26.77
N GLY G 173 -37.84 -11.76 -27.74
CA GLY G 173 -38.67 -10.72 -28.36
C GLY G 173 -39.65 -10.10 -27.40
N ASN G 174 -40.25 -10.93 -26.54
CA ASN G 174 -41.14 -10.45 -25.47
C ASN G 174 -40.38 -9.97 -24.23
N ASN G 175 -39.06 -9.91 -24.32
CA ASN G 175 -38.19 -9.50 -23.20
C ASN G 175 -38.17 -10.50 -22.04
N LYS G 176 -38.50 -11.76 -22.35
CA LYS G 176 -38.50 -12.84 -21.37
C LYS G 176 -37.19 -13.61 -21.47
N LEU G 177 -36.66 -14.04 -20.33
CA LEU G 177 -35.45 -14.87 -20.30
C LEU G 177 -34.33 -14.27 -21.15
N ALA G 178 -33.92 -13.05 -20.81
CA ALA G 178 -32.94 -12.31 -21.60
C ALA G 178 -31.53 -12.93 -21.56
N ASN G 179 -31.18 -13.51 -20.41
CA ASN G 179 -29.85 -14.12 -20.22
C ASN G 179 -29.71 -15.53 -20.80
N VAL G 180 -30.78 -16.33 -20.72
CA VAL G 180 -30.78 -17.67 -21.31
C VAL G 180 -30.68 -17.56 -22.84
N ALA G 181 -31.46 -16.66 -23.42
CA ALA G 181 -31.39 -16.36 -24.84
C ALA G 181 -30.04 -15.76 -25.24
N GLU G 182 -29.40 -15.04 -24.32
CA GLU G 182 -28.07 -14.48 -24.54
C GLU G 182 -27.00 -15.54 -24.83
N ILE G 183 -27.16 -16.72 -24.25
CA ILE G 183 -26.29 -17.86 -24.55
C ILE G 183 -26.54 -18.37 -25.96
N ILE G 184 -27.82 -18.50 -26.32
CA ILE G 184 -28.23 -18.95 -27.65
C ILE G 184 -27.82 -17.93 -28.70
N LYS G 185 -27.91 -16.65 -28.33
CA LYS G 185 -27.43 -15.55 -29.17
C LYS G 185 -25.98 -15.76 -29.61
N LEU G 186 -25.13 -16.07 -28.64
CA LEU G 186 -23.70 -16.25 -28.90
C LEU G 186 -23.41 -17.56 -29.65
N ILE G 187 -24.26 -18.56 -29.45
CA ILE G 187 -24.16 -19.81 -30.23
C ILE G 187 -24.48 -19.54 -31.70
N ILE G 188 -25.54 -18.81 -31.95
CA ILE G 188 -25.94 -18.44 -33.31
C ILE G 188 -24.91 -17.50 -33.96
N ARG G 189 -24.25 -16.68 -33.14
CA ARG G 189 -23.18 -15.81 -33.63
C ARG G 189 -21.99 -16.64 -34.13
N ASP G 190 -21.73 -17.76 -33.46
CA ASP G 190 -20.71 -18.71 -33.89
C ASP G 190 -21.21 -19.58 -35.04
N GLU G 191 -22.41 -20.11 -34.90
CA GLU G 191 -22.96 -21.07 -35.87
C GLU G 191 -23.24 -20.48 -37.26
N SER G 192 -23.50 -19.18 -37.32
CA SER G 192 -23.68 -18.49 -38.60
C SER G 192 -22.35 -18.45 -39.40
N VAL G 193 -21.24 -18.38 -38.68
CA VAL G 193 -19.90 -18.39 -39.30
C VAL G 193 -19.43 -19.83 -39.55
N HIS G 194 -19.88 -20.77 -38.72
CA HIS G 194 -19.62 -22.20 -38.93
C HIS G 194 -20.19 -22.68 -40.26
N GLY G 195 -21.40 -22.22 -40.59
CA GLY G 195 -22.05 -22.58 -41.84
C GLY G 195 -21.37 -21.97 -43.07
N THR G 196 -21.06 -20.68 -43.00
CA THR G 196 -20.48 -19.95 -44.13
C THR G 196 -19.09 -20.44 -44.51
N TYR G 197 -18.27 -20.72 -43.50
CA TYR G 197 -16.90 -21.20 -43.72
C TYR G 197 -16.90 -22.59 -44.36
N ILE G 198 -17.75 -23.48 -43.85
CA ILE G 198 -17.88 -24.82 -44.40
C ILE G 198 -18.47 -24.74 -45.82
N GLY G 199 -19.50 -23.91 -45.97
CA GLY G 199 -20.13 -23.66 -47.26
C GLY G 199 -19.16 -23.07 -48.28
N TYR G 200 -18.25 -22.21 -47.82
CA TYR G 200 -17.22 -21.64 -48.68
C TYR G 200 -16.22 -22.71 -49.14
N LYS G 201 -15.73 -23.52 -48.21
CA LYS G 201 -14.79 -24.59 -48.54
C LYS G 201 -15.45 -25.67 -49.39
N PHE G 202 -16.70 -25.99 -49.07
CA PHE G 202 -17.54 -26.86 -49.90
C PHE G 202 -17.60 -26.34 -51.34
N GLN G 203 -17.76 -25.02 -51.47
CA GLN G 203 -17.87 -24.36 -52.77
C GLN G 203 -16.59 -24.48 -53.61
N LEU G 204 -15.44 -24.46 -52.95
CA LEU G 204 -14.15 -24.59 -53.64
C LEU G 204 -13.96 -25.96 -54.26
N ALA G 205 -14.20 -27.00 -53.47
CA ALA G 205 -14.05 -28.39 -53.94
C ALA G 205 -15.18 -28.79 -54.90
N PHE G 206 -16.35 -28.20 -54.72
CA PHE G 206 -17.50 -28.45 -55.61
C PHE G 206 -17.24 -27.94 -57.04
N ASN G 207 -16.66 -26.75 -57.15
CA ASN G 207 -16.31 -26.19 -58.46
C ASN G 207 -15.21 -26.99 -59.16
N GLU G 208 -14.32 -27.61 -58.39
CA GLU G 208 -13.27 -28.46 -58.94
C GLU G 208 -13.79 -29.83 -59.42
N LEU G 209 -14.95 -30.24 -58.92
CA LEU G 209 -15.62 -31.44 -59.43
C LEU G 209 -16.14 -31.18 -60.84
N PRO G 210 -16.12 -32.21 -61.71
CA PRO G 210 -16.62 -32.05 -63.08
C PRO G 210 -18.15 -31.92 -63.14
N GLU G 211 -18.64 -31.40 -64.27
CA GLU G 211 -20.08 -31.18 -64.49
C GLU G 211 -20.95 -32.40 -64.15
N ASP G 212 -20.45 -33.58 -64.49
CA ASP G 212 -21.17 -34.83 -64.26
C ASP G 212 -21.43 -35.09 -62.77
N GLU G 213 -20.37 -35.05 -61.97
CA GLU G 213 -20.44 -35.40 -60.54
C GLU G 213 -21.07 -34.30 -59.66
N GLN G 214 -21.21 -33.08 -60.19
CA GLN G 214 -21.86 -32.00 -59.45
C GLN G 214 -23.36 -32.25 -59.30
N GLU G 215 -24.02 -32.61 -60.38
CA GLU G 215 -25.46 -32.88 -60.38
C GLU G 215 -25.79 -34.17 -59.63
N LYS G 216 -24.85 -35.11 -59.60
CA LYS G 216 -25.00 -36.35 -58.82
C LYS G 216 -25.02 -36.07 -57.32
N LEU G 217 -24.22 -35.10 -56.89
CA LEU G 217 -24.17 -34.69 -55.49
C LEU G 217 -25.40 -33.85 -55.12
N LYS G 218 -25.76 -32.91 -56.01
CA LYS G 218 -26.96 -32.10 -55.84
C LYS G 218 -28.20 -32.97 -55.68
N GLU G 219 -28.24 -34.08 -56.41
CA GLU G 219 -29.31 -35.06 -56.31
C GLU G 219 -29.43 -35.58 -54.86
N TRP G 220 -28.30 -36.04 -54.31
CA TRP G 220 -28.26 -36.54 -52.93
C TRP G 220 -28.41 -35.43 -51.89
N MET G 221 -28.00 -34.22 -52.27
CA MET G 221 -28.14 -33.04 -51.40
C MET G 221 -29.62 -32.82 -51.06
N TYR G 222 -30.45 -32.69 -52.09
CA TYR G 222 -31.88 -32.43 -51.92
C TYR G 222 -32.65 -33.63 -51.36
N ASP G 223 -32.17 -34.85 -51.63
CA ASP G 223 -32.74 -36.06 -51.04
C ASP G 223 -32.58 -36.05 -49.52
N LEU G 224 -31.39 -35.66 -49.07
CA LEU G 224 -31.09 -35.53 -47.64
C LEU G 224 -31.91 -34.39 -47.01
N LEU G 225 -32.01 -33.28 -47.73
CA LEU G 225 -32.77 -32.11 -47.26
C LEU G 225 -34.24 -32.44 -47.01
N TYR G 226 -34.83 -33.24 -47.91
CA TYR G 226 -36.24 -33.65 -47.79
C TYR G 226 -36.48 -34.68 -46.69
N THR G 227 -35.56 -35.62 -46.54
CA THR G 227 -35.69 -36.66 -45.51
C THR G 227 -35.50 -36.11 -44.10
N LEU G 228 -34.68 -35.06 -43.97
CA LEU G 228 -34.44 -34.42 -42.68
C LEU G 228 -35.62 -33.53 -42.28
N TYR G 229 -36.19 -32.81 -43.25
CA TYR G 229 -37.39 -32.01 -43.02
C TYR G 229 -38.60 -32.91 -42.74
N GLU G 230 -38.63 -34.07 -43.39
CA GLU G 230 -39.63 -35.10 -43.12
C GLU G 230 -39.62 -35.48 -41.63
N ASN G 231 -38.44 -35.79 -41.12
CA ASN G 231 -38.27 -36.22 -39.74
C ASN G 231 -38.51 -35.10 -38.72
N GLU G 232 -38.12 -33.88 -39.09
CA GLU G 232 -38.22 -32.73 -38.19
C GLU G 232 -39.66 -32.24 -38.00
N GLU G 233 -40.49 -32.41 -39.03
CA GLU G 233 -41.91 -32.04 -38.95
C GLU G 233 -42.64 -32.80 -37.84
N GLY G 234 -42.34 -34.10 -37.72
CA GLY G 234 -42.90 -34.92 -36.66
C GLY G 234 -42.39 -34.53 -35.27
N TYR G 235 -41.12 -34.15 -35.20
CA TYR G 235 -40.50 -33.71 -33.96
C TYR G 235 -41.05 -32.35 -33.50
N THR G 236 -41.27 -31.45 -34.46
CA THR G 236 -41.84 -30.13 -34.17
C THR G 236 -43.26 -30.26 -33.62
N GLU G 237 -44.06 -31.12 -34.23
CA GLU G 237 -45.42 -31.39 -33.78
C GLU G 237 -45.47 -31.94 -32.36
N SER G 238 -44.50 -32.78 -32.02
CA SER G 238 -44.41 -33.36 -30.66
C SER G 238 -44.22 -32.27 -29.60
N LEU G 239 -43.36 -31.29 -29.91
CA LEU G 239 -43.03 -30.22 -28.96
C LEU G 239 -44.11 -29.16 -28.86
N TYR G 240 -44.50 -28.62 -30.01
CA TYR G 240 -45.26 -27.36 -30.07
C TYR G 240 -46.79 -27.46 -30.21
N ASP G 241 -47.34 -28.68 -30.27
CA ASP G 241 -48.79 -28.86 -30.47
C ASP G 241 -49.62 -28.26 -29.33
N THR G 242 -49.30 -28.64 -28.10
CA THR G 242 -50.13 -28.24 -26.94
C THR G 242 -49.99 -26.76 -26.59
N VAL G 243 -48.89 -26.13 -27.00
CA VAL G 243 -48.71 -24.68 -26.84
C VAL G 243 -49.30 -23.93 -28.04
N GLY G 244 -49.19 -24.54 -29.22
CA GLY G 244 -49.83 -24.01 -30.43
C GLY G 244 -48.97 -23.08 -31.26
N TRP G 245 -47.74 -23.49 -31.52
CA TRP G 245 -46.85 -22.79 -32.46
C TRP G 245 -46.40 -23.69 -33.63
N THR G 246 -46.93 -24.91 -33.68
CA THR G 246 -46.51 -25.93 -34.65
C THR G 246 -46.26 -25.40 -36.07
N GLU G 247 -47.19 -24.59 -36.56
CA GLU G 247 -47.11 -24.06 -37.93
C GLU G 247 -46.16 -22.88 -38.07
N GLU G 248 -45.95 -22.12 -36.99
CA GLU G 248 -45.03 -20.98 -37.03
C GLU G 248 -43.55 -21.41 -36.99
N VAL G 249 -43.28 -22.57 -36.42
CA VAL G 249 -41.92 -23.14 -36.41
C VAL G 249 -41.59 -23.75 -37.77
N LYS G 250 -42.62 -24.23 -38.48
CA LYS G 250 -42.45 -24.77 -39.83
C LYS G 250 -42.02 -23.68 -40.83
N THR G 251 -42.67 -22.53 -40.75
CA THR G 251 -42.29 -21.36 -41.57
C THR G 251 -40.97 -20.72 -41.09
N PHE G 252 -40.48 -21.16 -39.93
CA PHE G 252 -39.17 -20.75 -39.41
C PHE G 252 -38.06 -21.70 -39.89
N LEU G 253 -38.39 -22.98 -40.03
CA LEU G 253 -37.43 -23.98 -40.54
C LEU G 253 -37.11 -23.78 -42.02
N ARG G 254 -38.15 -23.60 -42.83
CA ARG G 254 -37.99 -23.41 -44.27
C ARG G 254 -37.20 -22.15 -44.61
N TYR G 255 -37.34 -21.11 -43.78
CA TYR G 255 -36.57 -19.88 -43.93
C TYR G 255 -35.07 -20.12 -43.73
N ASN G 256 -34.73 -20.97 -42.77
CA ASN G 256 -33.34 -21.31 -42.48
C ASN G 256 -32.75 -22.36 -43.43
N ALA G 257 -33.62 -23.17 -44.03
CA ALA G 257 -33.21 -24.11 -45.08
C ALA G 257 -32.64 -23.35 -46.28
N ASN G 258 -33.29 -22.22 -46.61
CA ASN G 258 -32.83 -21.35 -47.69
C ASN G 258 -31.42 -20.79 -47.44
N LYS G 259 -31.12 -20.46 -46.19
CA LYS G 259 -29.78 -20.01 -45.81
C LYS G 259 -28.76 -21.14 -45.85
N ALA G 260 -29.20 -22.34 -45.46
CA ALA G 260 -28.34 -23.53 -45.53
C ALA G 260 -27.96 -23.85 -46.97
N LEU G 261 -28.88 -23.61 -47.90
CA LEU G 261 -28.61 -23.71 -49.34
C LEU G 261 -27.65 -22.60 -49.78
N MET G 262 -27.96 -21.38 -49.35
CA MET G 262 -27.25 -20.17 -49.82
C MET G 262 -25.77 -20.18 -49.43
N ASN G 263 -25.47 -20.66 -48.23
CA ASN G 263 -24.07 -20.76 -47.77
C ASN G 263 -23.25 -21.73 -48.63
N LEU G 264 -23.88 -22.83 -49.05
CA LEU G 264 -23.25 -23.83 -49.92
C LEU G 264 -23.03 -23.31 -51.33
N GLY G 265 -23.84 -22.34 -51.74
CA GLY G 265 -23.75 -21.74 -53.07
C GLY G 265 -24.84 -22.29 -53.98
N GLN G 266 -26.09 -22.18 -53.51
CA GLN G 266 -27.24 -22.75 -54.20
C GLN G 266 -28.41 -21.77 -54.24
N ASP G 267 -29.33 -22.00 -55.17
CA ASP G 267 -30.54 -21.19 -55.29
C ASP G 267 -31.51 -21.58 -54.17
N PRO G 268 -32.32 -20.62 -53.69
CA PRO G 268 -33.29 -20.91 -52.63
C PRO G 268 -34.42 -21.83 -53.11
N LEU G 269 -34.77 -22.81 -52.29
CA LEU G 269 -35.76 -23.83 -52.66
C LEU G 269 -37.17 -23.42 -52.25
N PHE G 270 -37.32 -22.90 -51.04
CA PHE G 270 -38.62 -22.50 -50.51
C PHE G 270 -38.89 -21.01 -50.72
N PRO G 271 -40.16 -20.64 -50.95
CA PRO G 271 -40.54 -19.22 -51.11
C PRO G 271 -40.85 -18.50 -49.79
N ASP G 272 -40.60 -19.16 -48.65
CA ASP G 272 -40.91 -18.58 -47.34
C ASP G 272 -39.94 -17.46 -46.97
N SER G 273 -40.46 -16.24 -46.92
CA SER G 273 -39.64 -15.05 -46.70
C SER G 273 -39.44 -14.77 -45.21
N ALA G 274 -38.72 -13.69 -44.91
CA ALA G 274 -38.49 -13.26 -43.53
C ALA G 274 -39.74 -12.68 -42.88
N ASP G 275 -40.68 -12.21 -43.70
CA ASP G 275 -41.92 -11.61 -43.20
C ASP G 275 -42.91 -12.68 -42.74
N ASP G 276 -42.84 -13.87 -43.33
CA ASP G 276 -43.69 -15.00 -42.95
C ASP G 276 -43.32 -15.53 -41.55
N VAL G 277 -42.06 -15.34 -41.16
CA VAL G 277 -41.58 -15.70 -39.84
C VAL G 277 -42.26 -14.81 -38.79
N ASN G 278 -42.51 -15.38 -37.62
CA ASN G 278 -43.05 -14.63 -36.48
C ASN G 278 -42.25 -13.34 -36.25
N PRO G 279 -42.93 -12.18 -36.17
CA PRO G 279 -42.24 -10.90 -36.06
C PRO G 279 -41.55 -10.67 -34.71
N ILE G 280 -42.05 -11.31 -33.66
CA ILE G 280 -41.45 -11.21 -32.32
C ILE G 280 -40.17 -12.06 -32.28
N VAL G 281 -40.22 -13.22 -32.93
CA VAL G 281 -39.04 -14.06 -33.11
C VAL G 281 -38.01 -13.35 -33.98
N MET G 282 -38.49 -12.70 -35.05
CA MET G 282 -37.62 -11.96 -35.95
C MET G 282 -37.06 -10.69 -35.28
N ASN G 283 -37.81 -10.15 -34.32
CA ASN G 283 -37.30 -9.06 -33.49
C ASN G 283 -36.23 -9.56 -32.52
N GLY G 284 -36.41 -10.78 -32.03
CA GLY G 284 -35.40 -11.46 -31.22
C GLY G 284 -34.10 -11.63 -31.98
N ILE G 285 -34.20 -12.00 -33.26
CA ILE G 285 -33.03 -12.13 -34.13
C ILE G 285 -32.30 -10.80 -34.29
N SER G 286 -33.05 -9.71 -34.46
CA SER G 286 -32.49 -8.38 -34.69
C SER G 286 -31.83 -7.81 -33.44
N TYR H 4 -16.89 23.09 40.58
CA TYR H 4 -15.89 24.14 40.19
C TYR H 4 -15.34 24.02 38.76
N TYR H 5 -14.97 22.80 38.36
CA TYR H 5 -14.41 22.56 37.03
C TYR H 5 -14.94 21.27 36.43
N LYS H 6 -15.19 21.28 35.12
CA LYS H 6 -15.81 20.16 34.42
C LYS H 6 -14.82 19.50 33.48
N ALA H 7 -14.85 18.16 33.44
CA ALA H 7 -13.97 17.39 32.57
C ALA H 7 -14.59 17.28 31.19
N ILE H 8 -13.80 17.51 30.15
CA ILE H 8 -14.29 17.42 28.77
C ILE H 8 -14.70 15.98 28.48
N ASN H 9 -15.88 15.83 27.89
CA ASN H 9 -16.44 14.52 27.60
C ASN H 9 -16.70 14.39 26.11
N TRP H 10 -15.90 13.58 25.43
CA TRP H 10 -16.05 13.37 23.98
C TRP H 10 -17.12 12.32 23.62
N ASN H 11 -17.74 11.72 24.62
CA ASN H 11 -18.97 10.92 24.40
C ASN H 11 -20.24 11.70 24.76
N ALA H 12 -20.10 13.01 24.92
CA ALA H 12 -21.22 13.92 25.11
C ALA H 12 -21.01 15.15 24.21
N ILE H 13 -21.01 14.91 22.91
CA ILE H 13 -20.83 15.96 21.90
C ILE H 13 -22.03 16.90 21.84
N GLU H 14 -21.74 18.19 21.96
CA GLU H 14 -22.75 19.25 21.93
C GLU H 14 -22.90 19.88 20.53
N ASP H 15 -21.95 19.59 19.64
CA ASP H 15 -21.99 20.06 18.25
C ASP H 15 -21.11 19.12 17.41
N VAL H 16 -21.72 18.41 16.47
CA VAL H 16 -21.00 17.38 15.71
C VAL H 16 -19.94 17.91 14.74
N ILE H 17 -19.93 19.22 14.48
CA ILE H 17 -18.90 19.85 13.64
C ILE H 17 -17.58 20.00 14.41
N ASP H 18 -17.66 20.10 15.75
CA ASP H 18 -16.47 20.07 16.59
C ASP H 18 -15.72 18.74 16.41
N LYS H 19 -16.46 17.64 16.51
CA LYS H 19 -15.92 16.30 16.33
C LYS H 19 -15.24 16.11 14.96
N SER H 20 -15.99 16.31 13.89
CA SER H 20 -15.46 16.12 12.53
C SER H 20 -14.28 17.06 12.19
N THR H 21 -14.25 18.26 12.78
CA THR H 21 -13.15 19.19 12.54
C THR H 21 -11.88 18.76 13.28
N TRP H 22 -12.03 18.35 14.55
CA TRP H 22 -10.91 17.80 15.29
C TRP H 22 -10.29 16.64 14.50
N GLU H 23 -11.13 15.66 14.18
CA GLU H 23 -10.73 14.51 13.38
C GLU H 23 -9.98 14.94 12.12
N LYS H 24 -10.57 15.84 11.35
CA LYS H 24 -9.97 16.25 10.09
C LYS H 24 -8.60 16.93 10.32
N LEU H 25 -8.57 17.91 11.22
CA LEU H 25 -7.34 18.67 11.46
C LEU H 25 -6.23 17.82 12.05
N THR H 26 -6.56 16.93 12.99
CA THR H 26 -5.57 16.02 13.55
C THR H 26 -5.02 15.04 12.50
N GLU H 27 -5.90 14.53 11.64
CA GLU H 27 -5.50 13.59 10.59
C GLU H 27 -4.69 14.29 9.49
N GLN H 28 -4.74 15.62 9.46
CA GLN H 28 -3.97 16.42 8.50
C GLN H 28 -2.57 16.77 8.99
N PHE H 29 -2.24 16.40 10.23
CA PHE H 29 -0.94 16.70 10.83
C PHE H 29 0.26 16.55 9.88
N TRP H 30 1.15 17.54 9.88
CA TRP H 30 2.38 17.52 9.09
C TRP H 30 3.48 18.37 9.74
N LEU H 31 4.73 18.01 9.43
CA LEU H 31 5.88 18.82 9.83
C LEU H 31 6.72 19.18 8.61
N ASP H 32 7.41 20.32 8.70
CA ASP H 32 8.25 20.83 7.60
C ASP H 32 9.54 20.05 7.43
N THR H 33 9.90 19.28 8.46
CA THR H 33 11.11 18.45 8.45
C THR H 33 10.99 17.16 7.63
N ARG H 34 9.89 16.98 6.91
CA ARG H 34 9.69 15.79 6.08
C ARG H 34 9.87 16.06 4.59
N ILE H 35 9.71 17.32 4.18
CA ILE H 35 9.77 17.70 2.78
C ILE H 35 11.23 17.93 2.35
N PRO H 36 11.66 17.31 1.24
CA PRO H 36 13.04 17.46 0.78
C PRO H 36 13.25 18.78 0.03
N LEU H 37 13.28 19.88 0.78
CA LEU H 37 13.37 21.23 0.19
C LEU H 37 14.58 21.44 -0.73
N SER H 38 15.68 20.72 -0.48
CA SER H 38 16.91 20.85 -1.27
C SER H 38 16.71 20.63 -2.77
N ASN H 39 15.81 19.71 -3.10
CA ASN H 39 15.57 19.33 -4.48
C ASN H 39 15.16 20.50 -5.36
N ASP H 40 14.65 21.56 -4.73
CA ASP H 40 14.22 22.75 -5.43
C ASP H 40 15.34 23.74 -5.80
N LEU H 41 16.56 23.46 -5.36
CA LEU H 41 17.68 24.40 -5.57
C LEU H 41 18.11 24.53 -7.04
N ASP H 42 17.97 23.46 -7.82
CA ASP H 42 18.16 23.53 -9.26
C ASP H 42 17.22 24.57 -9.88
N ASP H 43 15.93 24.45 -9.58
CA ASP H 43 14.94 25.42 -10.05
C ASP H 43 15.22 26.80 -9.50
N TRP H 44 15.63 26.85 -8.23
CA TRP H 44 15.83 28.11 -7.52
C TRP H 44 16.94 28.94 -8.14
N ARG H 45 18.12 28.33 -8.31
CA ARG H 45 19.27 29.05 -8.84
C ARG H 45 19.04 29.61 -10.25
N LYS H 46 18.15 28.98 -11.02
CA LYS H 46 17.81 29.44 -12.38
C LYS H 46 16.80 30.59 -12.44
N LEU H 47 16.15 30.91 -11.32
CA LEU H 47 15.27 32.06 -11.25
C LEU H 47 16.10 33.34 -11.25
N SER H 48 15.50 34.43 -11.74
CA SER H 48 16.16 35.73 -11.78
C SER H 48 16.17 36.35 -10.39
N HIS H 49 16.99 37.39 -10.24
CA HIS H 49 17.18 38.04 -8.94
C HIS H 49 15.93 38.81 -8.47
N LYS H 50 15.16 39.36 -9.40
CA LYS H 50 13.87 40.00 -9.07
C LYS H 50 12.88 39.01 -8.46
N GLU H 51 12.79 37.84 -9.09
CA GLU H 51 11.90 36.77 -8.66
C GLU H 51 12.24 36.23 -7.27
N LYS H 52 13.53 35.97 -7.03
CA LYS H 52 13.99 35.52 -5.71
C LYS H 52 13.67 36.57 -4.65
N ASP H 53 13.91 37.84 -5.00
CA ASP H 53 13.58 38.96 -4.12
C ASP H 53 12.09 38.95 -3.75
N LEU H 54 11.24 38.68 -4.75
CA LEU H 54 9.80 38.62 -4.57
C LEU H 54 9.38 37.50 -3.63
N VAL H 55 9.87 36.29 -3.90
CA VAL H 55 9.61 35.13 -3.07
C VAL H 55 10.05 35.37 -1.62
N GLY H 56 11.16 36.05 -1.43
CA GLY H 56 11.65 36.40 -0.10
C GLY H 56 10.70 37.32 0.65
N LYS H 57 10.09 38.26 -0.08
CA LYS H 57 9.15 39.20 0.53
C LYS H 57 7.78 38.58 0.77
N VAL H 58 7.40 37.65 -0.09
CA VAL H 58 6.12 36.96 0.05
C VAL H 58 6.10 36.17 1.35
N PHE H 59 7.10 35.32 1.52
CA PHE H 59 7.18 34.46 2.69
C PHE H 59 7.42 35.23 3.98
N GLY H 60 8.18 36.31 3.90
CA GLY H 60 8.40 37.17 5.06
C GLY H 60 7.07 37.69 5.58
N GLY H 61 6.23 38.17 4.68
CA GLY H 61 4.94 38.73 5.03
C GLY H 61 3.97 37.69 5.56
N LEU H 62 4.06 36.48 5.02
CA LEU H 62 3.24 35.37 5.49
C LEU H 62 3.69 34.87 6.86
N THR H 63 5.00 34.91 7.13
CA THR H 63 5.54 34.53 8.44
C THR H 63 5.07 35.47 9.54
N LEU H 64 4.94 36.75 9.20
CA LEU H 64 4.52 37.76 10.17
C LEU H 64 3.10 37.46 10.65
N LEU H 65 2.21 37.14 9.71
CA LEU H 65 0.79 37.07 10.00
C LEU H 65 0.39 35.71 10.55
N ASP H 66 1.10 34.65 10.17
CA ASP H 66 0.97 33.37 10.85
C ASP H 66 1.51 33.45 12.28
N THR H 67 2.54 34.26 12.50
CA THR H 67 3.05 34.51 13.84
C THR H 67 1.96 35.18 14.65
N LEU H 68 1.35 36.20 14.07
CA LEU H 68 0.19 36.87 14.67
C LEU H 68 -0.91 35.86 15.08
N GLN H 69 -1.23 34.93 14.19
CA GLN H 69 -2.26 33.93 14.45
C GLN H 69 -1.93 33.00 15.61
N SER H 70 -0.70 32.50 15.64
CA SER H 70 -0.26 31.55 16.66
C SER H 70 -0.03 32.18 18.03
N GLU H 71 0.18 33.50 18.06
CA GLU H 71 0.57 34.19 19.29
C GLU H 71 -0.55 34.97 19.95
N SER H 72 -1.45 35.55 19.16
CA SER H 72 -2.61 36.24 19.73
C SER H 72 -3.92 36.03 18.95
N GLY H 73 -3.85 35.51 17.74
CA GLY H 73 -5.04 35.26 16.95
C GLY H 73 -5.98 34.26 17.58
N VAL H 74 -5.54 33.00 17.63
CA VAL H 74 -6.38 31.91 18.14
C VAL H 74 -6.63 32.09 19.65
N ASP H 75 -5.69 32.75 20.31
CA ASP H 75 -5.81 33.10 21.73
C ASP H 75 -7.06 33.95 21.94
N ALA H 76 -7.33 34.85 21.01
CA ALA H 76 -8.47 35.75 21.07
C ALA H 76 -9.79 35.07 20.74
N LEU H 77 -9.77 34.07 19.87
CA LEU H 77 -11.00 33.36 19.48
C LEU H 77 -11.47 32.36 20.52
N ARG H 78 -10.54 31.80 21.28
CA ARG H 78 -10.87 30.80 22.29
C ARG H 78 -11.65 31.36 23.48
N LYS H 79 -11.58 32.68 23.67
CA LYS H 79 -12.37 33.33 24.70
C LYS H 79 -13.88 33.18 24.48
N ASP H 80 -14.28 33.00 23.22
CA ASP H 80 -15.70 33.01 22.84
C ASP H 80 -16.21 31.65 22.37
N VAL H 81 -15.68 30.56 22.90
CA VAL H 81 -16.09 29.22 22.48
C VAL H 81 -17.49 28.89 22.99
N ARG H 82 -18.23 28.12 22.21
CA ARG H 82 -19.58 27.69 22.58
C ARG H 82 -19.56 26.33 23.29
N THR H 83 -18.48 25.58 23.10
CA THR H 83 -18.31 24.28 23.72
C THR H 83 -16.86 24.09 24.13
N ALA H 84 -16.62 23.13 25.02
CA ALA H 84 -15.26 22.78 25.42
C ALA H 84 -14.51 22.11 24.27
N HIS H 85 -15.25 21.38 23.44
CA HIS H 85 -14.68 20.66 22.30
C HIS H 85 -14.20 21.65 21.25
N GLU H 86 -14.85 22.81 21.19
CA GLU H 86 -14.42 23.89 20.31
C GLU H 86 -13.04 24.39 20.73
N GLU H 87 -12.78 24.45 22.03
CA GLU H 87 -11.51 24.94 22.54
C GLU H 87 -10.39 23.94 22.26
N ALA H 88 -10.72 22.66 22.27
CA ALA H 88 -9.75 21.63 21.91
C ALA H 88 -9.35 21.77 20.45
N VAL H 89 -10.33 22.06 19.59
CA VAL H 89 -10.07 22.30 18.16
C VAL H 89 -9.16 23.52 17.98
N PHE H 90 -9.44 24.60 18.71
CA PHE H 90 -8.62 25.80 18.62
C PHE H 90 -7.21 25.58 19.19
N ASN H 91 -7.09 24.71 20.19
CA ASN H 91 -5.78 24.29 20.66
C ASN H 91 -4.97 23.65 19.51
N ASN H 92 -5.62 22.84 18.68
CA ASN H 92 -4.94 22.29 17.51
C ASN H 92 -4.66 23.36 16.45
N ILE H 93 -5.66 24.19 16.17
CA ILE H 93 -5.48 25.24 15.20
C ILE H 93 -4.28 26.10 15.63
N GLN H 94 -4.29 26.54 16.89
CA GLN H 94 -3.20 27.36 17.44
C GLN H 94 -1.82 26.71 17.29
N PHE H 95 -1.74 25.39 17.44
CA PHE H 95 -0.47 24.68 17.27
C PHE H 95 -0.05 24.64 15.80
N MET H 96 -0.99 24.35 14.92
CA MET H 96 -0.66 24.30 13.50
C MET H 96 -0.31 25.68 12.93
N GLU H 97 -0.74 26.75 13.58
CA GLU H 97 -0.32 28.08 13.17
C GLU H 97 1.18 28.28 13.41
N SER H 98 1.69 27.71 14.50
CA SER H 98 3.12 27.75 14.81
C SER H 98 3.93 26.92 13.82
N VAL H 99 3.38 25.79 13.38
CA VAL H 99 3.98 24.98 12.33
C VAL H 99 4.08 25.77 11.02
N HIS H 100 2.99 26.46 10.68
CA HIS H 100 2.97 27.28 9.46
C HIS H 100 4.08 28.33 9.49
N ALA H 101 4.14 29.08 10.59
CA ALA H 101 5.14 30.14 10.77
C ALA H 101 6.55 29.57 10.71
N LYS H 102 6.76 28.41 11.32
CA LYS H 102 8.09 27.78 11.32
C LYS H 102 8.47 27.21 9.96
N SER H 103 7.49 26.83 9.15
CA SER H 103 7.79 26.18 7.87
C SER H 103 8.46 27.12 6.89
N TYR H 104 8.18 28.42 7.04
CA TYR H 104 8.83 29.44 6.22
C TYR H 104 10.30 29.58 6.56
N SER H 105 10.63 29.42 7.84
CA SER H 105 12.02 29.45 8.30
C SER H 105 12.82 28.27 7.74
N SER H 106 12.15 27.13 7.55
CA SER H 106 12.79 25.96 6.97
C SER H 106 13.04 26.20 5.49
N ILE H 107 12.09 26.84 4.82
CA ILE H 107 12.28 27.24 3.43
C ILE H 107 13.45 28.22 3.34
N PHE H 108 13.44 29.26 4.17
CA PHE H 108 14.53 30.23 4.18
C PHE H 108 15.89 29.55 4.40
N SER H 109 15.95 28.62 5.35
CA SER H 109 17.20 27.93 5.67
C SER H 109 17.77 27.17 4.47
N THR H 110 16.91 26.75 3.56
CA THR H 110 17.33 26.03 2.36
C THR H 110 17.56 26.97 1.18
N LEU H 111 16.73 28.00 1.02
CA LEU H 111 16.82 28.87 -0.16
C LEU H 111 17.70 30.11 0.02
N ASN H 112 17.91 30.54 1.25
CA ASN H 112 18.52 31.85 1.49
C ASN H 112 19.79 31.85 2.34
N THR H 113 20.57 32.92 2.22
CA THR H 113 21.83 33.05 2.94
C THR H 113 21.58 33.72 4.29
N LYS H 114 22.62 33.75 5.11
CA LYS H 114 22.55 34.34 6.44
C LYS H 114 22.07 35.79 6.42
N SER H 115 22.71 36.62 5.61
CA SER H 115 22.36 38.05 5.57
C SER H 115 21.04 38.30 4.85
N GLU H 116 20.75 37.48 3.84
CA GLU H 116 19.45 37.54 3.15
C GLU H 116 18.30 37.32 4.14
N ILE H 117 18.40 36.28 4.95
CA ILE H 117 17.42 35.99 5.99
C ILE H 117 17.26 37.21 6.90
N ASP H 118 18.38 37.78 7.32
CA ASP H 118 18.37 38.96 8.18
C ASP H 118 17.65 40.14 7.52
N GLU H 119 17.84 40.30 6.22
CA GLU H 119 17.20 41.39 5.48
C GLU H 119 15.72 41.16 5.22
N ILE H 120 15.34 39.89 5.00
CA ILE H 120 13.92 39.51 4.87
C ILE H 120 13.14 39.86 6.13
N PHE H 121 13.71 39.57 7.28
CA PHE H 121 13.03 39.81 8.57
C PHE H 121 13.06 41.28 8.97
N ALA H 122 14.18 41.96 8.71
CA ALA H 122 14.27 43.40 8.95
C ALA H 122 13.20 44.12 8.12
N TRP H 123 13.07 43.73 6.86
CA TRP H 123 12.04 44.27 5.96
C TRP H 123 10.63 43.98 6.47
N THR H 124 10.40 42.73 6.84
CA THR H 124 9.11 42.28 7.34
C THR H 124 8.68 43.02 8.61
N ASN H 125 9.63 43.22 9.53
CA ASN H 125 9.35 43.86 10.82
C ASN H 125 9.18 45.38 10.74
N THR H 126 9.40 45.96 9.57
CA THR H 126 9.32 47.41 9.41
C THR H 126 8.44 47.82 8.24
N ASN H 127 7.89 46.85 7.52
CA ASN H 127 7.11 47.15 6.32
C ASN H 127 5.78 47.83 6.65
N PRO H 128 5.61 49.09 6.21
CA PRO H 128 4.40 49.89 6.48
C PRO H 128 3.08 49.18 6.23
N TYR H 129 2.95 48.44 5.12
CA TYR H 129 1.71 47.77 4.78
C TYR H 129 1.39 46.61 5.74
N LEU H 130 2.32 45.67 5.85
CA LEU H 130 2.23 44.52 6.76
C LEU H 130 2.01 44.93 8.21
N GLN H 131 2.74 45.94 8.67
CA GLN H 131 2.66 46.38 10.06
C GLN H 131 1.36 47.10 10.37
N LYS H 132 0.83 47.83 9.40
CA LYS H 132 -0.45 48.49 9.55
C LYS H 132 -1.58 47.45 9.45
N LYS H 133 -1.33 46.38 8.69
CA LYS H 133 -2.28 45.28 8.54
C LYS H 133 -2.34 44.42 9.82
N ALA H 134 -1.17 44.08 10.34
CA ALA H 134 -1.07 43.35 11.61
C ALA H 134 -1.77 44.10 12.73
N GLU H 135 -1.61 45.42 12.76
CA GLU H 135 -2.25 46.26 13.78
C GLU H 135 -3.77 46.31 13.66
N ILE H 136 -4.27 46.43 12.44
CA ILE H 136 -5.72 46.48 12.21
C ILE H 136 -6.39 45.20 12.71
N ILE H 137 -5.79 44.07 12.35
CA ILE H 137 -6.30 42.76 12.76
C ILE H 137 -6.16 42.60 14.27
N ASN H 138 -5.03 43.03 14.82
CA ASN H 138 -4.73 42.83 16.24
C ASN H 138 -5.48 43.79 17.18
N GLU H 139 -5.86 44.95 16.67
CA GLU H 139 -6.70 45.87 17.46
C GLU H 139 -8.13 45.32 17.54
N ILE H 140 -8.55 44.62 16.50
CA ILE H 140 -9.81 43.87 16.53
C ILE H 140 -9.71 42.68 17.48
N TYR H 141 -8.55 42.01 17.51
CA TYR H 141 -8.35 40.86 18.40
C TYR H 141 -8.36 41.23 19.90
N LEU H 142 -7.78 42.37 20.24
CA LEU H 142 -7.68 42.78 21.65
C LEU H 142 -8.90 43.55 22.14
N ASN H 143 -9.65 44.17 21.23
CA ASN H 143 -10.79 45.02 21.60
C ASN H 143 -12.13 44.70 20.94
N GLY H 144 -12.12 43.87 19.90
CA GLY H 144 -13.34 43.60 19.15
C GLY H 144 -14.30 42.67 19.87
N THR H 145 -15.48 42.50 19.29
CA THR H 145 -16.47 41.56 19.80
C THR H 145 -16.14 40.16 19.31
N ALA H 146 -16.82 39.16 19.85
CA ALA H 146 -16.59 37.78 19.43
C ALA H 146 -16.74 37.61 17.91
N LEU H 147 -17.78 38.20 17.35
CA LEU H 147 -18.09 38.06 15.93
C LEU H 147 -17.14 38.86 15.06
N GLU H 148 -16.84 40.09 15.49
CA GLU H 148 -15.84 40.92 14.82
C GLU H 148 -14.51 40.17 14.69
N LYS H 149 -14.12 39.49 15.76
CA LYS H 149 -12.83 38.79 15.81
C LYS H 149 -12.79 37.61 14.84
N LYS H 150 -13.92 36.94 14.65
CA LYS H 150 -14.01 35.83 13.70
C LYS H 150 -14.00 36.30 12.25
N ILE H 151 -14.64 37.43 11.99
CA ILE H 151 -14.59 38.02 10.65
C ILE H 151 -13.14 38.34 10.26
N ALA H 152 -12.41 38.90 11.22
CA ALA H 152 -11.01 39.29 10.99
C ALA H 152 -10.13 38.11 10.67
N SER H 153 -10.25 37.04 11.44
CA SER H 153 -9.41 35.87 11.29
C SER H 153 -9.67 35.15 9.97
N VAL H 154 -10.93 35.17 9.54
CA VAL H 154 -11.31 34.57 8.26
C VAL H 154 -10.83 35.43 7.11
N PHE H 155 -11.01 36.75 7.23
CA PHE H 155 -10.52 37.68 6.21
C PHE H 155 -9.02 37.58 6.05
N LEU H 156 -8.31 37.42 7.15
CA LEU H 156 -6.87 37.30 7.10
C LEU H 156 -6.46 36.09 6.27
N GLU H 157 -6.82 34.90 6.74
CA GLU H 157 -6.24 33.67 6.22
C GLU H 157 -7.00 32.99 5.08
N THR H 158 -8.24 33.39 4.84
CA THR H 158 -8.98 32.93 3.67
C THR H 158 -8.96 33.95 2.52
N PHE H 159 -8.57 35.19 2.82
CA PHE H 159 -8.59 36.26 1.81
C PHE H 159 -7.21 36.93 1.67
N LEU H 160 -6.75 37.66 2.68
CA LEU H 160 -5.53 38.45 2.55
C LEU H 160 -4.24 37.66 2.28
N PHE H 161 -4.15 36.43 2.79
CA PHE H 161 -2.94 35.62 2.61
C PHE H 161 -2.65 35.31 1.15
N TYR H 162 -3.71 35.25 0.34
CA TYR H 162 -3.54 34.81 -1.04
C TYR H 162 -2.79 35.81 -1.92
N SER H 163 -2.64 37.05 -1.46
CA SER H 163 -1.77 38.00 -2.14
C SER H 163 -0.35 37.42 -2.19
N GLY H 164 0.02 36.70 -1.13
CA GLY H 164 1.26 35.96 -1.07
C GLY H 164 1.20 34.59 -1.71
N PHE H 165 0.17 33.80 -1.39
CA PHE H 165 0.10 32.41 -1.88
C PHE H 165 0.13 32.32 -3.39
N PHE H 166 -0.30 33.40 -4.06
CA PHE H 166 -0.23 33.53 -5.51
C PHE H 166 1.10 33.04 -6.06
N THR H 167 2.20 33.60 -5.55
CA THR H 167 3.55 33.34 -6.08
C THR H 167 3.93 31.85 -6.15
N PRO H 168 3.96 31.15 -5.00
CA PRO H 168 4.34 29.72 -5.02
C PRO H 168 3.38 28.81 -5.80
N LEU H 169 2.09 29.11 -5.78
CA LEU H 169 1.10 28.39 -6.60
C LEU H 169 1.41 28.54 -8.08
N TYR H 170 1.76 29.77 -8.47
CA TYR H 170 2.17 30.07 -9.84
C TYR H 170 3.33 29.18 -10.25
N TYR H 171 4.33 29.06 -9.39
CA TYR H 171 5.53 28.27 -9.70
C TYR H 171 5.22 26.78 -9.76
N LEU H 172 4.38 26.30 -8.85
CA LEU H 172 3.95 24.90 -8.89
C LEU H 172 3.15 24.60 -10.15
N GLY H 173 2.42 25.59 -10.65
CA GLY H 173 1.73 25.47 -11.93
C GLY H 173 2.66 25.24 -13.10
N ASN H 174 3.80 25.92 -13.09
CA ASN H 174 4.85 25.72 -14.11
C ASN H 174 5.84 24.61 -13.74
N ASN H 175 5.47 23.78 -12.76
CA ASN H 175 6.30 22.65 -12.35
C ASN H 175 7.64 23.13 -11.76
N LYS H 176 7.61 24.22 -11.01
CA LYS H 176 8.81 24.84 -10.41
C LYS H 176 8.69 24.88 -8.88
N LEU H 177 9.79 24.62 -8.19
CA LEU H 177 9.84 24.66 -6.73
C LEU H 177 8.74 23.83 -6.08
N ALA H 178 8.62 22.58 -6.53
CA ALA H 178 7.51 21.70 -6.13
C ALA H 178 7.46 21.42 -4.63
N ASN H 179 8.62 21.28 -4.01
CA ASN H 179 8.72 20.98 -2.59
C ASN H 179 8.43 22.19 -1.69
N VAL H 180 8.96 23.35 -2.06
CA VAL H 180 8.62 24.60 -1.39
C VAL H 180 7.10 24.80 -1.44
N ALA H 181 6.50 24.44 -2.57
CA ALA H 181 5.07 24.61 -2.79
C ALA H 181 4.22 23.61 -2.00
N GLU H 182 4.73 22.40 -1.79
CA GLU H 182 4.01 21.42 -0.96
C GLU H 182 3.73 21.99 0.44
N ILE H 183 4.74 22.62 1.03
CA ILE H 183 4.59 23.26 2.33
C ILE H 183 3.40 24.23 2.30
N ILE H 184 3.37 25.11 1.29
CA ILE H 184 2.24 26.04 1.14
C ILE H 184 0.94 25.30 0.80
N LYS H 185 1.04 24.30 -0.06
CA LYS H 185 -0.11 23.44 -0.37
C LYS H 185 -0.71 22.87 0.92
N LEU H 186 0.16 22.40 1.84
CA LEU H 186 -0.28 21.87 3.14
C LEU H 186 -0.86 22.94 4.06
N ILE H 187 -0.28 24.14 4.05
CA ILE H 187 -0.80 25.25 4.84
C ILE H 187 -2.21 25.57 4.37
N ILE H 188 -2.37 25.72 3.05
CA ILE H 188 -3.66 26.01 2.43
C ILE H 188 -4.72 24.98 2.83
N ARG H 189 -4.31 23.71 2.92
CA ARG H 189 -5.21 22.63 3.31
C ARG H 189 -5.72 22.82 4.74
N ASP H 190 -4.84 23.27 5.62
CA ASP H 190 -5.25 23.64 6.98
C ASP H 190 -6.15 24.86 7.00
N GLU H 191 -5.74 25.94 6.34
CA GLU H 191 -6.45 27.22 6.42
C GLU H 191 -7.83 27.24 5.75
N SER H 192 -8.05 26.37 4.76
CA SER H 192 -9.38 26.22 4.20
C SER H 192 -10.34 25.61 5.23
N VAL H 193 -9.88 24.62 5.99
CA VAL H 193 -10.67 24.04 7.10
C VAL H 193 -10.84 25.03 8.24
N HIS H 194 -9.78 25.77 8.56
CA HIS H 194 -9.84 26.81 9.58
C HIS H 194 -10.91 27.86 9.27
N GLY H 195 -11.02 28.25 8.00
CA GLY H 195 -11.93 29.31 7.60
C GLY H 195 -13.36 28.87 7.63
N THR H 196 -13.61 27.68 7.08
CA THR H 196 -14.92 27.05 7.15
C THR H 196 -15.38 26.90 8.61
N TYR H 197 -14.48 26.45 9.47
CA TYR H 197 -14.83 26.17 10.87
C TYR H 197 -15.14 27.46 11.64
N ILE H 198 -14.25 28.45 11.54
CA ILE H 198 -14.46 29.71 12.25
C ILE H 198 -15.72 30.43 11.71
N GLY H 199 -15.94 30.31 10.41
CA GLY H 199 -17.11 30.89 9.75
C GLY H 199 -18.41 30.25 10.17
N TYR H 200 -18.44 28.92 10.18
CA TYR H 200 -19.57 28.17 10.74
C TYR H 200 -19.89 28.69 12.15
N LYS H 201 -18.87 28.81 12.99
CA LYS H 201 -19.05 29.29 14.36
C LYS H 201 -19.54 30.72 14.39
N PHE H 202 -19.09 31.52 13.43
CA PHE H 202 -19.60 32.88 13.23
C PHE H 202 -21.09 32.86 12.89
N GLN H 203 -21.50 31.95 12.01
CA GLN H 203 -22.87 31.92 11.53
C GLN H 203 -23.88 31.57 12.62
N LEU H 204 -23.50 30.65 13.51
CA LEU H 204 -24.34 30.27 14.64
C LEU H 204 -24.62 31.48 15.51
N ALA H 205 -23.57 32.12 15.99
CA ALA H 205 -23.72 33.31 16.84
C ALA H 205 -24.41 34.46 16.09
N PHE H 206 -24.10 34.60 14.80
CA PHE H 206 -24.67 35.66 13.96
C PHE H 206 -26.19 35.52 13.83
N ASN H 207 -26.67 34.29 13.64
CA ASN H 207 -28.11 34.05 13.51
C ASN H 207 -28.86 34.26 14.81
N GLU H 208 -28.17 34.17 15.95
CA GLU H 208 -28.79 34.42 17.26
C GLU H 208 -28.98 35.90 17.53
N LEU H 209 -28.41 36.77 16.69
CA LEU H 209 -28.59 38.22 16.83
C LEU H 209 -29.91 38.68 16.22
N PRO H 210 -30.50 39.76 16.77
CA PRO H 210 -31.66 40.37 16.13
C PRO H 210 -31.28 41.11 14.84
N GLU H 211 -32.18 41.14 13.86
CA GLU H 211 -31.95 41.80 12.57
C GLU H 211 -31.35 43.21 12.73
N ASP H 212 -31.85 43.92 13.74
CA ASP H 212 -31.27 45.19 14.20
C ASP H 212 -29.74 45.16 14.26
N GLU H 213 -29.21 44.24 15.07
CA GLU H 213 -27.76 44.14 15.29
C GLU H 213 -27.01 43.44 14.17
N GLN H 214 -27.70 42.56 13.43
CA GLN H 214 -27.09 41.85 12.31
C GLN H 214 -26.67 42.80 11.19
N GLU H 215 -27.49 43.82 10.95
CA GLU H 215 -27.24 44.78 9.87
C GLU H 215 -26.09 45.73 10.21
N LYS H 216 -25.99 46.15 11.46
CA LYS H 216 -24.88 47.02 11.89
C LYS H 216 -23.54 46.26 11.94
N LEU H 217 -23.61 44.93 12.00
CA LEU H 217 -22.42 44.08 11.91
C LEU H 217 -22.05 43.81 10.44
N LYS H 218 -23.06 43.61 9.59
CA LYS H 218 -22.85 43.51 8.14
C LYS H 218 -22.14 44.74 7.61
N GLU H 219 -22.63 45.91 8.01
CA GLU H 219 -22.09 47.19 7.60
C GLU H 219 -20.60 47.29 7.99
N TRP H 220 -20.32 47.00 9.26
CA TRP H 220 -18.95 46.98 9.77
C TRP H 220 -18.05 45.99 9.01
N MET H 221 -18.60 44.82 8.71
CA MET H 221 -17.87 43.77 8.01
C MET H 221 -17.42 44.21 6.63
N TYR H 222 -18.32 44.84 5.88
CA TYR H 222 -17.98 45.29 4.52
C TYR H 222 -17.03 46.50 4.52
N ASP H 223 -17.10 47.36 5.54
CA ASP H 223 -16.14 48.46 5.70
C ASP H 223 -14.73 47.92 5.89
N LEU H 224 -14.61 46.87 6.69
CA LEU H 224 -13.32 46.23 6.92
C LEU H 224 -12.81 45.59 5.63
N LEU H 225 -13.66 44.77 5.02
CA LEU H 225 -13.30 44.07 3.77
C LEU H 225 -12.69 45.06 2.78
N TYR H 226 -13.35 46.20 2.59
CA TYR H 226 -12.86 47.22 1.67
C TYR H 226 -11.58 47.89 2.16
N THR H 227 -11.51 48.23 3.43
CA THR H 227 -10.29 48.81 4.01
C THR H 227 -9.12 47.86 3.84
N LEU H 228 -9.31 46.59 4.20
CA LEU H 228 -8.23 45.60 4.10
C LEU H 228 -7.84 45.35 2.64
N TYR H 229 -8.82 45.32 1.75
CA TYR H 229 -8.54 45.16 0.32
C TYR H 229 -7.80 46.37 -0.26
N GLU H 230 -8.29 47.57 0.06
CA GLU H 230 -7.67 48.80 -0.43
C GLU H 230 -6.21 48.86 0.01
N ASN H 231 -5.95 48.55 1.27
CA ASN H 231 -4.59 48.52 1.78
C ASN H 231 -3.76 47.45 1.07
N GLU H 232 -4.37 46.29 0.83
CA GLU H 232 -3.69 45.18 0.15
C GLU H 232 -3.32 45.49 -1.31
N GLU H 233 -4.11 46.32 -1.98
CA GLU H 233 -3.76 46.81 -3.32
C GLU H 233 -2.39 47.47 -3.28
N GLY H 234 -2.21 48.38 -2.33
CA GLY H 234 -0.94 49.07 -2.09
C GLY H 234 0.23 48.18 -1.72
N TYR H 235 -0.04 46.98 -1.22
CA TYR H 235 1.01 46.02 -0.92
C TYR H 235 1.31 45.13 -2.13
N THR H 236 0.27 44.76 -2.87
CA THR H 236 0.41 43.91 -4.04
C THR H 236 1.20 44.64 -5.14
N GLU H 237 0.89 45.92 -5.32
CA GLU H 237 1.62 46.77 -6.25
C GLU H 237 3.08 46.89 -5.80
N SER H 238 3.27 47.00 -4.49
CA SER H 238 4.60 47.08 -3.90
C SER H 238 5.47 45.89 -4.29
N LEU H 239 4.93 44.68 -4.20
CA LEU H 239 5.69 43.48 -4.49
C LEU H 239 5.70 43.12 -5.97
N TYR H 240 4.54 43.17 -6.62
CA TYR H 240 4.38 42.57 -7.94
C TYR H 240 4.51 43.50 -9.17
N ASP H 241 4.56 44.82 -8.98
CA ASP H 241 4.61 45.73 -10.15
C ASP H 241 5.78 45.43 -11.10
N THR H 242 6.97 45.21 -10.54
CA THR H 242 8.19 45.03 -11.35
C THR H 242 8.38 43.63 -11.95
N VAL H 243 7.36 42.77 -11.84
CA VAL H 243 7.30 41.54 -12.66
C VAL H 243 6.03 41.46 -13.51
N GLY H 244 5.21 42.51 -13.49
CA GLY H 244 4.02 42.60 -14.35
C GLY H 244 2.89 41.66 -13.99
N TRP H 245 2.81 41.29 -12.71
CA TRP H 245 1.83 40.32 -12.21
C TRP H 245 0.65 40.97 -11.46
N THR H 246 0.83 42.23 -11.03
CA THR H 246 -0.07 42.88 -10.08
C THR H 246 -1.55 42.64 -10.34
N GLU H 247 -2.03 43.01 -11.52
CA GLU H 247 -3.46 42.94 -11.79
C GLU H 247 -4.01 41.53 -11.72
N GLU H 248 -3.19 40.55 -12.10
CA GLU H 248 -3.63 39.15 -12.08
C GLU H 248 -3.66 38.61 -10.64
N VAL H 249 -2.75 39.11 -9.81
CA VAL H 249 -2.79 38.83 -8.37
C VAL H 249 -4.01 39.48 -7.72
N LYS H 250 -4.37 40.68 -8.18
CA LYS H 250 -5.51 41.40 -7.61
C LYS H 250 -6.84 40.71 -7.88
N THR H 251 -6.98 40.04 -9.02
CA THR H 251 -8.24 39.32 -9.30
C THR H 251 -8.29 38.04 -8.46
N PHE H 252 -7.11 37.56 -8.05
CA PHE H 252 -7.01 36.41 -7.16
C PHE H 252 -7.40 36.79 -5.74
N LEU H 253 -6.95 37.96 -5.28
CA LEU H 253 -7.37 38.49 -3.98
C LEU H 253 -8.88 38.63 -3.88
N ARG H 254 -9.52 39.14 -4.93
CA ARG H 254 -10.97 39.36 -4.93
C ARG H 254 -11.72 38.06 -5.05
N TYR H 255 -11.15 37.12 -5.81
CA TYR H 255 -11.73 35.78 -5.94
C TYR H 255 -11.78 35.04 -4.60
N ASN H 256 -10.69 35.11 -3.85
CA ASN H 256 -10.63 34.50 -2.51
C ASN H 256 -11.41 35.31 -1.49
N ALA H 257 -11.56 36.61 -1.72
CA ALA H 257 -12.44 37.44 -0.89
C ALA H 257 -13.85 36.86 -0.87
N ASN H 258 -14.34 36.49 -2.06
CA ASN H 258 -15.65 35.84 -2.21
C ASN H 258 -15.79 34.62 -1.31
N LYS H 259 -14.77 33.77 -1.30
CA LYS H 259 -14.75 32.59 -0.44
C LYS H 259 -14.84 32.96 1.05
N ALA H 260 -14.15 34.03 1.43
CA ALA H 260 -14.18 34.50 2.82
C ALA H 260 -15.59 34.87 3.26
N LEU H 261 -16.27 35.69 2.46
CA LEU H 261 -17.67 36.02 2.72
C LEU H 261 -18.57 34.78 2.73
N MET H 262 -18.29 33.86 1.80
CA MET H 262 -19.00 32.60 1.70
C MET H 262 -18.83 31.74 2.97
N ASN H 263 -17.64 31.76 3.58
CA ASN H 263 -17.43 31.08 4.86
C ASN H 263 -18.24 31.71 6.00
N LEU H 264 -18.42 33.03 5.94
CA LEU H 264 -19.23 33.76 6.92
C LEU H 264 -20.74 33.71 6.59
N GLY H 265 -21.12 32.91 5.60
CA GLY H 265 -22.51 32.79 5.16
C GLY H 265 -23.05 34.00 4.42
N GLN H 266 -22.16 34.79 3.80
CA GLN H 266 -22.56 36.00 3.10
C GLN H 266 -22.48 35.84 1.59
N ASP H 267 -23.18 36.74 0.89
CA ASP H 267 -23.19 36.75 -0.57
C ASP H 267 -21.84 37.19 -1.15
N PRO H 268 -21.44 36.56 -2.27
CA PRO H 268 -20.19 36.99 -2.94
C PRO H 268 -20.31 38.43 -3.42
N LEU H 269 -19.24 39.20 -3.25
CA LEU H 269 -19.27 40.65 -3.49
C LEU H 269 -18.76 41.03 -4.86
N PHE H 270 -17.52 40.65 -5.14
CA PHE H 270 -16.87 40.97 -6.40
C PHE H 270 -17.32 39.97 -7.47
N PRO H 271 -17.31 40.39 -8.76
CA PRO H 271 -17.72 39.49 -9.83
C PRO H 271 -16.69 38.41 -10.20
N ASP H 272 -15.47 38.53 -9.67
CA ASP H 272 -14.35 37.66 -10.06
C ASP H 272 -14.61 36.20 -9.71
N SER H 273 -14.13 35.30 -10.57
CA SER H 273 -14.36 33.87 -10.41
C SER H 273 -13.15 33.07 -10.87
N ALA H 274 -13.20 31.76 -10.68
CA ALA H 274 -12.08 30.86 -11.00
C ALA H 274 -11.53 31.08 -12.41
N ASP H 275 -12.41 31.20 -13.39
CA ASP H 275 -12.00 31.40 -14.79
C ASP H 275 -11.18 32.67 -14.99
N ASP H 276 -11.46 33.69 -14.19
CA ASP H 276 -10.81 35.00 -14.32
C ASP H 276 -9.37 34.98 -13.78
N VAL H 277 -9.07 34.00 -12.93
CA VAL H 277 -7.72 33.77 -12.42
C VAL H 277 -7.00 32.92 -13.45
N ASN H 278 -5.74 33.24 -13.71
CA ASN H 278 -5.00 32.57 -14.80
C ASN H 278 -4.80 31.09 -14.54
N PRO H 279 -4.77 30.29 -15.63
CA PRO H 279 -4.81 28.84 -15.45
C PRO H 279 -3.60 28.23 -14.71
N ILE H 280 -2.46 28.91 -14.73
CA ILE H 280 -1.24 28.32 -14.16
C ILE H 280 -1.23 28.43 -12.62
N VAL H 281 -1.77 29.51 -12.08
CA VAL H 281 -1.99 29.62 -10.63
C VAL H 281 -3.05 28.61 -10.21
N MET H 282 -4.10 28.53 -11.01
CA MET H 282 -5.23 27.63 -10.76
C MET H 282 -4.79 26.17 -10.87
N ASN H 283 -3.86 25.90 -11.77
CA ASN H 283 -3.28 24.56 -11.92
C ASN H 283 -2.48 24.19 -10.66
N GLY H 284 -1.84 25.19 -10.07
CA GLY H 284 -1.21 25.04 -8.76
C GLY H 284 -2.21 24.61 -7.71
N ILE H 285 -3.37 25.28 -7.66
CA ILE H 285 -4.42 24.94 -6.69
C ILE H 285 -4.92 23.52 -6.92
N SER H 286 -5.20 23.20 -8.17
CA SER H 286 -5.69 21.87 -8.54
C SER H 286 -4.53 20.87 -8.52
MN MN I . -0.15 -29.94 -24.59
MN MN J . 2.00 -26.48 -27.00
MN MN K . -1.30 16.11 30.04
MN MN L . 1.48 18.67 30.45
MN MN M . -34.89 -4.05 6.84
MN MN N . -36.54 -7.07 5.16
MN MN O . -20.65 -23.50 13.36
MN MN P . -21.25 -21.51 16.86
MN MN Q . 36.23 17.49 -12.02
MN MN R . 37.58 13.56 -12.64
MN MN S . 42.67 19.21 11.53
MN MN T . 46.03 17.70 10.05
MN MN U . -23.20 -25.69 -32.22
MN MN V . -20.58 -26.15 -36.75
MN MN W . -1.79 29.77 9.38
MN MN X . -5.58 29.63 10.44
#